data_1G2S
# 
_entry.id   1G2S 
# 
_audit_conform.dict_name       mmcif_pdbx.dic 
_audit_conform.dict_version    5.397 
_audit_conform.dict_location   http://mmcif.pdb.org/dictionaries/ascii/mmcif_pdbx.dic 
# 
loop_
_database_2.database_id 
_database_2.database_code 
_database_2.pdbx_database_accession 
_database_2.pdbx_DOI 
PDB   1G2S         pdb_00001g2s 10.2210/pdb1g2s/pdb 
RCSB  RCSB012162   ?            ?                   
WWPDB D_1000012162 ?            ?                   
# 
loop_
_pdbx_audit_revision_history.ordinal 
_pdbx_audit_revision_history.data_content_type 
_pdbx_audit_revision_history.major_revision 
_pdbx_audit_revision_history.minor_revision 
_pdbx_audit_revision_history.revision_date 
1 'Structure model' 1 0 2002-03-13 
2 'Structure model' 1 1 2008-04-27 
3 'Structure model' 1 2 2011-07-13 
4 'Structure model' 1 3 2022-02-23 
5 'Structure model' 1 4 2024-10-30 
# 
_pdbx_audit_revision_details.ordinal             1 
_pdbx_audit_revision_details.revision_ordinal    1 
_pdbx_audit_revision_details.data_content_type   'Structure model' 
_pdbx_audit_revision_details.provider            repository 
_pdbx_audit_revision_details.type                'Initial release' 
_pdbx_audit_revision_details.description         ? 
_pdbx_audit_revision_details.details             ? 
# 
loop_
_pdbx_audit_revision_group.ordinal 
_pdbx_audit_revision_group.revision_ordinal 
_pdbx_audit_revision_group.data_content_type 
_pdbx_audit_revision_group.group 
1 2 'Structure model' 'Version format compliance' 
2 3 'Structure model' 'Version format compliance' 
3 4 'Structure model' 'Data collection'           
4 4 'Structure model' 'Database references'       
5 4 'Structure model' 'Derived calculations'      
6 5 'Structure model' 'Data collection'           
7 5 'Structure model' 'Structure summary'         
# 
loop_
_pdbx_audit_revision_category.ordinal 
_pdbx_audit_revision_category.revision_ordinal 
_pdbx_audit_revision_category.data_content_type 
_pdbx_audit_revision_category.category 
1 4 'Structure model' database_2                
2 4 'Structure model' pdbx_nmr_software         
3 4 'Structure model' pdbx_struct_assembly      
4 4 'Structure model' pdbx_struct_oper_list     
5 5 'Structure model' chem_comp_atom            
6 5 'Structure model' chem_comp_bond            
7 5 'Structure model' pdbx_entry_details        
8 5 'Structure model' pdbx_modification_feature 
# 
loop_
_pdbx_audit_revision_item.ordinal 
_pdbx_audit_revision_item.revision_ordinal 
_pdbx_audit_revision_item.data_content_type 
_pdbx_audit_revision_item.item 
1 4 'Structure model' '_database_2.pdbx_DOI'                
2 4 'Structure model' '_database_2.pdbx_database_accession' 
3 4 'Structure model' '_pdbx_nmr_software.name'             
# 
_pdbx_database_status.status_code                     REL 
_pdbx_database_status.entry_id                        1G2S 
_pdbx_database_status.recvd_initial_deposition_date   2000-10-20 
_pdbx_database_status.deposit_site                    RCSB 
_pdbx_database_status.process_site                    RCSB 
_pdbx_database_status.status_code_mr                  REL 
_pdbx_database_status.SG_entry                        . 
_pdbx_database_status.pdb_format_compatible           Y 
_pdbx_database_status.status_code_sf                  ? 
_pdbx_database_status.status_code_cs                  ? 
_pdbx_database_status.status_code_nmr_data            ? 
_pdbx_database_status.methods_development_category    ? 
# 
_pdbx_database_related.db_name        PDB 
_pdbx_database_related.db_id          1G2T 
_pdbx_database_related.details        'Solution Structure of Eotaxin-3, Ensemble of 20 structures' 
_pdbx_database_related.content_type   unspecified 
# 
loop_
_audit_author.name 
_audit_author.pdbx_ordinal 
'Ye, J.'      1 
'Mayer, K.L.' 2 
'Mayer, M.R.' 3 
'Stone, M.J.' 4 
# 
_citation.id                        primary 
_citation.title                     'NMR solution structure and backbone dynamics of the CC chemokine eotaxin-3.' 
_citation.journal_abbrev            Biochemistry 
_citation.journal_volume            40 
_citation.page_first                7820 
_citation.page_last                 7831 
_citation.year                      2001 
_citation.journal_id_ASTM           BICHAW 
_citation.country                   US 
_citation.journal_id_ISSN           0006-2960 
_citation.journal_id_CSD            0033 
_citation.book_publisher            ? 
_citation.pdbx_database_id_PubMed   11425309 
_citation.pdbx_database_id_DOI      10.1021/bi010252s 
# 
loop_
_citation_author.citation_id 
_citation_author.name 
_citation_author.ordinal 
_citation_author.identifier_ORCID 
primary 'Ye, J.'      1 ? 
primary 'Mayer, K.L.' 2 ? 
primary 'Mayer, M.R.' 3 ? 
primary 'Stone, M.J.' 4 ? 
# 
_entity.id                         1 
_entity.type                       polymer 
_entity.src_method                 man 
_entity.pdbx_description           EOTAXIN-3 
_entity.formula_weight             8412.857 
_entity.pdbx_number_of_molecules   1 
_entity.pdbx_ec                    ? 
_entity.pdbx_mutation              ? 
_entity.pdbx_fragment              ? 
_entity.details                    ? 
# 
_entity_name_com.entity_id   1 
_entity_name_com.name        'SMALL INDUCIBLE CYTOKINE A26, MACROPHAGE INFLAMMATORY PROTEIN 4-ALPHA' 
# 
_entity_poly.entity_id                      1 
_entity_poly.type                           'polypeptide(L)' 
_entity_poly.nstd_linkage                   no 
_entity_poly.nstd_monomer                   no 
_entity_poly.pdbx_seq_one_letter_code       TRGSDISKTCCFQYSHKPLPWTWVRSYEFTSNSCSQRAVIFTTKRGKKVCTHPRKKWVQKYISLLKTPKQL 
_entity_poly.pdbx_seq_one_letter_code_can   TRGSDISKTCCFQYSHKPLPWTWVRSYEFTSNSCSQRAVIFTTKRGKKVCTHPRKKWVQKYISLLKTPKQL 
_entity_poly.pdbx_strand_id                 A 
_entity_poly.pdbx_target_identifier         ? 
# 
loop_
_entity_poly_seq.entity_id 
_entity_poly_seq.num 
_entity_poly_seq.mon_id 
_entity_poly_seq.hetero 
1 1  THR n 
1 2  ARG n 
1 3  GLY n 
1 4  SER n 
1 5  ASP n 
1 6  ILE n 
1 7  SER n 
1 8  LYS n 
1 9  THR n 
1 10 CYS n 
1 11 CYS n 
1 12 PHE n 
1 13 GLN n 
1 14 TYR n 
1 15 SER n 
1 16 HIS n 
1 17 LYS n 
1 18 PRO n 
1 19 LEU n 
1 20 PRO n 
1 21 TRP n 
1 22 THR n 
1 23 TRP n 
1 24 VAL n 
1 25 ARG n 
1 26 SER n 
1 27 TYR n 
1 28 GLU n 
1 29 PHE n 
1 30 THR n 
1 31 SER n 
1 32 ASN n 
1 33 SER n 
1 34 CYS n 
1 35 SER n 
1 36 GLN n 
1 37 ARG n 
1 38 ALA n 
1 39 VAL n 
1 40 ILE n 
1 41 PHE n 
1 42 THR n 
1 43 THR n 
1 44 LYS n 
1 45 ARG n 
1 46 GLY n 
1 47 LYS n 
1 48 LYS n 
1 49 VAL n 
1 50 CYS n 
1 51 THR n 
1 52 HIS n 
1 53 PRO n 
1 54 ARG n 
1 55 LYS n 
1 56 LYS n 
1 57 TRP n 
1 58 VAL n 
1 59 GLN n 
1 60 LYS n 
1 61 TYR n 
1 62 ILE n 
1 63 SER n 
1 64 LEU n 
1 65 LEU n 
1 66 LYS n 
1 67 THR n 
1 68 PRO n 
1 69 LYS n 
1 70 GLN n 
1 71 LEU n 
# 
_entity_src_gen.entity_id                          1 
_entity_src_gen.pdbx_src_id                        1 
_entity_src_gen.pdbx_alt_source_flag               sample 
_entity_src_gen.pdbx_seq_type                      ? 
_entity_src_gen.pdbx_beg_seq_num                   ? 
_entity_src_gen.pdbx_end_seq_num                   ? 
_entity_src_gen.gene_src_common_name               human 
_entity_src_gen.gene_src_genus                     Homo 
_entity_src_gen.pdbx_gene_src_gene                 EOTAXIN-3 
_entity_src_gen.gene_src_species                   ? 
_entity_src_gen.gene_src_strain                    ? 
_entity_src_gen.gene_src_tissue                    ? 
_entity_src_gen.gene_src_tissue_fraction           ? 
_entity_src_gen.gene_src_details                   ? 
_entity_src_gen.pdbx_gene_src_fragment             ? 
_entity_src_gen.pdbx_gene_src_scientific_name      'Homo sapiens' 
_entity_src_gen.pdbx_gene_src_ncbi_taxonomy_id     9606 
_entity_src_gen.pdbx_gene_src_variant              ? 
_entity_src_gen.pdbx_gene_src_cell_line            ? 
_entity_src_gen.pdbx_gene_src_atcc                 ? 
_entity_src_gen.pdbx_gene_src_organ                LUNG 
_entity_src_gen.pdbx_gene_src_organelle            ? 
_entity_src_gen.pdbx_gene_src_cell                 ? 
_entity_src_gen.pdbx_gene_src_cellular_location    ? 
_entity_src_gen.host_org_common_name               ? 
_entity_src_gen.pdbx_host_org_scientific_name      'Escherichia coli BL21(DE3)' 
_entity_src_gen.pdbx_host_org_ncbi_taxonomy_id     469008 
_entity_src_gen.host_org_genus                     Escherichia 
_entity_src_gen.pdbx_host_org_gene                 ? 
_entity_src_gen.pdbx_host_org_organ                ? 
_entity_src_gen.host_org_species                   'Escherichia coli' 
_entity_src_gen.pdbx_host_org_tissue               ? 
_entity_src_gen.pdbx_host_org_tissue_fraction      ? 
_entity_src_gen.pdbx_host_org_strain               'BL21(DE3)' 
_entity_src_gen.pdbx_host_org_variant              ? 
_entity_src_gen.pdbx_host_org_cell_line            ? 
_entity_src_gen.pdbx_host_org_atcc                 ? 
_entity_src_gen.pdbx_host_org_culture_collection   ? 
_entity_src_gen.pdbx_host_org_cell                 ? 
_entity_src_gen.pdbx_host_org_organelle            ? 
_entity_src_gen.pdbx_host_org_cellular_location    ? 
_entity_src_gen.pdbx_host_org_vector_type          PLASMID 
_entity_src_gen.pdbx_host_org_vector               ? 
_entity_src_gen.host_org_details                   ? 
_entity_src_gen.expression_system_id               ? 
_entity_src_gen.plasmid_name                       PET28A+ 
_entity_src_gen.plasmid_details                    ? 
_entity_src_gen.pdbx_description                   ? 
# 
loop_
_chem_comp.id 
_chem_comp.type 
_chem_comp.mon_nstd_flag 
_chem_comp.name 
_chem_comp.pdbx_synonyms 
_chem_comp.formula 
_chem_comp.formula_weight 
ALA 'L-peptide linking' y ALANINE         ? 'C3 H7 N O2'     89.093  
ARG 'L-peptide linking' y ARGININE        ? 'C6 H15 N4 O2 1' 175.209 
ASN 'L-peptide linking' y ASPARAGINE      ? 'C4 H8 N2 O3'    132.118 
ASP 'L-peptide linking' y 'ASPARTIC ACID' ? 'C4 H7 N O4'     133.103 
CYS 'L-peptide linking' y CYSTEINE        ? 'C3 H7 N O2 S'   121.158 
GLN 'L-peptide linking' y GLUTAMINE       ? 'C5 H10 N2 O3'   146.144 
GLU 'L-peptide linking' y 'GLUTAMIC ACID' ? 'C5 H9 N O4'     147.129 
GLY 'peptide linking'   y GLYCINE         ? 'C2 H5 N O2'     75.067  
HIS 'L-peptide linking' y HISTIDINE       ? 'C6 H10 N3 O2 1' 156.162 
ILE 'L-peptide linking' y ISOLEUCINE      ? 'C6 H13 N O2'    131.173 
LEU 'L-peptide linking' y LEUCINE         ? 'C6 H13 N O2'    131.173 
LYS 'L-peptide linking' y LYSINE          ? 'C6 H15 N2 O2 1' 147.195 
PHE 'L-peptide linking' y PHENYLALANINE   ? 'C9 H11 N O2'    165.189 
PRO 'L-peptide linking' y PROLINE         ? 'C5 H9 N O2'     115.130 
SER 'L-peptide linking' y SERINE          ? 'C3 H7 N O3'     105.093 
THR 'L-peptide linking' y THREONINE       ? 'C4 H9 N O3'     119.119 
TRP 'L-peptide linking' y TRYPTOPHAN      ? 'C11 H12 N2 O2'  204.225 
TYR 'L-peptide linking' y TYROSINE        ? 'C9 H11 N O3'    181.189 
VAL 'L-peptide linking' y VALINE          ? 'C5 H11 N O2'    117.146 
# 
loop_
_pdbx_poly_seq_scheme.asym_id 
_pdbx_poly_seq_scheme.entity_id 
_pdbx_poly_seq_scheme.seq_id 
_pdbx_poly_seq_scheme.mon_id 
_pdbx_poly_seq_scheme.ndb_seq_num 
_pdbx_poly_seq_scheme.pdb_seq_num 
_pdbx_poly_seq_scheme.auth_seq_num 
_pdbx_poly_seq_scheme.pdb_mon_id 
_pdbx_poly_seq_scheme.auth_mon_id 
_pdbx_poly_seq_scheme.pdb_strand_id 
_pdbx_poly_seq_scheme.pdb_ins_code 
_pdbx_poly_seq_scheme.hetero 
A 1 1  THR 1  1  1  THR THR A . n 
A 1 2  ARG 2  2  2  ARG ARG A . n 
A 1 3  GLY 3  3  3  GLY GLY A . n 
A 1 4  SER 4  4  4  SER SER A . n 
A 1 5  ASP 5  5  5  ASP ASP A . n 
A 1 6  ILE 6  6  6  ILE ILE A . n 
A 1 7  SER 7  7  7  SER SER A . n 
A 1 8  LYS 8  8  8  LYS LYS A . n 
A 1 9  THR 9  9  9  THR THR A . n 
A 1 10 CYS 10 10 10 CYS CYS A . n 
A 1 11 CYS 11 11 11 CYS CYS A . n 
A 1 12 PHE 12 12 12 PHE PHE A . n 
A 1 13 GLN 13 13 13 GLN GLN A . n 
A 1 14 TYR 14 14 14 TYR TYR A . n 
A 1 15 SER 15 15 15 SER SER A . n 
A 1 16 HIS 16 16 16 HIS HIS A . n 
A 1 17 LYS 17 17 17 LYS LYS A . n 
A 1 18 PRO 18 18 18 PRO PRO A . n 
A 1 19 LEU 19 19 19 LEU LEU A . n 
A 1 20 PRO 20 20 20 PRO PRO A . n 
A 1 21 TRP 21 21 21 TRP TRP A . n 
A 1 22 THR 22 22 22 THR THR A . n 
A 1 23 TRP 23 23 23 TRP TRP A . n 
A 1 24 VAL 24 24 24 VAL VAL A . n 
A 1 25 ARG 25 25 25 ARG ARG A . n 
A 1 26 SER 26 26 26 SER SER A . n 
A 1 27 TYR 27 27 27 TYR TYR A . n 
A 1 28 GLU 28 28 28 GLU GLU A . n 
A 1 29 PHE 29 29 29 PHE PHE A . n 
A 1 30 THR 30 30 30 THR THR A . n 
A 1 31 SER 31 31 31 SER SER A . n 
A 1 32 ASN 32 32 32 ASN ASN A . n 
A 1 33 SER 33 33 33 SER SER A . n 
A 1 34 CYS 34 34 34 CYS CYS A . n 
A 1 35 SER 35 35 35 SER SER A . n 
A 1 36 GLN 36 36 36 GLN GLN A . n 
A 1 37 ARG 37 37 37 ARG ARG A . n 
A 1 38 ALA 38 38 38 ALA ALA A . n 
A 1 39 VAL 39 39 39 VAL VAL A . n 
A 1 40 ILE 40 40 40 ILE ILE A . n 
A 1 41 PHE 41 41 41 PHE PHE A . n 
A 1 42 THR 42 42 42 THR THR A . n 
A 1 43 THR 43 43 43 THR THR A . n 
A 1 44 LYS 44 44 44 LYS LYS A . n 
A 1 45 ARG 45 45 45 ARG ARG A . n 
A 1 46 GLY 46 46 46 GLY GLY A . n 
A 1 47 LYS 47 47 47 LYS LYS A . n 
A 1 48 LYS 48 48 48 LYS LYS A . n 
A 1 49 VAL 49 49 49 VAL VAL A . n 
A 1 50 CYS 50 50 50 CYS CYS A . n 
A 1 51 THR 51 51 51 THR THR A . n 
A 1 52 HIS 52 52 52 HIS HIS A . n 
A 1 53 PRO 53 53 53 PRO PRO A . n 
A 1 54 ARG 54 54 54 ARG ARG A . n 
A 1 55 LYS 55 55 55 LYS LYS A . n 
A 1 56 LYS 56 56 56 LYS LYS A . n 
A 1 57 TRP 57 57 57 TRP TRP A . n 
A 1 58 VAL 58 58 58 VAL VAL A . n 
A 1 59 GLN 59 59 59 GLN GLN A . n 
A 1 60 LYS 60 60 60 LYS LYS A . n 
A 1 61 TYR 61 61 61 TYR TYR A . n 
A 1 62 ILE 62 62 62 ILE ILE A . n 
A 1 63 SER 63 63 63 SER SER A . n 
A 1 64 LEU 64 64 64 LEU LEU A . n 
A 1 65 LEU 65 65 65 LEU LEU A . n 
A 1 66 LYS 66 66 66 LYS LYS A . n 
A 1 67 THR 67 67 67 THR THR A . n 
A 1 68 PRO 68 68 68 PRO PRO A . n 
A 1 69 LYS 69 69 69 LYS LYS A . n 
A 1 70 GLN 70 70 70 GLN GLN A . n 
A 1 71 LEU 71 71 71 LEU LEU A . n 
# 
_exptl.entry_id          1G2S 
_exptl.method            'SOLUTION NMR' 
_exptl.crystals_number   ? 
# 
_exptl_crystal.id                    1 
_exptl_crystal.density_meas          ? 
_exptl_crystal.density_Matthews      ? 
_exptl_crystal.density_percent_sol   ? 
_exptl_crystal.description           ? 
# 
_diffrn.id                     1 
_diffrn.ambient_temp           ? 
_diffrn.ambient_temp_details   ? 
_diffrn.crystal_id             1 
# 
_diffrn_radiation.diffrn_id                        1 
_diffrn_radiation.wavelength_id                    1 
_diffrn_radiation.pdbx_monochromatic_or_laue_m_l   M 
_diffrn_radiation.monochromator                    ? 
_diffrn_radiation.pdbx_diffrn_protocol             'SINGLE WAVELENGTH' 
_diffrn_radiation.pdbx_scattering_type             ? 
# 
_diffrn_radiation_wavelength.id           1 
_diffrn_radiation_wavelength.wavelength   . 
_diffrn_radiation_wavelength.wt           1.0 
# 
_struct.entry_id                  1G2S 
_struct.title                     'SOLUTION STRUCTURE OF EOTAXIN-3' 
_struct.pdbx_model_details        ? 
_struct.pdbx_CASP_flag            ? 
_struct.pdbx_model_type_details   'minimized average' 
# 
_struct_keywords.entry_id        1G2S 
_struct_keywords.pdbx_keywords   CYTOKINE 
_struct_keywords.text            'beta-beta-beta-alpha helix, CYTOKINE' 
# 
_struct_asym.id                            A 
_struct_asym.pdbx_blank_PDB_chainid_flag   N 
_struct_asym.pdbx_modified                 N 
_struct_asym.entity_id                     1 
_struct_asym.details                       ? 
# 
_struct_ref.id                         1 
_struct_ref.db_name                    UNP 
_struct_ref.db_code                    CCL26_HUMAN 
_struct_ref.entity_id                  1 
_struct_ref.pdbx_seq_one_letter_code   
;MMGLSLASAVLLASLLSLHLGTATRGSDISKTCCFQYSHKPLPWTWVRSYEFTSNSCSQRAVIFTTKRGKKVCTHPRKKW
VQKYISLLKTPKQL
;
_struct_ref.pdbx_align_begin           1 
_struct_ref.pdbx_db_accession          Q9Y258 
_struct_ref.pdbx_db_isoform            ? 
# 
_struct_ref_seq.align_id                      1 
_struct_ref_seq.ref_id                        1 
_struct_ref_seq.pdbx_PDB_id_code              1G2S 
_struct_ref_seq.pdbx_strand_id                A 
_struct_ref_seq.seq_align_beg                 1 
_struct_ref_seq.pdbx_seq_align_beg_ins_code   ? 
_struct_ref_seq.seq_align_end                 71 
_struct_ref_seq.pdbx_seq_align_end_ins_code   ? 
_struct_ref_seq.pdbx_db_accession             Q9Y258 
_struct_ref_seq.db_align_beg                  24 
_struct_ref_seq.pdbx_db_align_beg_ins_code    ? 
_struct_ref_seq.db_align_end                  94 
_struct_ref_seq.pdbx_db_align_end_ins_code    ? 
_struct_ref_seq.pdbx_auth_seq_align_beg       1 
_struct_ref_seq.pdbx_auth_seq_align_end       71 
# 
_pdbx_struct_assembly.id                   1 
_pdbx_struct_assembly.details              author_defined_assembly 
_pdbx_struct_assembly.method_details       ? 
_pdbx_struct_assembly.oligomeric_details   monomeric 
_pdbx_struct_assembly.oligomeric_count     1 
# 
_pdbx_struct_assembly_gen.assembly_id       1 
_pdbx_struct_assembly_gen.oper_expression   1 
_pdbx_struct_assembly_gen.asym_id_list      A 
# 
_pdbx_struct_oper_list.id                   1 
_pdbx_struct_oper_list.type                 'identity operation' 
_pdbx_struct_oper_list.name                 1_555 
_pdbx_struct_oper_list.symmetry_operation   x,y,z 
_pdbx_struct_oper_list.matrix[1][1]         1.0000000000 
_pdbx_struct_oper_list.matrix[1][2]         0.0000000000 
_pdbx_struct_oper_list.matrix[1][3]         0.0000000000 
_pdbx_struct_oper_list.vector[1]            0.0000000000 
_pdbx_struct_oper_list.matrix[2][1]         0.0000000000 
_pdbx_struct_oper_list.matrix[2][2]         1.0000000000 
_pdbx_struct_oper_list.matrix[2][3]         0.0000000000 
_pdbx_struct_oper_list.vector[2]            0.0000000000 
_pdbx_struct_oper_list.matrix[3][1]         0.0000000000 
_pdbx_struct_oper_list.matrix[3][2]         0.0000000000 
_pdbx_struct_oper_list.matrix[3][3]         1.0000000000 
_pdbx_struct_oper_list.vector[3]            0.0000000000 
# 
_struct_biol.id                    1 
_struct_biol.pdbx_parent_biol_id   ? 
_struct_biol.details               ? 
# 
loop_
_struct_conf.conf_type_id 
_struct_conf.id 
_struct_conf.pdbx_PDB_helix_id 
_struct_conf.beg_label_comp_id 
_struct_conf.beg_label_asym_id 
_struct_conf.beg_label_seq_id 
_struct_conf.pdbx_beg_PDB_ins_code 
_struct_conf.end_label_comp_id 
_struct_conf.end_label_asym_id 
_struct_conf.end_label_seq_id 
_struct_conf.pdbx_end_PDB_ins_code 
_struct_conf.beg_auth_comp_id 
_struct_conf.beg_auth_asym_id 
_struct_conf.beg_auth_seq_id 
_struct_conf.end_auth_comp_id 
_struct_conf.end_auth_asym_id 
_struct_conf.end_auth_seq_id 
_struct_conf.pdbx_PDB_helix_class 
_struct_conf.details 
_struct_conf.pdbx_PDB_helix_length 
HELX_P HELX_P1 1 PRO A 20 ? THR A 22 ? PRO A 20 THR A 22 5 ? 3  
HELX_P HELX_P2 2 LYS A 55 ? LYS A 66 ? LYS A 55 LYS A 66 1 ? 12 
# 
_struct_conf_type.id          HELX_P 
_struct_conf_type.criteria    ? 
_struct_conf_type.reference   ? 
# 
loop_
_struct_conn.id 
_struct_conn.conn_type_id 
_struct_conn.pdbx_leaving_atom_flag 
_struct_conn.pdbx_PDB_id 
_struct_conn.ptnr1_label_asym_id 
_struct_conn.ptnr1_label_comp_id 
_struct_conn.ptnr1_label_seq_id 
_struct_conn.ptnr1_label_atom_id 
_struct_conn.pdbx_ptnr1_label_alt_id 
_struct_conn.pdbx_ptnr1_PDB_ins_code 
_struct_conn.pdbx_ptnr1_standard_comp_id 
_struct_conn.ptnr1_symmetry 
_struct_conn.ptnr2_label_asym_id 
_struct_conn.ptnr2_label_comp_id 
_struct_conn.ptnr2_label_seq_id 
_struct_conn.ptnr2_label_atom_id 
_struct_conn.pdbx_ptnr2_label_alt_id 
_struct_conn.pdbx_ptnr2_PDB_ins_code 
_struct_conn.ptnr1_auth_asym_id 
_struct_conn.ptnr1_auth_comp_id 
_struct_conn.ptnr1_auth_seq_id 
_struct_conn.ptnr2_auth_asym_id 
_struct_conn.ptnr2_auth_comp_id 
_struct_conn.ptnr2_auth_seq_id 
_struct_conn.ptnr2_symmetry 
_struct_conn.pdbx_ptnr3_label_atom_id 
_struct_conn.pdbx_ptnr3_label_seq_id 
_struct_conn.pdbx_ptnr3_label_comp_id 
_struct_conn.pdbx_ptnr3_label_asym_id 
_struct_conn.pdbx_ptnr3_label_alt_id 
_struct_conn.pdbx_ptnr3_PDB_ins_code 
_struct_conn.details 
_struct_conn.pdbx_dist_value 
_struct_conn.pdbx_value_order 
_struct_conn.pdbx_role 
disulf1 disulf ? ? A CYS 10 SG ? ? ? 1_555 A CYS 34 SG ? ? A CYS 10 A CYS 34 1_555 ? ? ? ? ? ? ? 2.021 ? ? 
disulf2 disulf ? ? A CYS 11 SG ? ? ? 1_555 A CYS 50 SG ? ? A CYS 11 A CYS 50 1_555 ? ? ? ? ? ? ? 2.021 ? ? 
# 
_struct_conn_type.id          disulf 
_struct_conn_type.criteria    ? 
_struct_conn_type.reference   ? 
# 
loop_
_pdbx_modification_feature.ordinal 
_pdbx_modification_feature.label_comp_id 
_pdbx_modification_feature.label_asym_id 
_pdbx_modification_feature.label_seq_id 
_pdbx_modification_feature.label_alt_id 
_pdbx_modification_feature.modified_residue_label_comp_id 
_pdbx_modification_feature.modified_residue_label_asym_id 
_pdbx_modification_feature.modified_residue_label_seq_id 
_pdbx_modification_feature.modified_residue_label_alt_id 
_pdbx_modification_feature.auth_comp_id 
_pdbx_modification_feature.auth_asym_id 
_pdbx_modification_feature.auth_seq_id 
_pdbx_modification_feature.PDB_ins_code 
_pdbx_modification_feature.symmetry 
_pdbx_modification_feature.modified_residue_auth_comp_id 
_pdbx_modification_feature.modified_residue_auth_asym_id 
_pdbx_modification_feature.modified_residue_auth_seq_id 
_pdbx_modification_feature.modified_residue_PDB_ins_code 
_pdbx_modification_feature.modified_residue_symmetry 
_pdbx_modification_feature.comp_id_linking_atom 
_pdbx_modification_feature.modified_residue_id_linking_atom 
_pdbx_modification_feature.modified_residue_id 
_pdbx_modification_feature.ref_pcm_id 
_pdbx_modification_feature.ref_comp_id 
_pdbx_modification_feature.type 
_pdbx_modification_feature.category 
1 CYS A 10 ? CYS A 34 ? CYS A 10 ? 1_555 CYS A 34 ? 1_555 SG SG . . . None 'Disulfide bridge' 
2 CYS A 11 ? CYS A 50 ? CYS A 11 ? 1_555 CYS A 50 ? 1_555 SG SG . . . None 'Disulfide bridge' 
# 
_struct_sheet.id               A 
_struct_sheet.type             ? 
_struct_sheet.number_strands   3 
_struct_sheet.details          ? 
# 
loop_
_struct_sheet_order.sheet_id 
_struct_sheet_order.range_id_1 
_struct_sheet_order.range_id_2 
_struct_sheet_order.offset 
_struct_sheet_order.sense 
A 1 2 ? anti-parallel 
A 2 3 ? anti-parallel 
# 
loop_
_struct_sheet_range.sheet_id 
_struct_sheet_range.id 
_struct_sheet_range.beg_label_comp_id 
_struct_sheet_range.beg_label_asym_id 
_struct_sheet_range.beg_label_seq_id 
_struct_sheet_range.pdbx_beg_PDB_ins_code 
_struct_sheet_range.end_label_comp_id 
_struct_sheet_range.end_label_asym_id 
_struct_sheet_range.end_label_seq_id 
_struct_sheet_range.pdbx_end_PDB_ins_code 
_struct_sheet_range.beg_auth_comp_id 
_struct_sheet_range.beg_auth_asym_id 
_struct_sheet_range.beg_auth_seq_id 
_struct_sheet_range.end_auth_comp_id 
_struct_sheet_range.end_auth_asym_id 
_struct_sheet_range.end_auth_seq_id 
A 1 VAL A 24 ? PHE A 29 ? VAL A 24 PHE A 29 
A 2 VAL A 39 ? THR A 43 ? VAL A 39 THR A 43 
A 3 LYS A 48 ? THR A 51 ? LYS A 48 THR A 51 
# 
loop_
_pdbx_struct_sheet_hbond.sheet_id 
_pdbx_struct_sheet_hbond.range_id_1 
_pdbx_struct_sheet_hbond.range_id_2 
_pdbx_struct_sheet_hbond.range_1_label_atom_id 
_pdbx_struct_sheet_hbond.range_1_label_comp_id 
_pdbx_struct_sheet_hbond.range_1_label_asym_id 
_pdbx_struct_sheet_hbond.range_1_label_seq_id 
_pdbx_struct_sheet_hbond.range_1_PDB_ins_code 
_pdbx_struct_sheet_hbond.range_1_auth_atom_id 
_pdbx_struct_sheet_hbond.range_1_auth_comp_id 
_pdbx_struct_sheet_hbond.range_1_auth_asym_id 
_pdbx_struct_sheet_hbond.range_1_auth_seq_id 
_pdbx_struct_sheet_hbond.range_2_label_atom_id 
_pdbx_struct_sheet_hbond.range_2_label_comp_id 
_pdbx_struct_sheet_hbond.range_2_label_asym_id 
_pdbx_struct_sheet_hbond.range_2_label_seq_id 
_pdbx_struct_sheet_hbond.range_2_PDB_ins_code 
_pdbx_struct_sheet_hbond.range_2_auth_atom_id 
_pdbx_struct_sheet_hbond.range_2_auth_comp_id 
_pdbx_struct_sheet_hbond.range_2_auth_asym_id 
_pdbx_struct_sheet_hbond.range_2_auth_seq_id 
A 1 2 N GLU A 28 ? N GLU A 28 O ILE A 40 ? O ILE A 40 
A 2 3 N PHE A 41 ? N PHE A 41 O VAL A 49 ? O VAL A 49 
# 
_pdbx_entry_details.entry_id                   1G2S 
_pdbx_entry_details.compound_details           ? 
_pdbx_entry_details.source_details             ? 
_pdbx_entry_details.nonpolymer_details         ? 
_pdbx_entry_details.sequence_details           ? 
_pdbx_entry_details.has_ligand_of_interest     ? 
_pdbx_entry_details.has_protein_modification   Y 
# 
loop_
_pdbx_validate_torsion.id 
_pdbx_validate_torsion.PDB_model_num 
_pdbx_validate_torsion.auth_comp_id 
_pdbx_validate_torsion.auth_asym_id 
_pdbx_validate_torsion.auth_seq_id 
_pdbx_validate_torsion.PDB_ins_code 
_pdbx_validate_torsion.label_alt_id 
_pdbx_validate_torsion.phi 
_pdbx_validate_torsion.psi 
1 1 ILE A 6  ? ? -93.14  39.42   
2 1 SER A 7  ? ? -95.84  41.24   
3 1 PHE A 12 ? ? -160.11 -64.05  
4 1 HIS A 16 ? ? -114.77 74.83   
5 1 ARG A 25 ? ? -124.40 -61.33  
6 1 SER A 26 ? ? -153.54 -153.46 
7 1 GLU A 28 ? ? -177.38 137.86  
8 1 LYS A 66 ? ? -174.39 141.84  
9 1 LYS A 69 ? ? -115.89 52.90   
# 
loop_
_pdbx_validate_planes.id 
_pdbx_validate_planes.PDB_model_num 
_pdbx_validate_planes.auth_comp_id 
_pdbx_validate_planes.auth_asym_id 
_pdbx_validate_planes.auth_seq_id 
_pdbx_validate_planes.PDB_ins_code 
_pdbx_validate_planes.label_alt_id 
_pdbx_validate_planes.rmsd 
_pdbx_validate_planes.type 
1 1 ARG A 2  ? ? 0.292 'SIDE CHAIN' 
2 1 ARG A 25 ? ? 0.246 'SIDE CHAIN' 
3 1 ARG A 37 ? ? 0.316 'SIDE CHAIN' 
4 1 ARG A 45 ? ? 0.220 'SIDE CHAIN' 
5 1 ARG A 54 ? ? 0.272 'SIDE CHAIN' 
# 
_pdbx_nmr_ensemble.entry_id                             1G2S 
_pdbx_nmr_ensemble.conformers_calculated_total_number   ? 
_pdbx_nmr_ensemble.conformers_submitted_total_number    1 
_pdbx_nmr_ensemble.conformer_selection_criteria         ? 
# 
_pdbx_nmr_representative.entry_id             1G2S 
_pdbx_nmr_representative.conformer_id         ? 
_pdbx_nmr_representative.selection_criteria   'minimized average structure' 
# 
loop_
_pdbx_nmr_sample_details.solution_id 
_pdbx_nmr_sample_details.contents 
_pdbx_nmr_sample_details.solvent_system 
1 '2 mM eotaxin-3,U-15N, 20mM sodium acetate (deteurated), 90% H2O, 10% D2O'      '90% H2O/10% D2O' 
2 '2 mM eotaxin-3,U-15N, 13C, 20mM sodium acetate (deteurated), 90% H2O, 10% D2O' '90% H2O/10% D2O' 
3 '2 mM eotaxin-3,U-15N, 13C, 20mM sodium acetate (deteurated), 100% D2O'         '100% D2O'        
4 '0.5 mM eotaxin-3,10% 13C-labeled, 20mM sodium acetate (deteurated), 100% D2O'  '100% D2O'        
# 
_pdbx_nmr_exptl_sample_conditions.conditions_id       1 
_pdbx_nmr_exptl_sample_conditions.temperature         303 
_pdbx_nmr_exptl_sample_conditions.pressure            ambient 
_pdbx_nmr_exptl_sample_conditions.pH                  5 
_pdbx_nmr_exptl_sample_conditions.ionic_strength      '20 mM' 
_pdbx_nmr_exptl_sample_conditions.pressure_units      ? 
_pdbx_nmr_exptl_sample_conditions.temperature_units   K 
# 
loop_
_pdbx_nmr_exptl.experiment_id 
_pdbx_nmr_exptl.solution_id 
_pdbx_nmr_exptl.conditions_id 
_pdbx_nmr_exptl.type 
1 1 1 3D_15N-separated_NOESY                 
2 1 1 HNHA                                   
3 2 1 '15N, 13C simultaneously edited NOESY' 
4 3 1 3D_13C-separated_NOESY                 
5 4 1 '13C-edited HSQC'                      
# 
_pdbx_nmr_refine.entry_id           1G2S 
_pdbx_nmr_refine.method             'distance geometry-simulated annealing protocol implemented in XPLOR' 
_pdbx_nmr_refine.details            
;The structures are based on a total of 1250 restraints, 1157 are NOE-derived distance constraints, 69 dihedral angle restraints, 17 distance restraints from hydrogen bonds.
;
_pdbx_nmr_refine.software_ordinal   1 
# 
loop_
_pdbx_nmr_software.name 
_pdbx_nmr_software.version 
_pdbx_nmr_software.classification 
_pdbx_nmr_software.authors 
_pdbx_nmr_software.ordinal 
X-PLOR       XPLOR98.1      'structure solution' Brunger        1 
Felix        felix98        'data analysis'      'msi industry' 2 
VNMR         VNMR6.1        collection           Varian         3 
Procheck_nmr 'PROCHECK v.3' 'structure solution' Laskowski      4 
Procheck_nmr 'PROCHECK v.3' refinement           Laskowski      5 
# 
loop_
_chem_comp_atom.comp_id 
_chem_comp_atom.atom_id 
_chem_comp_atom.type_symbol 
_chem_comp_atom.pdbx_aromatic_flag 
_chem_comp_atom.pdbx_stereo_config 
_chem_comp_atom.pdbx_ordinal 
ALA N    N N N 1   
ALA CA   C N S 2   
ALA C    C N N 3   
ALA O    O N N 4   
ALA CB   C N N 5   
ALA OXT  O N N 6   
ALA H    H N N 7   
ALA H2   H N N 8   
ALA HA   H N N 9   
ALA HB1  H N N 10  
ALA HB2  H N N 11  
ALA HB3  H N N 12  
ALA HXT  H N N 13  
ARG N    N N N 14  
ARG CA   C N S 15  
ARG C    C N N 16  
ARG O    O N N 17  
ARG CB   C N N 18  
ARG CG   C N N 19  
ARG CD   C N N 20  
ARG NE   N N N 21  
ARG CZ   C N N 22  
ARG NH1  N N N 23  
ARG NH2  N N N 24  
ARG OXT  O N N 25  
ARG H    H N N 26  
ARG H2   H N N 27  
ARG HA   H N N 28  
ARG HB2  H N N 29  
ARG HB3  H N N 30  
ARG HG2  H N N 31  
ARG HG3  H N N 32  
ARG HD2  H N N 33  
ARG HD3  H N N 34  
ARG HE   H N N 35  
ARG HH11 H N N 36  
ARG HH12 H N N 37  
ARG HH21 H N N 38  
ARG HH22 H N N 39  
ARG HXT  H N N 40  
ASN N    N N N 41  
ASN CA   C N S 42  
ASN C    C N N 43  
ASN O    O N N 44  
ASN CB   C N N 45  
ASN CG   C N N 46  
ASN OD1  O N N 47  
ASN ND2  N N N 48  
ASN OXT  O N N 49  
ASN H    H N N 50  
ASN H2   H N N 51  
ASN HA   H N N 52  
ASN HB2  H N N 53  
ASN HB3  H N N 54  
ASN HD21 H N N 55  
ASN HD22 H N N 56  
ASN HXT  H N N 57  
ASP N    N N N 58  
ASP CA   C N S 59  
ASP C    C N N 60  
ASP O    O N N 61  
ASP CB   C N N 62  
ASP CG   C N N 63  
ASP OD1  O N N 64  
ASP OD2  O N N 65  
ASP OXT  O N N 66  
ASP H    H N N 67  
ASP H2   H N N 68  
ASP HA   H N N 69  
ASP HB2  H N N 70  
ASP HB3  H N N 71  
ASP HD2  H N N 72  
ASP HXT  H N N 73  
CYS N    N N N 74  
CYS CA   C N R 75  
CYS C    C N N 76  
CYS O    O N N 77  
CYS CB   C N N 78  
CYS SG   S N N 79  
CYS OXT  O N N 80  
CYS H    H N N 81  
CYS H2   H N N 82  
CYS HA   H N N 83  
CYS HB2  H N N 84  
CYS HB3  H N N 85  
CYS HG   H N N 86  
CYS HXT  H N N 87  
GLN N    N N N 88  
GLN CA   C N S 89  
GLN C    C N N 90  
GLN O    O N N 91  
GLN CB   C N N 92  
GLN CG   C N N 93  
GLN CD   C N N 94  
GLN OE1  O N N 95  
GLN NE2  N N N 96  
GLN OXT  O N N 97  
GLN H    H N N 98  
GLN H2   H N N 99  
GLN HA   H N N 100 
GLN HB2  H N N 101 
GLN HB3  H N N 102 
GLN HG2  H N N 103 
GLN HG3  H N N 104 
GLN HE21 H N N 105 
GLN HE22 H N N 106 
GLN HXT  H N N 107 
GLU N    N N N 108 
GLU CA   C N S 109 
GLU C    C N N 110 
GLU O    O N N 111 
GLU CB   C N N 112 
GLU CG   C N N 113 
GLU CD   C N N 114 
GLU OE1  O N N 115 
GLU OE2  O N N 116 
GLU OXT  O N N 117 
GLU H    H N N 118 
GLU H2   H N N 119 
GLU HA   H N N 120 
GLU HB2  H N N 121 
GLU HB3  H N N 122 
GLU HG2  H N N 123 
GLU HG3  H N N 124 
GLU HE2  H N N 125 
GLU HXT  H N N 126 
GLY N    N N N 127 
GLY CA   C N N 128 
GLY C    C N N 129 
GLY O    O N N 130 
GLY OXT  O N N 131 
GLY H    H N N 132 
GLY H2   H N N 133 
GLY HA2  H N N 134 
GLY HA3  H N N 135 
GLY HXT  H N N 136 
HIS N    N N N 137 
HIS CA   C N S 138 
HIS C    C N N 139 
HIS O    O N N 140 
HIS CB   C N N 141 
HIS CG   C Y N 142 
HIS ND1  N Y N 143 
HIS CD2  C Y N 144 
HIS CE1  C Y N 145 
HIS NE2  N Y N 146 
HIS OXT  O N N 147 
HIS H    H N N 148 
HIS H2   H N N 149 
HIS HA   H N N 150 
HIS HB2  H N N 151 
HIS HB3  H N N 152 
HIS HD1  H N N 153 
HIS HD2  H N N 154 
HIS HE1  H N N 155 
HIS HE2  H N N 156 
HIS HXT  H N N 157 
ILE N    N N N 158 
ILE CA   C N S 159 
ILE C    C N N 160 
ILE O    O N N 161 
ILE CB   C N S 162 
ILE CG1  C N N 163 
ILE CG2  C N N 164 
ILE CD1  C N N 165 
ILE OXT  O N N 166 
ILE H    H N N 167 
ILE H2   H N N 168 
ILE HA   H N N 169 
ILE HB   H N N 170 
ILE HG12 H N N 171 
ILE HG13 H N N 172 
ILE HG21 H N N 173 
ILE HG22 H N N 174 
ILE HG23 H N N 175 
ILE HD11 H N N 176 
ILE HD12 H N N 177 
ILE HD13 H N N 178 
ILE HXT  H N N 179 
LEU N    N N N 180 
LEU CA   C N S 181 
LEU C    C N N 182 
LEU O    O N N 183 
LEU CB   C N N 184 
LEU CG   C N N 185 
LEU CD1  C N N 186 
LEU CD2  C N N 187 
LEU OXT  O N N 188 
LEU H    H N N 189 
LEU H2   H N N 190 
LEU HA   H N N 191 
LEU HB2  H N N 192 
LEU HB3  H N N 193 
LEU HG   H N N 194 
LEU HD11 H N N 195 
LEU HD12 H N N 196 
LEU HD13 H N N 197 
LEU HD21 H N N 198 
LEU HD22 H N N 199 
LEU HD23 H N N 200 
LEU HXT  H N N 201 
LYS N    N N N 202 
LYS CA   C N S 203 
LYS C    C N N 204 
LYS O    O N N 205 
LYS CB   C N N 206 
LYS CG   C N N 207 
LYS CD   C N N 208 
LYS CE   C N N 209 
LYS NZ   N N N 210 
LYS OXT  O N N 211 
LYS H    H N N 212 
LYS H2   H N N 213 
LYS HA   H N N 214 
LYS HB2  H N N 215 
LYS HB3  H N N 216 
LYS HG2  H N N 217 
LYS HG3  H N N 218 
LYS HD2  H N N 219 
LYS HD3  H N N 220 
LYS HE2  H N N 221 
LYS HE3  H N N 222 
LYS HZ1  H N N 223 
LYS HZ2  H N N 224 
LYS HZ3  H N N 225 
LYS HXT  H N N 226 
PHE N    N N N 227 
PHE CA   C N S 228 
PHE C    C N N 229 
PHE O    O N N 230 
PHE CB   C N N 231 
PHE CG   C Y N 232 
PHE CD1  C Y N 233 
PHE CD2  C Y N 234 
PHE CE1  C Y N 235 
PHE CE2  C Y N 236 
PHE CZ   C Y N 237 
PHE OXT  O N N 238 
PHE H    H N N 239 
PHE H2   H N N 240 
PHE HA   H N N 241 
PHE HB2  H N N 242 
PHE HB3  H N N 243 
PHE HD1  H N N 244 
PHE HD2  H N N 245 
PHE HE1  H N N 246 
PHE HE2  H N N 247 
PHE HZ   H N N 248 
PHE HXT  H N N 249 
PRO N    N N N 250 
PRO CA   C N S 251 
PRO C    C N N 252 
PRO O    O N N 253 
PRO CB   C N N 254 
PRO CG   C N N 255 
PRO CD   C N N 256 
PRO OXT  O N N 257 
PRO H    H N N 258 
PRO HA   H N N 259 
PRO HB2  H N N 260 
PRO HB3  H N N 261 
PRO HG2  H N N 262 
PRO HG3  H N N 263 
PRO HD2  H N N 264 
PRO HD3  H N N 265 
PRO HXT  H N N 266 
SER N    N N N 267 
SER CA   C N S 268 
SER C    C N N 269 
SER O    O N N 270 
SER CB   C N N 271 
SER OG   O N N 272 
SER OXT  O N N 273 
SER H    H N N 274 
SER H2   H N N 275 
SER HA   H N N 276 
SER HB2  H N N 277 
SER HB3  H N N 278 
SER HG   H N N 279 
SER HXT  H N N 280 
THR N    N N N 281 
THR CA   C N S 282 
THR C    C N N 283 
THR O    O N N 284 
THR CB   C N R 285 
THR OG1  O N N 286 
THR CG2  C N N 287 
THR OXT  O N N 288 
THR H    H N N 289 
THR H2   H N N 290 
THR HA   H N N 291 
THR HB   H N N 292 
THR HG1  H N N 293 
THR HG21 H N N 294 
THR HG22 H N N 295 
THR HG23 H N N 296 
THR HXT  H N N 297 
TRP N    N N N 298 
TRP CA   C N S 299 
TRP C    C N N 300 
TRP O    O N N 301 
TRP CB   C N N 302 
TRP CG   C Y N 303 
TRP CD1  C Y N 304 
TRP CD2  C Y N 305 
TRP NE1  N Y N 306 
TRP CE2  C Y N 307 
TRP CE3  C Y N 308 
TRP CZ2  C Y N 309 
TRP CZ3  C Y N 310 
TRP CH2  C Y N 311 
TRP OXT  O N N 312 
TRP H    H N N 313 
TRP H2   H N N 314 
TRP HA   H N N 315 
TRP HB2  H N N 316 
TRP HB3  H N N 317 
TRP HD1  H N N 318 
TRP HE1  H N N 319 
TRP HE3  H N N 320 
TRP HZ2  H N N 321 
TRP HZ3  H N N 322 
TRP HH2  H N N 323 
TRP HXT  H N N 324 
TYR N    N N N 325 
TYR CA   C N S 326 
TYR C    C N N 327 
TYR O    O N N 328 
TYR CB   C N N 329 
TYR CG   C Y N 330 
TYR CD1  C Y N 331 
TYR CD2  C Y N 332 
TYR CE1  C Y N 333 
TYR CE2  C Y N 334 
TYR CZ   C Y N 335 
TYR OH   O N N 336 
TYR OXT  O N N 337 
TYR H    H N N 338 
TYR H2   H N N 339 
TYR HA   H N N 340 
TYR HB2  H N N 341 
TYR HB3  H N N 342 
TYR HD1  H N N 343 
TYR HD2  H N N 344 
TYR HE1  H N N 345 
TYR HE2  H N N 346 
TYR HH   H N N 347 
TYR HXT  H N N 348 
VAL N    N N N 349 
VAL CA   C N S 350 
VAL C    C N N 351 
VAL O    O N N 352 
VAL CB   C N N 353 
VAL CG1  C N N 354 
VAL CG2  C N N 355 
VAL OXT  O N N 356 
VAL H    H N N 357 
VAL H2   H N N 358 
VAL HA   H N N 359 
VAL HB   H N N 360 
VAL HG11 H N N 361 
VAL HG12 H N N 362 
VAL HG13 H N N 363 
VAL HG21 H N N 364 
VAL HG22 H N N 365 
VAL HG23 H N N 366 
VAL HXT  H N N 367 
# 
loop_
_chem_comp_bond.comp_id 
_chem_comp_bond.atom_id_1 
_chem_comp_bond.atom_id_2 
_chem_comp_bond.value_order 
_chem_comp_bond.pdbx_aromatic_flag 
_chem_comp_bond.pdbx_stereo_config 
_chem_comp_bond.pdbx_ordinal 
ALA N   CA   sing N N 1   
ALA N   H    sing N N 2   
ALA N   H2   sing N N 3   
ALA CA  C    sing N N 4   
ALA CA  CB   sing N N 5   
ALA CA  HA   sing N N 6   
ALA C   O    doub N N 7   
ALA C   OXT  sing N N 8   
ALA CB  HB1  sing N N 9   
ALA CB  HB2  sing N N 10  
ALA CB  HB3  sing N N 11  
ALA OXT HXT  sing N N 12  
ARG N   CA   sing N N 13  
ARG N   H    sing N N 14  
ARG N   H2   sing N N 15  
ARG CA  C    sing N N 16  
ARG CA  CB   sing N N 17  
ARG CA  HA   sing N N 18  
ARG C   O    doub N N 19  
ARG C   OXT  sing N N 20  
ARG CB  CG   sing N N 21  
ARG CB  HB2  sing N N 22  
ARG CB  HB3  sing N N 23  
ARG CG  CD   sing N N 24  
ARG CG  HG2  sing N N 25  
ARG CG  HG3  sing N N 26  
ARG CD  NE   sing N N 27  
ARG CD  HD2  sing N N 28  
ARG CD  HD3  sing N N 29  
ARG NE  CZ   sing N N 30  
ARG NE  HE   sing N N 31  
ARG CZ  NH1  sing N N 32  
ARG CZ  NH2  doub N N 33  
ARG NH1 HH11 sing N N 34  
ARG NH1 HH12 sing N N 35  
ARG NH2 HH21 sing N N 36  
ARG NH2 HH22 sing N N 37  
ARG OXT HXT  sing N N 38  
ASN N   CA   sing N N 39  
ASN N   H    sing N N 40  
ASN N   H2   sing N N 41  
ASN CA  C    sing N N 42  
ASN CA  CB   sing N N 43  
ASN CA  HA   sing N N 44  
ASN C   O    doub N N 45  
ASN C   OXT  sing N N 46  
ASN CB  CG   sing N N 47  
ASN CB  HB2  sing N N 48  
ASN CB  HB3  sing N N 49  
ASN CG  OD1  doub N N 50  
ASN CG  ND2  sing N N 51  
ASN ND2 HD21 sing N N 52  
ASN ND2 HD22 sing N N 53  
ASN OXT HXT  sing N N 54  
ASP N   CA   sing N N 55  
ASP N   H    sing N N 56  
ASP N   H2   sing N N 57  
ASP CA  C    sing N N 58  
ASP CA  CB   sing N N 59  
ASP CA  HA   sing N N 60  
ASP C   O    doub N N 61  
ASP C   OXT  sing N N 62  
ASP CB  CG   sing N N 63  
ASP CB  HB2  sing N N 64  
ASP CB  HB3  sing N N 65  
ASP CG  OD1  doub N N 66  
ASP CG  OD2  sing N N 67  
ASP OD2 HD2  sing N N 68  
ASP OXT HXT  sing N N 69  
CYS N   CA   sing N N 70  
CYS N   H    sing N N 71  
CYS N   H2   sing N N 72  
CYS CA  C    sing N N 73  
CYS CA  CB   sing N N 74  
CYS CA  HA   sing N N 75  
CYS C   O    doub N N 76  
CYS C   OXT  sing N N 77  
CYS CB  SG   sing N N 78  
CYS CB  HB2  sing N N 79  
CYS CB  HB3  sing N N 80  
CYS SG  HG   sing N N 81  
CYS OXT HXT  sing N N 82  
GLN N   CA   sing N N 83  
GLN N   H    sing N N 84  
GLN N   H2   sing N N 85  
GLN CA  C    sing N N 86  
GLN CA  CB   sing N N 87  
GLN CA  HA   sing N N 88  
GLN C   O    doub N N 89  
GLN C   OXT  sing N N 90  
GLN CB  CG   sing N N 91  
GLN CB  HB2  sing N N 92  
GLN CB  HB3  sing N N 93  
GLN CG  CD   sing N N 94  
GLN CG  HG2  sing N N 95  
GLN CG  HG3  sing N N 96  
GLN CD  OE1  doub N N 97  
GLN CD  NE2  sing N N 98  
GLN NE2 HE21 sing N N 99  
GLN NE2 HE22 sing N N 100 
GLN OXT HXT  sing N N 101 
GLU N   CA   sing N N 102 
GLU N   H    sing N N 103 
GLU N   H2   sing N N 104 
GLU CA  C    sing N N 105 
GLU CA  CB   sing N N 106 
GLU CA  HA   sing N N 107 
GLU C   O    doub N N 108 
GLU C   OXT  sing N N 109 
GLU CB  CG   sing N N 110 
GLU CB  HB2  sing N N 111 
GLU CB  HB3  sing N N 112 
GLU CG  CD   sing N N 113 
GLU CG  HG2  sing N N 114 
GLU CG  HG3  sing N N 115 
GLU CD  OE1  doub N N 116 
GLU CD  OE2  sing N N 117 
GLU OE2 HE2  sing N N 118 
GLU OXT HXT  sing N N 119 
GLY N   CA   sing N N 120 
GLY N   H    sing N N 121 
GLY N   H2   sing N N 122 
GLY CA  C    sing N N 123 
GLY CA  HA2  sing N N 124 
GLY CA  HA3  sing N N 125 
GLY C   O    doub N N 126 
GLY C   OXT  sing N N 127 
GLY OXT HXT  sing N N 128 
HIS N   CA   sing N N 129 
HIS N   H    sing N N 130 
HIS N   H2   sing N N 131 
HIS CA  C    sing N N 132 
HIS CA  CB   sing N N 133 
HIS CA  HA   sing N N 134 
HIS C   O    doub N N 135 
HIS C   OXT  sing N N 136 
HIS CB  CG   sing N N 137 
HIS CB  HB2  sing N N 138 
HIS CB  HB3  sing N N 139 
HIS CG  ND1  sing Y N 140 
HIS CG  CD2  doub Y N 141 
HIS ND1 CE1  doub Y N 142 
HIS ND1 HD1  sing N N 143 
HIS CD2 NE2  sing Y N 144 
HIS CD2 HD2  sing N N 145 
HIS CE1 NE2  sing Y N 146 
HIS CE1 HE1  sing N N 147 
HIS NE2 HE2  sing N N 148 
HIS OXT HXT  sing N N 149 
ILE N   CA   sing N N 150 
ILE N   H    sing N N 151 
ILE N   H2   sing N N 152 
ILE CA  C    sing N N 153 
ILE CA  CB   sing N N 154 
ILE CA  HA   sing N N 155 
ILE C   O    doub N N 156 
ILE C   OXT  sing N N 157 
ILE CB  CG1  sing N N 158 
ILE CB  CG2  sing N N 159 
ILE CB  HB   sing N N 160 
ILE CG1 CD1  sing N N 161 
ILE CG1 HG12 sing N N 162 
ILE CG1 HG13 sing N N 163 
ILE CG2 HG21 sing N N 164 
ILE CG2 HG22 sing N N 165 
ILE CG2 HG23 sing N N 166 
ILE CD1 HD11 sing N N 167 
ILE CD1 HD12 sing N N 168 
ILE CD1 HD13 sing N N 169 
ILE OXT HXT  sing N N 170 
LEU N   CA   sing N N 171 
LEU N   H    sing N N 172 
LEU N   H2   sing N N 173 
LEU CA  C    sing N N 174 
LEU CA  CB   sing N N 175 
LEU CA  HA   sing N N 176 
LEU C   O    doub N N 177 
LEU C   OXT  sing N N 178 
LEU CB  CG   sing N N 179 
LEU CB  HB2  sing N N 180 
LEU CB  HB3  sing N N 181 
LEU CG  CD1  sing N N 182 
LEU CG  CD2  sing N N 183 
LEU CG  HG   sing N N 184 
LEU CD1 HD11 sing N N 185 
LEU CD1 HD12 sing N N 186 
LEU CD1 HD13 sing N N 187 
LEU CD2 HD21 sing N N 188 
LEU CD2 HD22 sing N N 189 
LEU CD2 HD23 sing N N 190 
LEU OXT HXT  sing N N 191 
LYS N   CA   sing N N 192 
LYS N   H    sing N N 193 
LYS N   H2   sing N N 194 
LYS CA  C    sing N N 195 
LYS CA  CB   sing N N 196 
LYS CA  HA   sing N N 197 
LYS C   O    doub N N 198 
LYS C   OXT  sing N N 199 
LYS CB  CG   sing N N 200 
LYS CB  HB2  sing N N 201 
LYS CB  HB3  sing N N 202 
LYS CG  CD   sing N N 203 
LYS CG  HG2  sing N N 204 
LYS CG  HG3  sing N N 205 
LYS CD  CE   sing N N 206 
LYS CD  HD2  sing N N 207 
LYS CD  HD3  sing N N 208 
LYS CE  NZ   sing N N 209 
LYS CE  HE2  sing N N 210 
LYS CE  HE3  sing N N 211 
LYS NZ  HZ1  sing N N 212 
LYS NZ  HZ2  sing N N 213 
LYS NZ  HZ3  sing N N 214 
LYS OXT HXT  sing N N 215 
PHE N   CA   sing N N 216 
PHE N   H    sing N N 217 
PHE N   H2   sing N N 218 
PHE CA  C    sing N N 219 
PHE CA  CB   sing N N 220 
PHE CA  HA   sing N N 221 
PHE C   O    doub N N 222 
PHE C   OXT  sing N N 223 
PHE CB  CG   sing N N 224 
PHE CB  HB2  sing N N 225 
PHE CB  HB3  sing N N 226 
PHE CG  CD1  doub Y N 227 
PHE CG  CD2  sing Y N 228 
PHE CD1 CE1  sing Y N 229 
PHE CD1 HD1  sing N N 230 
PHE CD2 CE2  doub Y N 231 
PHE CD2 HD2  sing N N 232 
PHE CE1 CZ   doub Y N 233 
PHE CE1 HE1  sing N N 234 
PHE CE2 CZ   sing Y N 235 
PHE CE2 HE2  sing N N 236 
PHE CZ  HZ   sing N N 237 
PHE OXT HXT  sing N N 238 
PRO N   CA   sing N N 239 
PRO N   CD   sing N N 240 
PRO N   H    sing N N 241 
PRO CA  C    sing N N 242 
PRO CA  CB   sing N N 243 
PRO CA  HA   sing N N 244 
PRO C   O    doub N N 245 
PRO C   OXT  sing N N 246 
PRO CB  CG   sing N N 247 
PRO CB  HB2  sing N N 248 
PRO CB  HB3  sing N N 249 
PRO CG  CD   sing N N 250 
PRO CG  HG2  sing N N 251 
PRO CG  HG3  sing N N 252 
PRO CD  HD2  sing N N 253 
PRO CD  HD3  sing N N 254 
PRO OXT HXT  sing N N 255 
SER N   CA   sing N N 256 
SER N   H    sing N N 257 
SER N   H2   sing N N 258 
SER CA  C    sing N N 259 
SER CA  CB   sing N N 260 
SER CA  HA   sing N N 261 
SER C   O    doub N N 262 
SER C   OXT  sing N N 263 
SER CB  OG   sing N N 264 
SER CB  HB2  sing N N 265 
SER CB  HB3  sing N N 266 
SER OG  HG   sing N N 267 
SER OXT HXT  sing N N 268 
THR N   CA   sing N N 269 
THR N   H    sing N N 270 
THR N   H2   sing N N 271 
THR CA  C    sing N N 272 
THR CA  CB   sing N N 273 
THR CA  HA   sing N N 274 
THR C   O    doub N N 275 
THR C   OXT  sing N N 276 
THR CB  OG1  sing N N 277 
THR CB  CG2  sing N N 278 
THR CB  HB   sing N N 279 
THR OG1 HG1  sing N N 280 
THR CG2 HG21 sing N N 281 
THR CG2 HG22 sing N N 282 
THR CG2 HG23 sing N N 283 
THR OXT HXT  sing N N 284 
TRP N   CA   sing N N 285 
TRP N   H    sing N N 286 
TRP N   H2   sing N N 287 
TRP CA  C    sing N N 288 
TRP CA  CB   sing N N 289 
TRP CA  HA   sing N N 290 
TRP C   O    doub N N 291 
TRP C   OXT  sing N N 292 
TRP CB  CG   sing N N 293 
TRP CB  HB2  sing N N 294 
TRP CB  HB3  sing N N 295 
TRP CG  CD1  doub Y N 296 
TRP CG  CD2  sing Y N 297 
TRP CD1 NE1  sing Y N 298 
TRP CD1 HD1  sing N N 299 
TRP CD2 CE2  doub Y N 300 
TRP CD2 CE3  sing Y N 301 
TRP NE1 CE2  sing Y N 302 
TRP NE1 HE1  sing N N 303 
TRP CE2 CZ2  sing Y N 304 
TRP CE3 CZ3  doub Y N 305 
TRP CE3 HE3  sing N N 306 
TRP CZ2 CH2  doub Y N 307 
TRP CZ2 HZ2  sing N N 308 
TRP CZ3 CH2  sing Y N 309 
TRP CZ3 HZ3  sing N N 310 
TRP CH2 HH2  sing N N 311 
TRP OXT HXT  sing N N 312 
TYR N   CA   sing N N 313 
TYR N   H    sing N N 314 
TYR N   H2   sing N N 315 
TYR CA  C    sing N N 316 
TYR CA  CB   sing N N 317 
TYR CA  HA   sing N N 318 
TYR C   O    doub N N 319 
TYR C   OXT  sing N N 320 
TYR CB  CG   sing N N 321 
TYR CB  HB2  sing N N 322 
TYR CB  HB3  sing N N 323 
TYR CG  CD1  doub Y N 324 
TYR CG  CD2  sing Y N 325 
TYR CD1 CE1  sing Y N 326 
TYR CD1 HD1  sing N N 327 
TYR CD2 CE2  doub Y N 328 
TYR CD2 HD2  sing N N 329 
TYR CE1 CZ   doub Y N 330 
TYR CE1 HE1  sing N N 331 
TYR CE2 CZ   sing Y N 332 
TYR CE2 HE2  sing N N 333 
TYR CZ  OH   sing N N 334 
TYR OH  HH   sing N N 335 
TYR OXT HXT  sing N N 336 
VAL N   CA   sing N N 337 
VAL N   H    sing N N 338 
VAL N   H2   sing N N 339 
VAL CA  C    sing N N 340 
VAL CA  CB   sing N N 341 
VAL CA  HA   sing N N 342 
VAL C   O    doub N N 343 
VAL C   OXT  sing N N 344 
VAL CB  CG1  sing N N 345 
VAL CB  CG2  sing N N 346 
VAL CB  HB   sing N N 347 
VAL CG1 HG11 sing N N 348 
VAL CG1 HG12 sing N N 349 
VAL CG1 HG13 sing N N 350 
VAL CG2 HG21 sing N N 351 
VAL CG2 HG22 sing N N 352 
VAL CG2 HG23 sing N N 353 
VAL OXT HXT  sing N N 354 
# 
_pdbx_nmr_spectrometer.spectrometer_id   1 
_pdbx_nmr_spectrometer.type              ? 
_pdbx_nmr_spectrometer.manufacturer      Varian 
_pdbx_nmr_spectrometer.model             UNITY 
_pdbx_nmr_spectrometer.field_strength    500 
# 
_atom_sites.entry_id                    1G2S 
_atom_sites.fract_transf_matrix[1][1]   1.000000 
_atom_sites.fract_transf_matrix[1][2]   0.000000 
_atom_sites.fract_transf_matrix[1][3]   0.000000 
_atom_sites.fract_transf_matrix[2][1]   0.000000 
_atom_sites.fract_transf_matrix[2][2]   1.000000 
_atom_sites.fract_transf_matrix[2][3]   0.000000 
_atom_sites.fract_transf_matrix[3][1]   0.000000 
_atom_sites.fract_transf_matrix[3][2]   0.000000 
_atom_sites.fract_transf_matrix[3][3]   1.000000 
_atom_sites.fract_transf_vector[1]      0.00000 
_atom_sites.fract_transf_vector[2]      0.00000 
_atom_sites.fract_transf_vector[3]      0.00000 
# 
loop_
_atom_type.symbol 
C 
H 
N 
O 
S 
# 
loop_
_atom_site.group_PDB 
_atom_site.id 
_atom_site.type_symbol 
_atom_site.label_atom_id 
_atom_site.label_alt_id 
_atom_site.label_comp_id 
_atom_site.label_asym_id 
_atom_site.label_entity_id 
_atom_site.label_seq_id 
_atom_site.pdbx_PDB_ins_code 
_atom_site.Cartn_x 
_atom_site.Cartn_y 
_atom_site.Cartn_z 
_atom_site.occupancy 
_atom_site.B_iso_or_equiv 
_atom_site.pdbx_formal_charge 
_atom_site.auth_seq_id 
_atom_site.auth_comp_id 
_atom_site.auth_asym_id 
_atom_site.auth_atom_id 
_atom_site.pdbx_PDB_model_num 
ATOM 1    N N    . THR A 1 1  ? -1.524  -12.398 2.115   1.00 15.49 ? 1  THR A N    1 
ATOM 2    C CA   . THR A 1 1  ? -2.300  -13.444 1.387   1.00 15.31 ? 1  THR A CA   1 
ATOM 3    C C    . THR A 1 1  ? -3.134  -14.264 2.374   1.00 14.39 ? 1  THR A C    1 
ATOM 4    O O    . THR A 1 1  ? -4.152  -14.828 2.023   1.00 14.13 ? 1  THR A O    1 
ATOM 5    C CB   . THR A 1 1  ? -1.245  -14.323 0.715   1.00 15.78 ? 1  THR A CB   1 
ATOM 6    O OG1  . THR A 1 1  ? -0.311  -13.500 0.031   1.00 16.65 ? 1  THR A OG1  1 
ATOM 7    C CG2  . THR A 1 1  ? -1.921  -15.268 -0.282  1.00 15.98 ? 1  THR A CG2  1 
ATOM 8    H H1   . THR A 1 1  ? -0.735  -12.844 2.624   1.00 15.63 ? 1  THR A H1   1 
ATOM 9    H H2   . THR A 1 1  ? -2.148  -11.914 2.793   1.00 15.62 ? 1  THR A H2   1 
ATOM 10   H H3   . THR A 1 1  ? -1.150  -11.708 1.434   1.00 15.51 ? 1  THR A H3   1 
ATOM 11   H HA   . THR A 1 1  ? -2.934  -12.993 0.640   1.00 15.68 ? 1  THR A HA   1 
ATOM 12   H HB   . THR A 1 1  ? -0.731  -14.906 1.463   1.00 15.45 ? 1  THR A HB   1 
ATOM 13   H HG1  . THR A 1 1  ? 0.255   -13.086 0.687   1.00 17.05 ? 1  THR A HG1  1 
ATOM 14   H HG21 . THR A 1 1  ? -2.783  -15.722 0.182   1.00 15.88 ? 1  THR A HG21 1 
ATOM 15   H HG22 . THR A 1 1  ? -1.224  -16.036 -0.579  1.00 16.18 ? 1  THR A HG22 1 
ATOM 16   H HG23 . THR A 1 1  ? -2.233  -14.709 -1.152  1.00 16.17 ? 1  THR A HG23 1 
ATOM 17   N N    . ARG A 1 2  ? -2.712  -14.334 3.606   1.00 14.03 ? 2  ARG A N    1 
ATOM 18   C CA   . ARG A 1 2  ? -3.480  -15.117 4.616   1.00 13.27 ? 2  ARG A CA   1 
ATOM 19   C C    . ARG A 1 2  ? -3.795  -14.243 5.832   1.00 12.59 ? 2  ARG A C    1 
ATOM 20   O O    . ARG A 1 2  ? -3.651  -14.661 6.963   1.00 12.79 ? 2  ARG A O    1 
ATOM 21   C CB   . ARG A 1 2  ? -2.557  -16.271 5.010   1.00 13.58 ? 2  ARG A CB   1 
ATOM 22   C CG   . ARG A 1 2  ? -3.321  -17.594 4.920   1.00 13.77 ? 2  ARG A CG   1 
ATOM 23   C CD   . ARG A 1 2  ? -3.324  -18.084 3.471   1.00 14.31 ? 2  ARG A CD   1 
ATOM 24   N NE   . ARG A 1 2  ? -2.137  -18.979 3.366   1.00 14.75 ? 2  ARG A NE   1 
ATOM 25   C CZ   . ARG A 1 2  ? -2.283  -20.213 2.972   1.00 15.42 ? 2  ARG A CZ   1 
ATOM 26   N NH1  . ARG A 1 2  ? -2.923  -21.067 3.723   1.00 15.92 ? 2  ARG A NH1  1 
ATOM 27   N NH2  . ARG A 1 2  ? -1.790  -20.595 1.824   1.00 15.71 ? 2  ARG A NH2  1 
ATOM 28   H H    . ARG A 1 2  ? -1.889  -13.871 3.869   1.00 14.37 ? 2  ARG A H    1 
ATOM 29   H HA   . ARG A 1 2  ? -4.388  -15.503 4.182   1.00 13.21 ? 2  ARG A HA   1 
ATOM 30   H HB2  . ARG A 1 2  ? -1.709  -16.297 4.340   1.00 14.08 ? 2  ARG A HB2  1 
ATOM 31   H HB3  . ARG A 1 2  ? -2.210  -16.126 6.022   1.00 13.35 ? 2  ARG A HB3  1 
ATOM 32   H HG2  . ARG A 1 2  ? -2.841  -18.328 5.550   1.00 13.79 ? 2  ARG A HG2  1 
ATOM 33   H HG3  . ARG A 1 2  ? -4.338  -17.445 5.250   1.00 13.70 ? 2  ARG A HG3  1 
ATOM 34   H HD2  . ARG A 1 2  ? -4.232  -18.635 3.264   1.00 14.55 ? 2  ARG A HD2  1 
ATOM 35   H HD3  . ARG A 1 2  ? -3.222  -17.253 2.791   1.00 14.28 ? 2  ARG A HD3  1 
ATOM 36   H HE   . ARG A 1 2  ? -1.246  -18.638 3.593   1.00 14.63 ? 2  ARG A HE   1 
ATOM 37   H HH11 . ARG A 1 2  ? -3.301  -20.774 4.601   1.00 15.78 ? 2  ARG A HH11 1 
ATOM 38   H HH12 . ARG A 1 2  ? -3.035  -22.014 3.421   1.00 16.50 ? 2  ARG A HH12 1 
ATOM 39   H HH21 . ARG A 1 2  ? -1.300  -19.942 1.248   1.00 15.41 ? 2  ARG A HH21 1 
ATOM 40   H HH22 . ARG A 1 2  ? -1.902  -21.542 1.523   1.00 16.30 ? 2  ARG A HH22 1 
ATOM 41   N N    . GLY A 1 3  ? -4.226  -13.031 5.609   1.00 11.96 ? 3  GLY A N    1 
ATOM 42   C CA   . GLY A 1 3  ? -4.549  -12.133 6.753   1.00 11.47 ? 3  GLY A CA   1 
ATOM 43   C C    . GLY A 1 3  ? -5.995  -11.649 6.632   1.00 10.60 ? 3  GLY A C    1 
ATOM 44   O O    . GLY A 1 3  ? -6.925  -12.350 6.977   1.00 10.49 ? 3  GLY A O    1 
ATOM 45   H H    . GLY A 1 3  ? -4.336  -12.711 4.689   1.00 11.94 ? 3  GLY A H    1 
ATOM 46   H HA2  . GLY A 1 3  ? -4.425  -12.674 7.681   1.00 11.75 ? 3  GLY A HA2  1 
ATOM 47   H HA3  . GLY A 1 3  ? -3.886  -11.282 6.741   1.00 11.65 ? 3  GLY A HA3  1 
ATOM 48   N N    . SER A 1 4  ? -6.189  -10.455 6.144   1.00 10.16 ? 4  SER A N    1 
ATOM 49   C CA   . SER A 1 4  ? -7.576  -9.923  6.002   1.00 9.46  ? 4  SER A CA   1 
ATOM 50   C C    . SER A 1 4  ? -7.846  -9.529  4.547   1.00 8.65  ? 4  SER A C    1 
ATOM 51   O O    . SER A 1 4  ? -7.643  -8.398  4.152   1.00 8.82  ? 4  SER A O    1 
ATOM 52   C CB   . SER A 1 4  ? -7.624  -8.695  6.909   1.00 9.87  ? 4  SER A CB   1 
ATOM 53   O OG   . SER A 1 4  ? -8.622  -7.801  6.436   1.00 10.04 ? 4  SER A OG   1 
ATOM 54   H H    . SER A 1 4  ? -5.424  -9.906  5.873   1.00 10.42 ? 4  SER A H    1 
ATOM 55   H HA   . SER A 1 4  ? -8.296  -10.654 6.334   1.00 9.50  ? 4  SER A HA   1 
ATOM 56   H HB2  . SER A 1 4  ? -7.864  -8.996  7.914   1.00 10.23 ? 4  SER A HB2  1 
ATOM 57   H HB3  . SER A 1 4  ? -6.658  -8.207  6.903   1.00 9.93  ? 4  SER A HB3  1 
ATOM 58   H HG   . SER A 1 4  ? -9.462  -8.064  6.822   1.00 10.01 ? 4  SER A HG   1 
ATOM 59   N N    . ASP A 1 5  ? -8.302  -10.454 3.747   1.00 8.00  ? 5  ASP A N    1 
ATOM 60   C CA   . ASP A 1 5  ? -8.587  -10.132 2.319   1.00 7.40  ? 5  ASP A CA   1 
ATOM 61   C C    . ASP A 1 5  ? -9.743  -9.131  2.216   1.00 6.63  ? 5  ASP A C    1 
ATOM 62   O O    . ASP A 1 5  ? -9.946  -8.507  1.193   1.00 6.54  ? 5  ASP A O    1 
ATOM 63   C CB   . ASP A 1 5  ? -8.974  -11.467 1.682   1.00 7.71  ? 5  ASP A CB   1 
ATOM 64   C CG   . ASP A 1 5  ? -8.696  -11.418 0.179   1.00 7.83  ? 5  ASP A CG   1 
ATOM 65   O OD1  . ASP A 1 5  ? -7.796  -10.693 -0.214  1.00 8.12  ? 5  ASP A OD1  1 
ATOM 66   O OD2  . ASP A 1 5  ? -9.386  -12.107 -0.555  1.00 7.86  ? 5  ASP A OD2  1 
ATOM 67   H H    . ASP A 1 5  ? -8.460  -11.360 4.085   1.00 8.07  ? 5  ASP A H    1 
ATOM 68   H HA   . ASP A 1 5  ? -7.704  -9.738  1.839   1.00 7.56  ? 5  ASP A HA   1 
ATOM 69   H HB2  . ASP A 1 5  ? -8.393  -12.261 2.130   1.00 7.87  ? 5  ASP A HB2  1 
ATOM 70   H HB3  . ASP A 1 5  ? -10.025 -11.654 1.846   1.00 7.80  ? 5  ASP A HB3  1 
ATOM 71   N N    . ILE A 1 6  ? -10.505 -8.972  3.266   1.00 6.22  ? 6  ILE A N    1 
ATOM 72   C CA   . ILE A 1 6  ? -11.646 -8.011  3.220   1.00 5.66  ? 6  ILE A CA   1 
ATOM 73   C C    . ILE A 1 6  ? -11.204 -6.642  3.746   1.00 4.72  ? 6  ILE A C    1 
ATOM 74   O O    . ILE A 1 6  ? -11.933 -5.970  4.448   1.00 4.57  ? 6  ILE A O    1 
ATOM 75   C CB   . ILE A 1 6  ? -12.717 -8.613  4.134   1.00 6.38  ? 6  ILE A CB   1 
ATOM 76   C CG1  . ILE A 1 6  ? -13.010 -10.053 3.704   1.00 7.35  ? 6  ILE A CG1  1 
ATOM 77   C CG2  . ILE A 1 6  ? -14.000 -7.786  4.033   1.00 6.22  ? 6  ILE A CG2  1 
ATOM 78   C CD1  . ILE A 1 6  ? -13.870 -10.737 4.770   1.00 7.80  ? 6  ILE A CD1  1 
ATOM 79   H H    . ILE A 1 6  ? -10.329 -9.484  4.083   1.00 6.40  ? 6  ILE A H    1 
ATOM 80   H HA   . ILE A 1 6  ? -12.026 -7.924  2.215   1.00 5.63  ? 6  ILE A HA   1 
ATOM 81   H HB   . ILE A 1 6  ? -12.364 -8.605  5.155   1.00 6.48  ? 6  ILE A HB   1 
ATOM 82   H HG12 . ILE A 1 6  ? -13.539 -10.048 2.762   1.00 7.50  ? 6  ILE A HG12 1 
ATOM 83   H HG13 . ILE A 1 6  ? -12.082 -10.594 3.594   1.00 7.82  ? 6  ILE A HG13 1 
ATOM 84   H HG21 . ILE A 1 6  ? -13.771 -6.813  3.626   1.00 6.44  ? 6  ILE A HG21 1 
ATOM 85   H HG22 . ILE A 1 6  ? -14.434 -7.673  5.015   1.00 6.01  ? 6  ILE A HG22 1 
ATOM 86   H HG23 . ILE A 1 6  ? -14.703 -8.290  3.387   1.00 6.40  ? 6  ILE A HG23 1 
ATOM 87   H HD11 . ILE A 1 6  ? -13.627 -10.331 5.742   1.00 8.03  ? 6  ILE A HD11 1 
ATOM 88   H HD12 . ILE A 1 6  ? -13.675 -11.799 4.763   1.00 8.09  ? 6  ILE A HD12 1 
ATOM 89   H HD13 . ILE A 1 6  ? -14.914 -10.560 4.557   1.00 7.89  ? 6  ILE A HD13 1 
ATOM 90   N N    . SER A 1 7  ? -10.012 -6.225  3.415   1.00 4.34  ? 7  SER A N    1 
ATOM 91   C CA   . SER A 1 7  ? -9.525  -4.904  3.898   1.00 3.59  ? 7  SER A CA   1 
ATOM 92   C C    . SER A 1 7  ? -9.767  -3.826  2.838   1.00 2.95  ? 7  SER A C    1 
ATOM 93   O O    . SER A 1 7  ? -8.933  -2.973  2.607   1.00 2.80  ? 7  SER A O    1 
ATOM 94   C CB   . SER A 1 7  ? -8.029  -5.095  4.138   1.00 4.00  ? 7  SER A CB   1 
ATOM 95   O OG   . SER A 1 7  ? -7.618  -4.271  5.222   1.00 4.59  ? 7  SER A OG   1 
ATOM 96   H H    . SER A 1 7  ? -9.437  -6.781  2.853   1.00 4.74  ? 7  SER A H    1 
ATOM 97   H HA   . SER A 1 7  ? -10.015 -4.642  4.821   1.00 3.55  ? 7  SER A HA   1 
ATOM 98   H HB2  . SER A 1 7  ? -7.830  -6.125  4.382   1.00 3.85  ? 7  SER A HB2  1 
ATOM 99   H HB3  . SER A 1 7  ? -7.484  -4.828  3.242   1.00 4.44  ? 7  SER A HB3  1 
ATOM 100  H HG   . SER A 1 7  ? -7.518  -3.375  4.892   1.00 4.97  ? 7  SER A HG   1 
ATOM 101  N N    . LYS A 1 8  ? -10.902 -3.854  2.195   1.00 2.90  ? 8  LYS A N    1 
ATOM 102  C CA   . LYS A 1 8  ? -11.192 -2.826  1.155   1.00 2.48  ? 8  LYS A CA   1 
ATOM 103  C C    . LYS A 1 8  ? -11.524 -1.487  1.818   1.00 1.64  ? 8  LYS A C    1 
ATOM 104  O O    . LYS A 1 8  ? -12.617 -0.971  1.690   1.00 2.29  ? 8  LYS A O    1 
ATOM 105  C CB   . LYS A 1 8  ? -12.402 -3.366  0.390   1.00 3.15  ? 8  LYS A CB   1 
ATOM 106  C CG   . LYS A 1 8  ? -12.019 -3.585  -1.076  1.00 3.78  ? 8  LYS A CG   1 
ATOM 107  C CD   . LYS A 1 8  ? -12.982 -4.590  -1.711  1.00 4.59  ? 8  LYS A CD   1 
ATOM 108  C CE   . LYS A 1 8  ? -13.534 -4.014  -3.018  1.00 5.40  ? 8  LYS A CE   1 
ATOM 109  N NZ   . LYS A 1 8  ? -12.521 -4.365  -4.052  1.00 6.00  ? 8  LYS A NZ   1 
ATOM 110  H H    . LYS A 1 8  ? -11.563 -4.548  2.398   1.00 3.35  ? 8  LYS A H    1 
ATOM 111  H HA   . LYS A 1 8  ? -10.351 -2.719  0.488   1.00 2.78  ? 8  LYS A HA   1 
ATOM 112  H HB2  . LYS A 1 8  ? -12.714 -4.304  0.825   1.00 3.56  ? 8  LYS A HB2  1 
ATOM 113  H HB3  . LYS A 1 8  ? -13.212 -2.656  0.445   1.00 3.25  ? 8  LYS A HB3  1 
ATOM 114  H HG2  . LYS A 1 8  ? -12.077 -2.645  -1.607  1.00 3.82  ? 8  LYS A HG2  1 
ATOM 115  H HG3  . LYS A 1 8  ? -11.012 -3.969  -1.132  1.00 4.09  ? 8  LYS A HG3  1 
ATOM 116  H HD2  . LYS A 1 8  ? -12.456 -5.511  -1.916  1.00 4.88  ? 8  LYS A HD2  1 
ATOM 117  H HD3  . LYS A 1 8  ? -13.799 -4.783  -1.032  1.00 4.74  ? 8  LYS A HD3  1 
ATOM 118  H HE2  . LYS A 1 8  ? -14.487 -4.466  -3.253  1.00 5.59  ? 8  LYS A HE2  1 
ATOM 119  H HE3  . LYS A 1 8  ? -13.632 -2.942  -2.945  1.00 5.74  ? 8  LYS A HE3  1 
ATOM 120  H HZ1  . LYS A 1 8  ? -12.196 -5.341  -3.903  1.00 6.51  ? 8  LYS A HZ1  1 
ATOM 121  H HZ2  . LYS A 1 8  ? -11.712 -3.714  -3.980  1.00 6.09  ? 8  LYS A HZ2  1 
ATOM 122  H HZ3  . LYS A 1 8  ? -12.947 -4.284  -4.997  1.00 6.13  ? 8  LYS A HZ3  1 
ATOM 123  N N    . THR A 1 9  ? -10.587 -0.921  2.531   1.00 0.88  ? 9  THR A N    1 
ATOM 124  C CA   . THR A 1 9  ? -10.847 0.383   3.206   1.00 1.06  ? 9  THR A CA   1 
ATOM 125  C C    . THR A 1 9  ? -10.194 1.526   2.423   1.00 0.84  ? 9  THR A C    1 
ATOM 126  O O    . THR A 1 9  ? -9.182  1.349   1.775   1.00 0.93  ? 9  THR A O    1 
ATOM 127  C CB   . THR A 1 9  ? -10.206 0.247   4.588   1.00 1.81  ? 9  THR A CB   1 
ATOM 128  O OG1  . THR A 1 9  ? -10.384 1.456   5.313   1.00 2.52  ? 9  THR A OG1  1 
ATOM 129  C CG2  . THR A 1 9  ? -8.711  -0.042  4.433   1.00 2.50  ? 9  THR A CG2  1 
ATOM 130  H H    . THR A 1 9  ? -9.713  -1.355  2.623   1.00 1.31  ? 9  THR A H    1 
ATOM 131  H HA   . THR A 1 9  ? -11.907 0.551   3.307   1.00 1.84  ? 9  THR A HA   1 
ATOM 132  H HB   . THR A 1 9  ? -10.671 -0.567  5.123   1.00 2.26  ? 9  THR A HB   1 
ATOM 133  H HG1  . THR A 1 9  ? -11.215 1.395   5.791   1.00 2.89  ? 9  THR A HG1  1 
ATOM 134  H HG21 . THR A 1 9  ? -8.570  -1.085  4.194   1.00 2.80  ? 9  THR A HG21 1 
ATOM 135  H HG22 . THR A 1 9  ? -8.203  0.189   5.357   1.00 2.90  ? 9  THR A HG22 1 
ATOM 136  H HG23 . THR A 1 9  ? -8.308  0.568   3.638   1.00 2.99  ? 9  THR A HG23 1 
ATOM 137  N N    . CYS A 1 10 ? -10.766 2.698   2.478   1.00 0.74  ? 10 CYS A N    1 
ATOM 138  C CA   . CYS A 1 10 ? -10.181 3.851   1.739   1.00 0.58  ? 10 CYS A CA   1 
ATOM 139  C C    . CYS A 1 10 ? -8.997  4.431   2.519   1.00 0.50  ? 10 CYS A C    1 
ATOM 140  O O    . CYS A 1 10 ? -8.629  3.936   3.565   1.00 0.67  ? 10 CYS A O    1 
ATOM 141  C CB   . CYS A 1 10 ? -11.314 4.875   1.647   1.00 0.72  ? 10 CYS A CB   1 
ATOM 142  S SG   . CYS A 1 10 ? -12.747 4.128   0.830   1.00 0.97  ? 10 CYS A SG   1 
ATOM 143  H H    . CYS A 1 10 ? -11.582 2.820   3.006   1.00 0.89  ? 10 CYS A H    1 
ATOM 144  H HA   . CYS A 1 10 ? -9.872  3.551   0.750   1.00 0.57  ? 10 CYS A HA   1 
ATOM 145  H HB2  . CYS A 1 10 ? -11.593 5.193   2.641   1.00 0.86  ? 10 CYS A HB2  1 
ATOM 146  H HB3  . CYS A 1 10 ? -10.980 5.727   1.077   1.00 0.75  ? 10 CYS A HB3  1 
ATOM 147  N N    . CYS A 1 11 ? -8.400  5.479   2.020   1.00 0.39  ? 11 CYS A N    1 
ATOM 148  C CA   . CYS A 1 11 ? -7.243  6.091   2.736   1.00 0.38  ? 11 CYS A CA   1 
ATOM 149  C C    . CYS A 1 11 ? -7.425  7.607   2.833   1.00 0.48  ? 11 CYS A C    1 
ATOM 150  O O    . CYS A 1 11 ? -8.427  8.150   2.413   1.00 0.84  ? 11 CYS A O    1 
ATOM 151  C CB   . CYS A 1 11 ? -6.021  5.752   1.881   1.00 0.43  ? 11 CYS A CB   1 
ATOM 152  S SG   . CYS A 1 11 ? -5.463  4.073   2.263   1.00 0.51  ? 11 CYS A SG   1 
ATOM 153  H H    . CYS A 1 11 ? -8.713  5.865   1.176   1.00 0.47  ? 11 CYS A H    1 
ATOM 154  H HA   . CYS A 1 11 ? -7.137  5.659   3.718   1.00 0.44  ? 11 CYS A HA   1 
ATOM 155  H HB2  . CYS A 1 11 ? -6.284  5.815   0.836   1.00 0.45  ? 11 CYS A HB2  1 
ATOM 156  H HB3  . CYS A 1 11 ? -5.227  6.451   2.096   1.00 0.51  ? 11 CYS A HB3  1 
ATOM 157  N N    . PHE A 1 12 ? -6.462  8.296   3.381   1.00 0.52  ? 12 PHE A N    1 
ATOM 158  C CA   . PHE A 1 12 ? -6.577  9.776   3.502   1.00 0.60  ? 12 PHE A CA   1 
ATOM 159  C C    . PHE A 1 12 ? -5.192  10.396  3.699   1.00 0.75  ? 12 PHE A C    1 
ATOM 160  O O    . PHE A 1 12 ? -4.712  11.146  2.871   1.00 1.37  ? 12 PHE A O    1 
ATOM 161  C CB   . PHE A 1 12 ? -7.452  10.008  4.733   1.00 0.67  ? 12 PHE A CB   1 
ATOM 162  C CG   . PHE A 1 12 ? -8.734  10.691  4.319   1.00 1.32  ? 12 PHE A CG   1 
ATOM 163  C CD1  . PHE A 1 12 ? -8.687  11.859  3.547   1.00 2.29  ? 12 PHE A CD1  1 
ATOM 164  C CD2  . PHE A 1 12 ? -9.968  10.156  4.705   1.00 1.55  ? 12 PHE A CD2  1 
ATOM 165  C CE1  . PHE A 1 12 ? -9.875  12.492  3.164   1.00 3.37  ? 12 PHE A CE1  1 
ATOM 166  C CE2  . PHE A 1 12 ? -11.156 10.788  4.321   1.00 2.59  ? 12 PHE A CE2  1 
ATOM 167  C CZ   . PHE A 1 12 ? -11.110 11.957  3.550   1.00 3.48  ? 12 PHE A CZ   1 
ATOM 168  H H    . PHE A 1 12 ? -5.661  7.840   3.711   1.00 0.74  ? 12 PHE A H    1 
ATOM 169  H HA   . PHE A 1 12 ? -7.054  10.187  2.627   1.00 0.67  ? 12 PHE A HA   1 
ATOM 170  H HB2  . PHE A 1 12 ? -7.683  9.059   5.195   1.00 1.27  ? 12 PHE A HB2  1 
ATOM 171  H HB3  . PHE A 1 12 ? -6.924  10.633  5.439   1.00 1.16  ? 12 PHE A HB3  1 
ATOM 172  H HD1  . PHE A 1 12 ? -7.734  12.272  3.250   1.00 2.32  ? 12 PHE A HD1  1 
ATOM 173  H HD2  . PHE A 1 12 ? -10.003 9.256   5.301   1.00 1.26  ? 12 PHE A HD2  1 
ATOM 174  H HE1  . PHE A 1 12 ? -9.840  13.392  2.568   1.00 4.17  ? 12 PHE A HE1  1 
ATOM 175  H HE2  . PHE A 1 12 ? -12.109 10.376  4.619   1.00 2.83  ? 12 PHE A HE2  1 
ATOM 176  H HZ   . PHE A 1 12 ? -12.027 12.444  3.253   1.00 4.35  ? 12 PHE A HZ   1 
ATOM 177  N N    . GLN A 1 13 ? -4.543  10.087  4.788   1.00 0.58  ? 13 GLN A N    1 
ATOM 178  C CA   . GLN A 1 13 ? -3.188  10.656  5.035   1.00 0.66  ? 13 GLN A CA   1 
ATOM 179  C C    . GLN A 1 13 ? -2.148  9.918   4.189   1.00 0.58  ? 13 GLN A C    1 
ATOM 180  O O    . GLN A 1 13 ? -2.255  8.731   3.952   1.00 0.87  ? 13 GLN A O    1 
ATOM 181  C CB   . GLN A 1 13 ? -2.928  10.426  6.524   1.00 0.82  ? 13 GLN A CB   1 
ATOM 182  C CG   . GLN A 1 13 ? -3.437  11.629  7.322   1.00 1.64  ? 13 GLN A CG   1 
ATOM 183  C CD   . GLN A 1 13 ? -2.993  11.498  8.780   1.00 2.19  ? 13 GLN A CD   1 
ATOM 184  O OE1  . GLN A 1 13 ? -2.113  10.720  9.092   1.00 2.65  ? 13 GLN A OE1  1 
ATOM 185  N NE2  . GLN A 1 13 ? -3.568  12.233  9.693   1.00 2.89  ? 13 GLN A NE2  1 
ATOM 186  H H    . GLN A 1 13 ? -4.946  9.479   5.442   1.00 0.90  ? 13 GLN A H    1 
ATOM 187  H HA   . GLN A 1 13 ? -3.176  11.711  4.816   1.00 0.77  ? 13 GLN A HA   1 
ATOM 188  H HB2  . GLN A 1 13 ? -3.446  9.534   6.846   1.00 1.19  ? 13 GLN A HB2  1 
ATOM 189  H HB3  . GLN A 1 13 ? -1.868  10.309  6.691   1.00 1.41  ? 13 GLN A HB3  1 
ATOM 190  H HG2  . GLN A 1 13 ? -3.031  12.537  6.901   1.00 2.24  ? 13 GLN A HG2  1 
ATOM 191  H HG3  . GLN A 1 13 ? -4.514  11.661  7.278   1.00 2.19  ? 13 GLN A HG3  1 
ATOM 192  H HE21 . GLN A 1 13 ? -4.277  12.860  9.441   1.00 3.18  ? 13 GLN A HE21 1 
ATOM 193  H HE22 . GLN A 1 13 ? -3.291  12.156  10.629  1.00 3.44  ? 13 GLN A HE22 1 
ATOM 194  N N    . TYR A 1 14 ? -1.141  10.610  3.731   1.00 0.41  ? 14 TYR A N    1 
ATOM 195  C CA   . TYR A 1 14 ? -0.099  9.946   2.901   1.00 0.38  ? 14 TYR A CA   1 
ATOM 196  C C    . TYR A 1 14 ? 1.295   10.250  3.456   1.00 0.41  ? 14 TYR A C    1 
ATOM 197  O O    . TYR A 1 14 ? 1.708   11.389  3.535   1.00 0.59  ? 14 TYR A O    1 
ATOM 198  C CB   . TYR A 1 14 ? -0.267  10.543  1.503   1.00 0.47  ? 14 TYR A CB   1 
ATOM 199  C CG   . TYR A 1 14 ? -1.682  10.318  1.026   1.00 0.46  ? 14 TYR A CG   1 
ATOM 200  C CD1  . TYR A 1 14 ? -2.241  9.036   1.075   1.00 0.43  ? 14 TYR A CD1  1 
ATOM 201  C CD2  . TYR A 1 14 ? -2.436  11.392  0.538   1.00 0.67  ? 14 TYR A CD2  1 
ATOM 202  C CE1  . TYR A 1 14 ? -3.554  8.826   0.635   1.00 0.49  ? 14 TYR A CE1  1 
ATOM 203  C CE2  . TYR A 1 14 ? -3.749  11.182  0.098   1.00 0.71  ? 14 TYR A CE2  1 
ATOM 204  C CZ   . TYR A 1 14 ? -4.308  9.900   0.147   1.00 0.57  ? 14 TYR A CZ   1 
ATOM 205  O OH   . TYR A 1 14 ? -5.602  9.693   -0.286  1.00 0.67  ? 14 TYR A OH   1 
ATOM 206  H H    . TYR A 1 14 ? -1.070  11.563  3.930   1.00 0.56  ? 14 TYR A H    1 
ATOM 207  H HA   . TYR A 1 14 ? -0.270  8.885   2.870   1.00 0.37  ? 14 TYR A HA   1 
ATOM 208  H HB2  . TYR A 1 14 ? -0.062  11.603  1.536   1.00 0.57  ? 14 TYR A HB2  1 
ATOM 209  H HB3  . TYR A 1 14 ? 0.421   10.065  0.822   1.00 0.53  ? 14 TYR A HB3  1 
ATOM 210  H HD1  . TYR A 1 14 ? -1.659  8.207   1.452   1.00 0.51  ? 14 TYR A HD1  1 
ATOM 211  H HD2  . TYR A 1 14 ? -2.006  12.381  0.500   1.00 0.86  ? 14 TYR A HD2  1 
ATOM 212  H HE1  . TYR A 1 14 ? -3.984  7.837   0.673   1.00 0.61  ? 14 TYR A HE1  1 
ATOM 213  H HE2  . TYR A 1 14 ? -4.331  12.011  -0.278  1.00 0.91  ? 14 TYR A HE2  1 
ATOM 214  H HH   . TYR A 1 14 ? -5.995  9.015   0.267   1.00 1.21  ? 14 TYR A HH   1 
ATOM 215  N N    . SER A 1 15 ? 2.023   9.237   3.842   1.00 0.36  ? 15 SER A N    1 
ATOM 216  C CA   . SER A 1 15 ? 3.388   9.465   4.393   1.00 0.44  ? 15 SER A CA   1 
ATOM 217  C C    . SER A 1 15 ? 4.384   9.716   3.258   1.00 0.51  ? 15 SER A C    1 
ATOM 218  O O    . SER A 1 15 ? 4.322   9.094   2.216   1.00 1.29  ? 15 SER A O    1 
ATOM 219  C CB   . SER A 1 15 ? 3.734   8.175   5.134   1.00 0.52  ? 15 SER A CB   1 
ATOM 220  O OG   . SER A 1 15 ? 3.827   8.445   6.527   1.00 1.59  ? 15 SER A OG   1 
ATOM 221  H H    . SER A 1 15 ? 1.670   8.326   3.770   1.00 0.39  ? 15 SER A H    1 
ATOM 222  H HA   . SER A 1 15 ? 3.382   10.295  5.080   1.00 0.56  ? 15 SER A HA   1 
ATOM 223  H HB2  . SER A 1 15 ? 2.964   7.441   4.965   1.00 1.02  ? 15 SER A HB2  1 
ATOM 224  H HB3  . SER A 1 15 ? 4.678   7.794   4.767   1.00 1.06  ? 15 SER A HB3  1 
ATOM 225  H HG   . SER A 1 15 ? 4.757   8.459   6.765   1.00 2.01  ? 15 SER A HG   1 
ATOM 226  N N    . HIS A 1 16 ? 5.302   10.622  3.452   1.00 0.67  ? 16 HIS A N    1 
ATOM 227  C CA   . HIS A 1 16 ? 6.304   10.911  2.387   1.00 0.65  ? 16 HIS A CA   1 
ATOM 228  C C    . HIS A 1 16 ? 7.705   10.519  2.860   1.00 0.59  ? 16 HIS A C    1 
ATOM 229  O O    . HIS A 1 16 ? 8.518   11.360  3.191   1.00 0.71  ? 16 HIS A O    1 
ATOM 230  C CB   . HIS A 1 16 ? 6.215   12.421  2.160   1.00 0.84  ? 16 HIS A CB   1 
ATOM 231  C CG   . HIS A 1 16 ? 6.496   12.727  0.714   1.00 1.46  ? 16 HIS A CG   1 
ATOM 232  N ND1  . HIS A 1 16 ? 7.752   13.111  0.270   1.00 2.41  ? 16 HIS A ND1  1 
ATOM 233  C CD2  . HIS A 1 16 ? 5.694   12.710  -0.400  1.00 2.35  ? 16 HIS A CD2  1 
ATOM 234  C CE1  . HIS A 1 16 ? 7.669   13.306  -1.058  1.00 3.26  ? 16 HIS A CE1  1 
ATOM 235  N NE2  . HIS A 1 16 ? 6.436   13.075  -1.518  1.00 3.30  ? 16 HIS A NE2  1 
ATOM 236  H H    . HIS A 1 16 ? 5.336   11.111  4.301   1.00 1.31  ? 16 HIS A H    1 
ATOM 237  H HA   . HIS A 1 16 ? 6.051   10.386  1.479   1.00 0.67  ? 16 HIS A HA   1 
ATOM 238  H HB2  . HIS A 1 16 ? 5.225   12.766  2.415   1.00 1.45  ? 16 HIS A HB2  1 
ATOM 239  H HB3  . HIS A 1 16 ? 6.943   12.921  2.781   1.00 1.33  ? 16 HIS A HB3  1 
ATOM 240  H HD1  . HIS A 1 16 ? 8.553   13.221  0.823   1.00 2.80  ? 16 HIS A HD1  1 
ATOM 241  H HD2  . HIS A 1 16 ? 4.645   12.452  -0.406  1.00 2.75  ? 16 HIS A HD2  1 
ATOM 242  H HE1  . HIS A 1 16 ? 8.500   13.612  -1.678  1.00 4.16  ? 16 HIS A HE1  1 
ATOM 243  N N    . LYS A 1 17 ? 7.995   9.247   2.895   1.00 0.59  ? 17 LYS A N    1 
ATOM 244  C CA   . LYS A 1 17 ? 9.344   8.802   3.348   1.00 0.57  ? 17 LYS A CA   1 
ATOM 245  C C    . LYS A 1 17 ? 9.539   7.309   3.048   1.00 0.50  ? 17 LYS A C    1 
ATOM 246  O O    . LYS A 1 17 ? 8.592   6.549   3.065   1.00 0.49  ? 17 LYS A O    1 
ATOM 247  C CB   . LYS A 1 17 ? 9.357   9.052   4.856   1.00 0.63  ? 17 LYS A CB   1 
ATOM 248  C CG   . LYS A 1 17 ? 10.093  10.360  5.152   1.00 1.43  ? 17 LYS A CG   1 
ATOM 249  C CD   . LYS A 1 17 ? 11.318  10.069  6.024   1.00 1.90  ? 17 LYS A CD   1 
ATOM 250  C CE   . LYS A 1 17 ? 12.247  11.285  6.023   1.00 2.29  ? 17 LYS A CE   1 
ATOM 251  N NZ   . LYS A 1 17 ? 13.583  10.746  5.641   1.00 3.07  ? 17 LYS A NZ   1 
ATOM 252  H H    . LYS A 1 17 ? 7.327   8.583   2.624   1.00 0.72  ? 17 LYS A H    1 
ATOM 253  H HA   . LYS A 1 17 ? 10.113  9.387   2.871   1.00 0.62  ? 17 LYS A HA   1 
ATOM 254  H HB2  . LYS A 1 17 ? 8.340   9.121   5.218   1.00 1.07  ? 17 LYS A HB2  1 
ATOM 255  H HB3  . LYS A 1 17 ? 9.860   8.236   5.353   1.00 1.26  ? 17 LYS A HB3  1 
ATOM 256  H HG2  . LYS A 1 17 ? 10.411  10.811  4.224   1.00 2.00  ? 17 LYS A HG2  1 
ATOM 257  H HG3  . LYS A 1 17 ? 9.434   11.035  5.675   1.00 1.95  ? 17 LYS A HG3  1 
ATOM 258  H HD2  . LYS A 1 17 ? 10.997  9.861   7.034   1.00 2.28  ? 17 LYS A HD2  1 
ATOM 259  H HD3  . LYS A 1 17 ? 11.845  9.214   5.630   1.00 2.40  ? 17 LYS A HD3  1 
ATOM 260  H HE2  . LYS A 1 17 ? 11.912  12.013  5.297   1.00 2.62  ? 17 LYS A HE2  1 
ATOM 261  H HE3  . LYS A 1 17 ? 12.294  11.724  7.006   1.00 2.52  ? 17 LYS A HE3  1 
ATOM 262  H HZ1  . LYS A 1 17 ? 14.298  11.495  5.731   1.00 3.41  ? 17 LYS A HZ1  1 
ATOM 263  H HZ2  . LYS A 1 17 ? 13.552  10.410  4.657   1.00 3.42  ? 17 LYS A HZ2  1 
ATOM 264  H HZ3  . LYS A 1 17 ? 13.832  9.956   6.271   1.00 3.48  ? 17 LYS A HZ3  1 
ATOM 265  N N    . PRO A 1 18 ? 10.768  6.936   2.780   1.00 0.53  ? 18 PRO A N    1 
ATOM 266  C CA   . PRO A 1 18 ? 11.076  5.518   2.475   1.00 0.52  ? 18 PRO A CA   1 
ATOM 267  C C    . PRO A 1 18 ? 11.013  4.671   3.748   1.00 0.48  ? 18 PRO A C    1 
ATOM 268  O O    . PRO A 1 18 ? 11.851  4.780   4.621   1.00 0.51  ? 18 PRO A O    1 
ATOM 269  C CB   . PRO A 1 18 ? 12.500  5.568   1.928   1.00 0.62  ? 18 PRO A CB   1 
ATOM 270  C CG   . PRO A 1 18 ? 13.097  6.809   2.510   1.00 0.67  ? 18 PRO A CG   1 
ATOM 271  C CD   . PRO A 1 18 ? 11.969  7.782   2.738   1.00 0.62  ? 18 PRO A CD   1 
ATOM 272  H HA   . PRO A 1 18 ? 10.406  5.133   1.725   1.00 0.52  ? 18 PRO A HA   1 
ATOM 273  H HB2  . PRO A 1 18 ? 13.055  4.695   2.247   1.00 0.65  ? 18 PRO A HB2  1 
ATOM 274  H HB3  . PRO A 1 18 ? 12.487  5.635   0.851   1.00 0.66  ? 18 PRO A HB3  1 
ATOM 275  H HG2  . PRO A 1 18 ? 13.583  6.578   3.448   1.00 0.69  ? 18 PRO A HG2  1 
ATOM 276  H HG3  . PRO A 1 18 ? 13.810  7.234   1.820   1.00 0.75  ? 18 PRO A HG3  1 
ATOM 277  H HD2  . PRO A 1 18 ? 12.104  8.302   3.676   1.00 0.65  ? 18 PRO A HD2  1 
ATOM 278  H HD3  . PRO A 1 18 ? 11.900  8.483   1.921   1.00 0.65  ? 18 PRO A HD3  1 
ATOM 279  N N    . LEU A 1 19 ? 10.027  3.826   3.859   1.00 0.43  ? 19 LEU A N    1 
ATOM 280  C CA   . LEU A 1 19 ? 9.911   2.970   5.073   1.00 0.41  ? 19 LEU A CA   1 
ATOM 281  C C    . LEU A 1 19 ? 11.031  1.923   5.084   1.00 0.39  ? 19 LEU A C    1 
ATOM 282  O O    . LEU A 1 19 ? 11.474  1.486   4.040   1.00 0.39  ? 19 LEU A O    1 
ATOM 283  C CB   . LEU A 1 19 ? 8.546   2.292   4.945   1.00 0.40  ? 19 LEU A CB   1 
ATOM 284  C CG   . LEU A 1 19 ? 7.852   2.265   6.307   1.00 0.55  ? 19 LEU A CG   1 
ATOM 285  C CD1  . LEU A 1 19 ? 6.397   2.708   6.146   1.00 0.94  ? 19 LEU A CD1  1 
ATOM 286  C CD2  . LEU A 1 19 ? 7.891   0.842   6.870   1.00 0.99  ? 19 LEU A CD2  1 
ATOM 287  H H    . LEU A 1 19 ? 9.362   3.752   3.143   1.00 0.43  ? 19 LEU A H    1 
ATOM 288  H HA   . LEU A 1 19 ? 9.944   3.572   5.967   1.00 0.45  ? 19 LEU A HA   1 
ATOM 289  H HB2  . LEU A 1 19 ? 7.937   2.841   4.240   1.00 0.46  ? 19 LEU A HB2  1 
ATOM 290  H HB3  . LEU A 1 19 ? 8.680   1.280   4.592   1.00 0.47  ? 19 LEU A HB3  1 
ATOM 291  H HG   . LEU A 1 19 ? 8.360   2.938   6.983   1.00 1.17  ? 19 LEU A HG   1 
ATOM 292  H HD11 . LEU A 1 19 ? 6.339   3.785   6.202   1.00 1.53  ? 19 LEU A HD11 1 
ATOM 293  H HD12 . LEU A 1 19 ? 5.799   2.273   6.934   1.00 1.42  ? 19 LEU A HD12 1 
ATOM 294  H HD13 . LEU A 1 19 ? 6.024   2.377   5.188   1.00 1.61  ? 19 LEU A HD13 1 
ATOM 295  H HD21 . LEU A 1 19 ? 7.815   0.879   7.947   1.00 1.53  ? 19 LEU A HD21 1 
ATOM 296  H HD22 . LEU A 1 19 ? 8.822   0.370   6.591   1.00 1.60  ? 19 LEU A HD22 1 
ATOM 297  H HD23 . LEU A 1 19 ? 7.065   0.274   6.469   1.00 1.51  ? 19 LEU A HD23 1 
ATOM 298  N N    . PRO A 1 20 ? 11.454  1.546   6.266   1.00 0.39  ? 20 PRO A N    1 
ATOM 299  C CA   . PRO A 1 20 ? 12.532  0.533   6.393   1.00 0.40  ? 20 PRO A CA   1 
ATOM 300  C C    . PRO A 1 20 ? 12.020  -0.837  5.939   1.00 0.34  ? 20 PRO A C    1 
ATOM 301  O O    . PRO A 1 20 ? 11.204  -1.452  6.595   1.00 0.33  ? 20 PRO A O    1 
ATOM 302  C CB   . PRO A 1 20 ? 12.857  0.539   7.885   1.00 0.46  ? 20 PRO A CB   1 
ATOM 303  C CG   . PRO A 1 20 ? 11.616  1.047   8.544   1.00 0.45  ? 20 PRO A CG   1 
ATOM 304  C CD   . PRO A 1 20 ? 10.982  2.012   7.577   1.00 0.42  ? 20 PRO A CD   1 
ATOM 305  H HA   . PRO A 1 20 ? 13.399  0.825   5.823   1.00 0.43  ? 20 PRO A HA   1 
ATOM 306  H HB2  . PRO A 1 20 ? 13.083  -0.463  8.223   1.00 0.46  ? 20 PRO A HB2  1 
ATOM 307  H HB3  . PRO A 1 20 ? 13.682  1.203   8.089   1.00 0.52  ? 20 PRO A HB3  1 
ATOM 308  H HG2  . PRO A 1 20 ? 10.942  0.226   8.747   1.00 0.43  ? 20 PRO A HG2  1 
ATOM 309  H HG3  . PRO A 1 20 ? 11.865  1.560   9.459   1.00 0.51  ? 20 PRO A HG3  1 
ATOM 310  H HD2  . PRO A 1 20 ? 9.905   1.957   7.640   1.00 0.40  ? 20 PRO A HD2  1 
ATOM 311  H HD3  . PRO A 1 20 ? 11.327  3.017   7.761   1.00 0.47  ? 20 PRO A HD3  1 
ATOM 312  N N    . TRP A 1 21 ? 12.492  -1.313  4.817   1.00 0.34  ? 21 TRP A N    1 
ATOM 313  C CA   . TRP A 1 21 ? 12.034  -2.640  4.306   1.00 0.32  ? 21 TRP A CA   1 
ATOM 314  C C    . TRP A 1 21 ? 12.059  -3.691  5.419   1.00 0.34  ? 21 TRP A C    1 
ATOM 315  O O    . TRP A 1 21 ? 11.314  -4.650  5.397   1.00 0.35  ? 21 TRP A O    1 
ATOM 316  C CB   . TRP A 1 21 ? 13.027  -2.998  3.202   1.00 0.36  ? 21 TRP A CB   1 
ATOM 317  C CG   . TRP A 1 21 ? 12.818  -2.081  2.040   1.00 0.40  ? 21 TRP A CG   1 
ATOM 318  C CD1  . TRP A 1 21 ? 13.548  -0.970  1.786   1.00 0.47  ? 21 TRP A CD1  1 
ATOM 319  C CD2  . TRP A 1 21 ? 11.827  -2.171  0.976   1.00 0.43  ? 21 TRP A CD2  1 
ATOM 320  N NE1  . TRP A 1 21 ? 13.069  -0.374  0.635   1.00 0.52  ? 21 TRP A NE1  1 
ATOM 321  C CE2  . TRP A 1 21 ? 12.007  -1.077  0.098   1.00 0.50  ? 21 TRP A CE2  1 
ATOM 322  C CE3  . TRP A 1 21 ? 10.799  -3.088  0.691   1.00 0.45  ? 21 TRP A CE3  1 
ATOM 323  C CZ2  . TRP A 1 21 ? 11.197  -0.897  -1.023  1.00 0.57  ? 21 TRP A CZ2  1 
ATOM 324  C CZ3  . TRP A 1 21 ? 9.981   -2.910  -0.437  1.00 0.55  ? 21 TRP A CZ3  1 
ATOM 325  C CH2  . TRP A 1 21 ? 10.179  -1.817  -1.292  1.00 0.60  ? 21 TRP A CH2  1 
ATOM 326  H H    . TRP A 1 21 ? 13.147  -0.794  4.305   1.00 0.37  ? 21 TRP A H    1 
ATOM 327  H HA   . TRP A 1 21 ? 11.041  -2.558  3.891   1.00 0.29  ? 21 TRP A HA   1 
ATOM 328  H HB2  . TRP A 1 21 ? 14.035  -2.888  3.573   1.00 0.40  ? 21 TRP A HB2  1 
ATOM 329  H HB3  . TRP A 1 21 ? 12.866  -4.019  2.888   1.00 0.36  ? 21 TRP A HB3  1 
ATOM 330  H HD1  . TRP A 1 21 ? 14.371  -0.609  2.386   1.00 0.52  ? 21 TRP A HD1  1 
ATOM 331  H HE1  . TRP A 1 21 ? 13.423  0.446   0.232   1.00 0.59  ? 21 TRP A HE1  1 
ATOM 332  H HE3  . TRP A 1 21 ? 10.637  -3.933  1.343   1.00 0.43  ? 21 TRP A HE3  1 
ATOM 333  H HZ2  . TRP A 1 21 ? 11.353  -0.054  -1.678  1.00 0.64  ? 21 TRP A HZ2  1 
ATOM 334  H HZ3  . TRP A 1 21 ? 9.194   -3.620  -0.646  1.00 0.61  ? 21 TRP A HZ3  1 
ATOM 335  H HH2  . TRP A 1 21 ? 9.548   -1.686  -2.158  1.00 0.68  ? 21 TRP A HH2  1 
ATOM 336  N N    . THR A 1 22 ? 12.902  -3.514  6.397   1.00 0.39  ? 22 THR A N    1 
ATOM 337  C CA   . THR A 1 22 ? 12.959  -4.501  7.511   1.00 0.43  ? 22 THR A CA   1 
ATOM 338  C C    . THR A 1 22 ? 11.573  -4.647  8.142   1.00 0.39  ? 22 THR A C    1 
ATOM 339  O O    . THR A 1 22 ? 11.186  -5.713  8.580   1.00 0.46  ? 22 THR A O    1 
ATOM 340  C CB   . THR A 1 22 ? 13.947  -3.909  8.516   1.00 0.51  ? 22 THR A CB   1 
ATOM 341  O OG1  . THR A 1 22 ? 13.755  -2.504  8.595   1.00 0.82  ? 22 THR A OG1  1 
ATOM 342  C CG2  . THR A 1 22 ? 15.378  -4.206  8.067   1.00 0.70  ? 22 THR A CG2  1 
ATOM 343  H H    . THR A 1 22 ? 13.491  -2.730  6.404   1.00 0.42  ? 22 THR A H    1 
ATOM 344  H HA   . THR A 1 22 ? 13.318  -5.454  7.155   1.00 0.47  ? 22 THR A HA   1 
ATOM 345  H HB   . THR A 1 22 ? 13.779  -4.350  9.485   1.00 0.72  ? 22 THR A HB   1 
ATOM 346  H HG1  . THR A 1 22 ? 13.627  -2.273  9.517   1.00 1.08  ? 22 THR A HG1  1 
ATOM 347  H HG21 . THR A 1 22 ? 15.649  -3.537  7.261   1.00 1.31  ? 22 THR A HG21 1 
ATOM 348  H HG22 . THR A 1 22 ? 15.444  -5.227  7.723   1.00 1.19  ? 22 THR A HG22 1 
ATOM 349  H HG23 . THR A 1 22 ? 16.054  -4.061  8.897   1.00 1.14  ? 22 THR A HG23 1 
ATOM 350  N N    . TRP A 1 23 ? 10.823  -3.580  8.189   1.00 0.33  ? 23 TRP A N    1 
ATOM 351  C CA   . TRP A 1 23 ? 9.462   -3.646  8.785   1.00 0.34  ? 23 TRP A CA   1 
ATOM 352  C C    . TRP A 1 23 ? 8.390   -3.588  7.691   1.00 0.30  ? 23 TRP A C    1 
ATOM 353  O O    . TRP A 1 23 ? 7.212   -3.504  7.974   1.00 0.39  ? 23 TRP A O    1 
ATOM 354  C CB   . TRP A 1 23 ? 9.369   -2.414  9.693   1.00 0.38  ? 23 TRP A CB   1 
ATOM 355  C CG   . TRP A 1 23 ? 9.936   -2.714  11.052  1.00 0.68  ? 23 TRP A CG   1 
ATOM 356  C CD1  . TRP A 1 23 ? 10.577  -3.857  11.408  1.00 0.78  ? 23 TRP A CD1  1 
ATOM 357  C CD2  . TRP A 1 23 ? 9.924   -1.871  12.240  1.00 1.16  ? 23 TRP A CD2  1 
ATOM 358  N NE1  . TRP A 1 23 ? 10.953  -3.765  12.735  1.00 1.26  ? 23 TRP A NE1  1 
ATOM 359  C CE2  . TRP A 1 23 ? 10.573  -2.561  13.292  1.00 1.52  ? 23 TRP A CE2  1 
ATOM 360  C CE3  . TRP A 1 23 ? 9.416   -0.587  12.505  1.00 1.35  ? 23 TRP A CE3  1 
ATOM 361  C CZ2  . TRP A 1 23 ? 10.713  -1.995  14.561  1.00 2.04  ? 23 TRP A CZ2  1 
ATOM 362  C CZ3  . TRP A 1 23 ? 9.555   -0.014  13.781  1.00 1.89  ? 23 TRP A CZ3  1 
ATOM 363  C CH2  . TRP A 1 23 ? 10.202  -0.718  14.806  1.00 2.23  ? 23 TRP A CH2  1 
ATOM 364  H H    . TRP A 1 23 ? 11.155  -2.735  7.829   1.00 0.34  ? 23 TRP A H    1 
ATOM 365  H HA   . TRP A 1 23 ? 9.354   -4.541  9.371   1.00 0.37  ? 23 TRP A HA   1 
ATOM 366  H HB2  . TRP A 1 23 ? 9.924   -1.601  9.247   1.00 0.54  ? 23 TRP A HB2  1 
ATOM 367  H HB3  . TRP A 1 23 ? 8.333   -2.124  9.795   1.00 0.58  ? 23 TRP A HB3  1 
ATOM 368  H HD1  . TRP A 1 23 ? 10.762  -4.699  10.760  1.00 0.63  ? 23 TRP A HD1  1 
ATOM 369  H HE1  . TRP A 1 23 ? 11.431  -4.458  13.237  1.00 1.43  ? 23 TRP A HE1  1 
ATOM 370  H HE3  . TRP A 1 23 ? 8.915   -0.035  11.722  1.00 1.12  ? 23 TRP A HE3  1 
ATOM 371  H HZ2  . TRP A 1 23 ? 11.213  -2.542  15.347  1.00 2.32  ? 23 TRP A HZ2  1 
ATOM 372  H HZ3  . TRP A 1 23 ? 9.161   0.972   13.972  1.00 2.05  ? 23 TRP A HZ3  1 
ATOM 373  H HH2  . TRP A 1 23 ? 10.307  -0.273  15.784  1.00 2.64  ? 23 TRP A HH2  1 
ATOM 374  N N    . VAL A 1 24 ? 8.779   -3.637  6.444   1.00 0.25  ? 24 VAL A N    1 
ATOM 375  C CA   . VAL A 1 24 ? 7.765   -3.589  5.354   1.00 0.23  ? 24 VAL A CA   1 
ATOM 376  C C    . VAL A 1 24 ? 7.380   -5.010  4.935   1.00 0.25  ? 24 VAL A C    1 
ATOM 377  O O    . VAL A 1 24 ? 8.186   -5.918  4.979   1.00 0.36  ? 24 VAL A O    1 
ATOM 378  C CB   . VAL A 1 24 ? 8.432   -2.849  4.196   1.00 0.24  ? 24 VAL A CB   1 
ATOM 379  C CG1  . VAL A 1 24 ? 7.420   -2.682  3.060   1.00 0.26  ? 24 VAL A CG1  1 
ATOM 380  C CG2  . VAL A 1 24 ? 8.895   -1.468  4.667   1.00 0.27  ? 24 VAL A CG2  1 
ATOM 381  H H    . VAL A 1 24 ? 9.730   -3.707  6.225   1.00 0.29  ? 24 VAL A H    1 
ATOM 382  H HA   . VAL A 1 24 ? 6.897   -3.046  5.681   1.00 0.25  ? 24 VAL A HA   1 
ATOM 383  H HB   . VAL A 1 24 ? 9.280   -3.418  3.844   1.00 0.25  ? 24 VAL A HB   1 
ATOM 384  H HG11 . VAL A 1 24 ? 6.617   -3.394  3.185   1.00 0.98  ? 24 VAL A HG11 1 
ATOM 385  H HG12 . VAL A 1 24 ? 7.908   -2.853  2.113   1.00 0.96  ? 24 VAL A HG12 1 
ATOM 386  H HG13 . VAL A 1 24 ? 7.017   -1.679  3.081   1.00 1.05  ? 24 VAL A HG13 1 
ATOM 387  H HG21 . VAL A 1 24 ? 9.720   -1.137  4.054   1.00 1.03  ? 24 VAL A HG21 1 
ATOM 388  H HG22 . VAL A 1 24 ? 9.213   -1.525  5.697   1.00 1.06  ? 24 VAL A HG22 1 
ATOM 389  H HG23 . VAL A 1 24 ? 8.079   -0.767  4.581   1.00 1.07  ? 24 VAL A HG23 1 
ATOM 390  N N    . ARG A 1 25 ? 6.156   -5.211  4.531   1.00 0.28  ? 25 ARG A N    1 
ATOM 391  C CA   . ARG A 1 25 ? 5.726   -6.577  4.115   1.00 0.33  ? 25 ARG A CA   1 
ATOM 392  C C    . ARG A 1 25 ? 5.157   -6.551  2.695   1.00 0.30  ? 25 ARG A C    1 
ATOM 393  O O    . ARG A 1 25 ? 5.669   -7.193  1.800   1.00 0.35  ? 25 ARG A O    1 
ATOM 394  C CB   . ARG A 1 25 ? 4.641   -6.973  5.116   1.00 0.42  ? 25 ARG A CB   1 
ATOM 395  C CG   . ARG A 1 25 ? 4.080   -8.345  4.739   1.00 0.70  ? 25 ARG A CG   1 
ATOM 396  C CD   . ARG A 1 25 ? 4.008   -9.227  5.987   1.00 1.06  ? 25 ARG A CD   1 
ATOM 397  N NE   . ARG A 1 25 ? 3.509   -10.542 5.498   1.00 1.31  ? 25 ARG A NE   1 
ATOM 398  C CZ   . ARG A 1 25 ? 4.339   -11.401 4.974   1.00 1.65  ? 25 ARG A CZ   1 
ATOM 399  N NH1  . ARG A 1 25 ? 5.422   -11.737 5.619   1.00 2.08  ? 25 ARG A NH1  1 
ATOM 400  N NH2  . ARG A 1 25 ? 4.087   -11.924 3.805   1.00 2.20  ? 25 ARG A NH2  1 
ATOM 401  H H    . ARG A 1 25 ? 5.520   -4.467  4.505   1.00 0.36  ? 25 ARG A H    1 
ATOM 402  H HA   . ARG A 1 25 ? 6.553   -7.267  4.178   1.00 0.37  ? 25 ARG A HA   1 
ATOM 403  H HB2  . ARG A 1 25 ? 5.065   -7.015  6.108   1.00 0.61  ? 25 ARG A HB2  1 
ATOM 404  H HB3  . ARG A 1 25 ? 3.846   -6.243  5.093   1.00 0.66  ? 25 ARG A HB3  1 
ATOM 405  H HG2  . ARG A 1 25 ? 3.090   -8.227  4.323   1.00 1.31  ? 25 ARG A HG2  1 
ATOM 406  H HG3  . ARG A 1 25 ? 4.725   -8.810  4.009   1.00 1.15  ? 25 ARG A HG3  1 
ATOM 407  H HD2  . ARG A 1 25 ? 4.991   -9.334  6.426   1.00 1.67  ? 25 ARG A HD2  1 
ATOM 408  H HD3  . ARG A 1 25 ? 3.317   -8.811  6.703   1.00 1.69  ? 25 ARG A HD3  1 
ATOM 409  H HE   . ARG A 1 25 ? 2.556   -10.762 5.570   1.00 1.90  ? 25 ARG A HE   1 
ATOM 410  H HH11 . ARG A 1 25 ? 5.616   -11.337 6.514   1.00 2.24  ? 25 ARG A HH11 1 
ATOM 411  H HH12 . ARG A 1 25 ? 6.059   -12.396 5.218   1.00 2.58  ? 25 ARG A HH12 1 
ATOM 412  H HH21 . ARG A 1 25 ? 3.256   -11.666 3.311   1.00 2.42  ? 25 ARG A HH21 1 
ATOM 413  H HH22 . ARG A 1 25 ? 4.724   -12.582 3.404   1.00 2.69  ? 25 ARG A HH22 1 
ATOM 414  N N    . SER A 1 26 ? 4.100   -5.817  2.480   1.00 0.30  ? 26 SER A N    1 
ATOM 415  C CA   . SER A 1 26 ? 3.501   -5.761  1.114   1.00 0.33  ? 26 SER A CA   1 
ATOM 416  C C    . SER A 1 26 ? 2.758   -4.441  0.911   1.00 0.28  ? 26 SER A C    1 
ATOM 417  O O    . SER A 1 26 ? 3.067   -3.440  1.525   1.00 0.24  ? 26 SER A O    1 
ATOM 418  C CB   . SER A 1 26 ? 2.525   -6.936  1.060   1.00 0.42  ? 26 SER A CB   1 
ATOM 419  O OG   . SER A 1 26 ? 1.309   -6.566  1.696   1.00 0.46  ? 26 SER A OG   1 
ATOM 420  H H    . SER A 1 26 ? 3.698   -5.307  3.216   1.00 0.34  ? 26 SER A H    1 
ATOM 421  H HA   . SER A 1 26 ? 4.266   -5.883  0.364   1.00 0.38  ? 26 SER A HA   1 
ATOM 422  H HB2  . SER A 1 26 ? 2.324   -7.191  0.032   1.00 0.48  ? 26 SER A HB2  1 
ATOM 423  H HB3  . SER A 1 26 ? 2.961   -7.788  1.562   1.00 0.50  ? 26 SER A HB3  1 
ATOM 424  H HG   . SER A 1 26 ? 1.510   -6.320  2.602   1.00 0.87  ? 26 SER A HG   1 
ATOM 425  N N    . TYR A 1 27 ? 1.777   -4.433  0.051   1.00 0.33  ? 27 TYR A N    1 
ATOM 426  C CA   . TYR A 1 27 ? 1.012   -3.179  -0.194  1.00 0.31  ? 27 TYR A CA   1 
ATOM 427  C C    . TYR A 1 27 ? -0.394  -3.511  -0.725  1.00 0.31  ? 27 TYR A C    1 
ATOM 428  O O    . TYR A 1 27 ? -0.787  -4.658  -0.785  1.00 0.34  ? 27 TYR A O    1 
ATOM 429  C CB   . TYR A 1 27 ? 1.854   -2.404  -1.232  1.00 0.32  ? 27 TYR A CB   1 
ATOM 430  C CG   . TYR A 1 27 ? 1.480   -2.807  -2.644  1.00 0.36  ? 27 TYR A CG   1 
ATOM 431  C CD1  . TYR A 1 27 ? 1.836   -4.068  -3.132  1.00 0.56  ? 27 TYR A CD1  1 
ATOM 432  C CD2  . TYR A 1 27 ? 0.762   -1.919  -3.453  1.00 0.49  ? 27 TYR A CD2  1 
ATOM 433  C CE1  . TYR A 1 27 ? 1.476   -4.441  -4.432  1.00 0.73  ? 27 TYR A CE1  1 
ATOM 434  C CE2  . TYR A 1 27 ? 0.401   -2.292  -4.751  1.00 0.66  ? 27 TYR A CE2  1 
ATOM 435  C CZ   . TYR A 1 27 ? 0.758   -3.553  -5.242  1.00 0.74  ? 27 TYR A CZ   1 
ATOM 436  O OH   . TYR A 1 27 ? 0.402   -3.919  -6.523  1.00 0.96  ? 27 TYR A OH   1 
ATOM 437  H H    . TYR A 1 27 ? 1.544   -5.254  -0.433  1.00 0.40  ? 27 TYR A H    1 
ATOM 438  H HA   . TYR A 1 27 ? 0.939   -2.605  0.717   1.00 0.31  ? 27 TYR A HA   1 
ATOM 439  H HB2  . TYR A 1 27 ? 1.687   -1.345  -1.110  1.00 0.37  ? 27 TYR A HB2  1 
ATOM 440  H HB3  . TYR A 1 27 ? 2.900   -2.617  -1.069  1.00 0.44  ? 27 TYR A HB3  1 
ATOM 441  H HD1  . TYR A 1 27 ? 2.390   -4.753  -2.507  1.00 0.69  ? 27 TYR A HD1  1 
ATOM 442  H HD2  . TYR A 1 27 ? 0.488   -0.946  -3.074  1.00 0.59  ? 27 TYR A HD2  1 
ATOM 443  H HE1  . TYR A 1 27 ? 1.752   -5.414  -4.809  1.00 0.94  ? 27 TYR A HE1  1 
ATOM 444  H HE2  . TYR A 1 27 ? -0.152  -1.605  -5.374  1.00 0.82  ? 27 TYR A HE2  1 
ATOM 445  H HH   . TYR A 1 27 ? 0.583   -3.177  -7.105  1.00 1.30  ? 27 TYR A HH   1 
ATOM 446  N N    . GLU A 1 28 ? -1.139  -2.514  -1.126  1.00 0.29  ? 28 GLU A N    1 
ATOM 447  C CA   . GLU A 1 28 ? -2.506  -2.769  -1.668  1.00 0.30  ? 28 GLU A CA   1 
ATOM 448  C C    . GLU A 1 28 ? -3.146  -1.456  -2.126  1.00 0.29  ? 28 GLU A C    1 
ATOM 449  O O    . GLU A 1 28 ? -3.046  -0.442  -1.463  1.00 0.36  ? 28 GLU A O    1 
ATOM 450  C CB   . GLU A 1 28 ? -3.301  -3.371  -0.506  1.00 0.34  ? 28 GLU A CB   1 
ATOM 451  C CG   . GLU A 1 28 ? -3.348  -2.372  0.651   1.00 0.37  ? 28 GLU A CG   1 
ATOM 452  C CD   . GLU A 1 28 ? -3.897  -3.062  1.901   1.00 0.70  ? 28 GLU A CD   1 
ATOM 453  O OE1  . GLU A 1 28 ? -3.368  -4.099  2.262   1.00 1.43  ? 28 GLU A OE1  1 
ATOM 454  O OE2  . GLU A 1 28 ? -4.837  -2.539  2.477   1.00 1.32  ? 28 GLU A OE2  1 
ATOM 455  H H    . GLU A 1 28 ? -0.794  -1.598  -1.080  1.00 0.28  ? 28 GLU A H    1 
ATOM 456  H HA   . GLU A 1 28 ? -2.459  -3.470  -2.488  1.00 0.31  ? 28 GLU A HA   1 
ATOM 457  H HB2  . GLU A 1 28 ? -4.307  -3.590  -0.835  1.00 0.36  ? 28 GLU A HB2  1 
ATOM 458  H HB3  . GLU A 1 28 ? -2.826  -4.281  -0.174  1.00 0.37  ? 28 GLU A HB3  1 
ATOM 459  H HG2  . GLU A 1 28 ? -2.352  -2.004  0.850   1.00 0.61  ? 28 GLU A HG2  1 
ATOM 460  H HG3  . GLU A 1 28 ? -3.991  -1.546  0.387   1.00 0.58  ? 28 GLU A HG3  1 
ATOM 461  N N    . PHE A 1 29 ? -3.804  -1.464  -3.253  1.00 0.26  ? 29 PHE A N    1 
ATOM 462  C CA   . PHE A 1 29 ? -4.450  -0.214  -3.745  1.00 0.25  ? 29 PHE A CA   1 
ATOM 463  C C    . PHE A 1 29 ? -5.837  -0.057  -3.111  1.00 0.28  ? 29 PHE A C    1 
ATOM 464  O O    . PHE A 1 29 ? -6.508  -1.027  -2.820  1.00 0.34  ? 29 PHE A O    1 
ATOM 465  C CB   . PHE A 1 29 ? -4.568  -0.396  -5.258  1.00 0.28  ? 29 PHE A CB   1 
ATOM 466  C CG   . PHE A 1 29 ? -4.188  0.890   -5.954  1.00 0.41  ? 29 PHE A CG   1 
ATOM 467  C CD1  . PHE A 1 29 ? -4.971  2.037   -5.781  1.00 0.66  ? 29 PHE A CD1  1 
ATOM 468  C CD2  . PHE A 1 29 ? -3.052  0.935   -6.772  1.00 0.66  ? 29 PHE A CD2  1 
ATOM 469  C CE1  . PHE A 1 29 ? -4.620  3.228   -6.426  1.00 0.93  ? 29 PHE A CE1  1 
ATOM 470  C CE2  . PHE A 1 29 ? -2.702  2.127   -7.418  1.00 0.91  ? 29 PHE A CE2  1 
ATOM 471  C CZ   . PHE A 1 29 ? -3.486  3.273   -7.245  1.00 0.99  ? 29 PHE A CZ   1 
ATOM 472  H H    . PHE A 1 29 ? -3.875  -2.291  -3.773  1.00 0.29  ? 29 PHE A H    1 
ATOM 473  H HA   . PHE A 1 29 ? -3.834  0.643   -3.523  1.00 0.25  ? 29 PHE A HA   1 
ATOM 474  H HB2  . PHE A 1 29 ? -3.907  -1.188  -5.578  1.00 0.43  ? 29 PHE A HB2  1 
ATOM 475  H HB3  . PHE A 1 29 ? -5.586  -0.653  -5.512  1.00 0.38  ? 29 PHE A HB3  1 
ATOM 476  H HD1  . PHE A 1 29 ? -5.847  2.002   -5.149  1.00 0.80  ? 29 PHE A HD1  1 
ATOM 477  H HD2  . PHE A 1 29 ? -2.447  0.051   -6.905  1.00 0.82  ? 29 PHE A HD2  1 
ATOM 478  H HE1  . PHE A 1 29 ? -5.226  4.113   -6.293  1.00 1.20  ? 29 PHE A HE1  1 
ATOM 479  H HE2  . PHE A 1 29 ? -1.826  2.162   -8.049  1.00 1.15  ? 29 PHE A HE2  1 
ATOM 480  H HZ   . PHE A 1 29 ? -3.216  4.193   -7.743  1.00 1.24  ? 29 PHE A HZ   1 
ATOM 481  N N    . THR A 1 30 ? -6.267  1.155   -2.892  1.00 0.33  ? 30 THR A N    1 
ATOM 482  C CA   . THR A 1 30 ? -7.608  1.368   -2.274  1.00 0.38  ? 30 THR A CA   1 
ATOM 483  C C    . THR A 1 30 ? -8.712  0.886   -3.218  1.00 0.44  ? 30 THR A C    1 
ATOM 484  O O    . THR A 1 30 ? -8.450  0.424   -4.310  1.00 0.47  ? 30 THR A O    1 
ATOM 485  C CB   . THR A 1 30 ? -7.710  2.878   -2.058  1.00 0.39  ? 30 THR A CB   1 
ATOM 486  O OG1  . THR A 1 30 ? -7.047  3.551   -3.119  1.00 0.41  ? 30 THR A OG1  1 
ATOM 487  C CG2  . THR A 1 30 ? -7.056  3.250   -0.726  1.00 0.47  ? 30 THR A CG2  1 
ATOM 488  H H    . THR A 1 30 ? -5.710  1.925   -3.132  1.00 0.39  ? 30 THR A H    1 
ATOM 489  H HA   . THR A 1 30 ? -7.671  0.857   -1.327  1.00 0.45  ? 30 THR A HA   1 
ATOM 490  H HB   . THR A 1 30 ? -8.748  3.171   -2.037  1.00 0.43  ? 30 THR A HB   1 
ATOM 491  H HG1  . THR A 1 30 ? -7.466  3.289   -3.942  1.00 0.55  ? 30 THR A HG1  1 
ATOM 492  H HG21 . THR A 1 30 ? -7.410  2.584   0.047   1.00 1.14  ? 30 THR A HG21 1 
ATOM 493  H HG22 . THR A 1 30 ? -7.312  4.268   -0.470  1.00 1.07  ? 30 THR A HG22 1 
ATOM 494  H HG23 . THR A 1 30 ? -5.983  3.161   -0.814  1.00 1.08  ? 30 THR A HG23 1 
ATOM 495  N N    . SER A 1 31 ? -9.945  0.989   -2.803  1.00 0.56  ? 31 SER A N    1 
ATOM 496  C CA   . SER A 1 31 ? -11.066 0.536   -3.673  1.00 0.67  ? 31 SER A CA   1 
ATOM 497  C C    . SER A 1 31 ? -11.442 1.636   -4.670  1.00 0.66  ? 31 SER A C    1 
ATOM 498  O O    . SER A 1 31 ? -10.940 2.741   -4.609  1.00 0.66  ? 31 SER A O    1 
ATOM 499  C CB   . SER A 1 31 ? -12.225 0.265   -2.715  1.00 0.81  ? 31 SER A CB   1 
ATOM 500  O OG   . SER A 1 31 ? -13.237 -0.463  -3.398  1.00 1.73  ? 31 SER A OG   1 
ATOM 501  H H    . SER A 1 31 ? -10.134 1.363   -1.919  1.00 0.61  ? 31 SER A H    1 
ATOM 502  H HA   . SER A 1 31 ? -10.797 -0.368  -4.192  1.00 0.75  ? 31 SER A HA   1 
ATOM 503  H HB2  . SER A 1 31 ? -11.874 -0.315  -1.878  1.00 1.22  ? 31 SER A HB2  1 
ATOM 504  H HB3  . SER A 1 31 ? -12.623 1.205   -2.357  1.00 1.30  ? 31 SER A HB3  1 
ATOM 505  H HG   . SER A 1 31 ? -13.710 -0.992  -2.751  1.00 1.93  ? 31 SER A HG   1 
ATOM 506  N N    . ASN A 1 32 ? -12.322 1.342   -5.586  1.00 0.75  ? 32 ASN A N    1 
ATOM 507  C CA   . ASN A 1 32 ? -12.731 2.370   -6.586  1.00 0.82  ? 32 ASN A CA   1 
ATOM 508  C C    . ASN A 1 32 ? -13.855 3.241   -6.017  1.00 0.86  ? 32 ASN A C    1 
ATOM 509  O O    . ASN A 1 32 ? -14.030 4.379   -6.406  1.00 1.32  ? 32 ASN A O    1 
ATOM 510  C CB   . ASN A 1 32 ? -13.226 1.576   -7.794  1.00 0.96  ? 32 ASN A CB   1 
ATOM 511  C CG   . ASN A 1 32 ? -12.067 1.346   -8.765  1.00 1.89  ? 32 ASN A CG   1 
ATOM 512  O OD1  . ASN A 1 32 ? -11.501 2.286   -9.287  1.00 2.68  ? 32 ASN A OD1  1 
ATOM 513  N ND2  . ASN A 1 32 ? -11.686 0.127   -9.032  1.00 2.52  ? 32 ASN A ND2  1 
ATOM 514  H H    . ASN A 1 32 ? -12.717 0.445   -5.618  1.00 0.83  ? 32 ASN A H    1 
ATOM 515  H HA   . ASN A 1 32 ? -11.887 2.981   -6.867  1.00 0.82  ? 32 ASN A HA   1 
ATOM 516  H HB2  . ASN A 1 32 ? -13.614 0.622   -7.464  1.00 1.34  ? 32 ASN A HB2  1 
ATOM 517  H HB3  . ASN A 1 32 ? -14.008 2.128   -8.294  1.00 1.38  ? 32 ASN A HB3  1 
ATOM 518  H HD21 . ASN A 1 32 ? -12.141 -0.632  -8.611  1.00 2.49  ? 32 ASN A HD21 1 
ATOM 519  H HD22 . ASN A 1 32 ? -10.944 -0.030  -9.653  1.00 3.34  ? 32 ASN A HD22 1 
ATOM 520  N N    . SER A 1 33 ? -14.619 2.715   -5.099  1.00 0.78  ? 33 SER A N    1 
ATOM 521  C CA   . SER A 1 33 ? -15.729 3.514   -4.506  1.00 0.81  ? 33 SER A CA   1 
ATOM 522  C C    . SER A 1 33 ? -15.163 4.631   -3.626  1.00 0.77  ? 33 SER A C    1 
ATOM 523  O O    . SER A 1 33 ? -15.796 5.646   -3.410  1.00 1.10  ? 33 SER A O    1 
ATOM 524  C CB   . SER A 1 33 ? -16.528 2.520   -3.664  1.00 0.92  ? 33 SER A CB   1 
ATOM 525  O OG   . SER A 1 33 ? -17.670 3.172   -3.125  1.00 1.66  ? 33 SER A OG   1 
ATOM 526  H H    . SER A 1 33 ? -14.462 1.796   -4.798  1.00 1.03  ? 33 SER A H    1 
ATOM 527  H HA   . SER A 1 33 ? -16.355 3.925   -5.283  1.00 0.90  ? 33 SER A HA   1 
ATOM 528  H HB2  . SER A 1 33 ? -16.848 1.697   -4.281  1.00 1.29  ? 33 SER A HB2  1 
ATOM 529  H HB3  . SER A 1 33 ? -15.904 2.145   -2.864  1.00 1.37  ? 33 SER A HB3  1 
ATOM 530  H HG   . SER A 1 33 ? -17.895 2.740   -2.298  1.00 1.97  ? 33 SER A HG   1 
ATOM 531  N N    . CYS A 1 34 ? -13.973 4.453   -3.119  1.00 0.71  ? 34 CYS A N    1 
ATOM 532  C CA   . CYS A 1 34 ? -13.368 5.507   -2.254  1.00 0.71  ? 34 CYS A CA   1 
ATOM 533  C C    . CYS A 1 34 ? -13.319 6.840   -3.005  1.00 0.79  ? 34 CYS A C    1 
ATOM 534  O O    . CYS A 1 34 ? -13.170 6.880   -4.210  1.00 0.98  ? 34 CYS A O    1 
ATOM 535  C CB   . CYS A 1 34 ? -11.953 5.011   -1.953  1.00 0.68  ? 34 CYS A CB   1 
ATOM 536  S SG   . CYS A 1 34 ? -12.037 3.503   -0.956  1.00 0.98  ? 34 CYS A SG   1 
ATOM 537  H H    . CYS A 1 34 ? -13.478 3.629   -3.306  1.00 0.93  ? 34 CYS A H    1 
ATOM 538  H HA   . CYS A 1 34 ? -13.925 5.609   -1.338  1.00 0.78  ? 34 CYS A HA   1 
ATOM 539  H HB2  . CYS A 1 34 ? -11.440 4.799   -2.881  1.00 0.80  ? 34 CYS A HB2  1 
ATOM 540  H HB3  . CYS A 1 34 ? -11.413 5.772   -1.410  1.00 0.92  ? 34 CYS A HB3  1 
ATOM 541  N N    . SER A 1 35 ? -13.442 7.932   -2.302  1.00 0.85  ? 35 SER A N    1 
ATOM 542  C CA   . SER A 1 35 ? -13.401 9.261   -2.977  1.00 1.01  ? 35 SER A CA   1 
ATOM 543  C C    . SER A 1 35 ? -11.951 9.705   -3.211  1.00 0.84  ? 35 SER A C    1 
ATOM 544  O O    . SER A 1 35 ? -11.697 10.689  -3.875  1.00 1.02  ? 35 SER A O    1 
ATOM 545  C CB   . SER A 1 35 ? -14.103 10.217  -2.013  1.00 1.23  ? 35 SER A CB   1 
ATOM 546  O OG   . SER A 1 35 ? -15.485 9.890   -1.952  1.00 1.71  ? 35 SER A OG   1 
ATOM 547  H H    . SER A 1 35 ? -13.560 7.879   -1.330  1.00 0.92  ? 35 SER A H    1 
ATOM 548  H HA   . SER A 1 35 ? -13.938 9.225   -3.911  1.00 1.22  ? 35 SER A HA   1 
ATOM 549  H HB2  . SER A 1 35 ? -13.672 10.120  -1.030  1.00 1.53  ? 35 SER A HB2  1 
ATOM 550  H HB3  . SER A 1 35 ? -13.977 11.234  -2.360  1.00 1.72  ? 35 SER A HB3  1 
ATOM 551  H HG   . SER A 1 35 ? -15.665 9.523   -1.083  1.00 1.95  ? 35 SER A HG   1 
ATOM 552  N N    . GLN A 1 36 ? -10.997 8.991   -2.673  1.00 0.69  ? 36 GLN A N    1 
ATOM 553  C CA   . GLN A 1 36 ? -9.573  9.385   -2.874  1.00 0.72  ? 36 GLN A CA   1 
ATOM 554  C C    . GLN A 1 36 ? -8.711  8.147   -3.135  1.00 0.62  ? 36 GLN A C    1 
ATOM 555  O O    . GLN A 1 36 ? -8.208  7.523   -2.222  1.00 0.88  ? 36 GLN A O    1 
ATOM 556  C CB   . GLN A 1 36 ? -9.162  10.055  -1.562  1.00 0.88  ? 36 GLN A CB   1 
ATOM 557  C CG   . GLN A 1 36 ? -8.183  11.195  -1.856  1.00 1.48  ? 36 GLN A CG   1 
ATOM 558  C CD   . GLN A 1 36 ? -7.681  11.788  -0.539  1.00 2.10  ? 36 GLN A CD   1 
ATOM 559  O OE1  . GLN A 1 36 ? -8.294  11.607  0.495   1.00 2.74  ? 36 GLN A OE1  1 
ATOM 560  N NE2  . GLN A 1 36 ? -6.584  12.493  -0.530  1.00 2.64  ? 36 GLN A NE2  1 
ATOM 561  H H    . GLN A 1 36 ? -11.214 8.201   -2.138  1.00 0.74  ? 36 GLN A H    1 
ATOM 562  H HA   . GLN A 1 36 ? -9.487  10.085  -3.688  1.00 0.89  ? 36 GLN A HA   1 
ATOM 563  H HB2  . GLN A 1 36 ? -10.038 10.451  -1.070  1.00 0.96  ? 36 GLN A HB2  1 
ATOM 564  H HB3  . GLN A 1 36 ? -8.684  9.330   -0.921  1.00 1.14  ? 36 GLN A HB3  1 
ATOM 565  H HG2  . GLN A 1 36 ? -7.346  10.813  -2.423  1.00 2.04  ? 36 GLN A HG2  1 
ATOM 566  H HG3  . GLN A 1 36 ? -8.684  11.963  -2.426  1.00 1.92  ? 36 GLN A HG3  1 
ATOM 567  H HE21 . GLN A 1 36 ? -6.089  12.638  -1.363  1.00 2.70  ? 36 GLN A HE21 1 
ATOM 568  H HE22 . GLN A 1 36 ? -6.254  12.878  0.309   1.00 3.31  ? 36 GLN A HE22 1 
ATOM 569  N N    . ARG A 1 37 ? -8.534  7.788   -4.378  1.00 0.55  ? 37 ARG A N    1 
ATOM 570  C CA   . ARG A 1 37 ? -7.703  6.590   -4.696  1.00 0.50  ? 37 ARG A CA   1 
ATOM 571  C C    . ARG A 1 37 ? -6.284  6.773   -4.149  1.00 0.42  ? 37 ARG A C    1 
ATOM 572  O O    . ARG A 1 37 ? -5.646  7.782   -4.377  1.00 0.50  ? 37 ARG A O    1 
ATOM 573  C CB   . ARG A 1 37 ? -7.684  6.514   -6.223  1.00 0.66  ? 37 ARG A CB   1 
ATOM 574  C CG   . ARG A 1 37 ? -9.114  6.355   -6.744  1.00 1.40  ? 37 ARG A CG   1 
ATOM 575  C CD   . ARG A 1 37 ? -9.330  7.290   -7.936  1.00 1.78  ? 37 ARG A CD   1 
ATOM 576  N NE   . ARG A 1 37 ? -10.130 6.495   -8.907  1.00 2.38  ? 37 ARG A NE   1 
ATOM 577  C CZ   . ARG A 1 37 ? -9.761  6.429   -10.157 1.00 2.87  ? 37 ARG A CZ   1 
ATOM 578  N NH1  . ARG A 1 37 ? -10.119 7.364   -10.993 1.00 3.12  ? 37 ARG A NH1  1 
ATOM 579  N NH2  . ARG A 1 37 ? -9.034  5.427   -10.571 1.00 3.58  ? 37 ARG A NH2  1 
ATOM 580  H H    . ARG A 1 37 ? -8.946  8.304   -5.102  1.00 0.74  ? 37 ARG A H    1 
ATOM 581  H HA   . ARG A 1 37 ? -8.152  5.699   -4.287  1.00 0.52  ? 37 ARG A HA   1 
ATOM 582  H HB2  . ARG A 1 37 ? -7.252  7.420   -6.623  1.00 1.12  ? 37 ARG A HB2  1 
ATOM 583  H HB3  . ARG A 1 37 ? -7.093  5.666   -6.534  1.00 1.30  ? 37 ARG A HB3  1 
ATOM 584  H HG2  . ARG A 1 37 ? -9.271  5.332   -7.054  1.00 2.04  ? 37 ARG A HG2  1 
ATOM 585  H HG3  . ARG A 1 37 ? -9.813  6.606   -5.961  1.00 1.95  ? 37 ARG A HG3  1 
ATOM 586  H HD2  . ARG A 1 37 ? -9.876  8.171   -7.627  1.00 2.10  ? 37 ARG A HD2  1 
ATOM 587  H HD3  . ARG A 1 37 ? -8.384  7.566   -8.374  1.00 2.22  ? 37 ARG A HD3  1 
ATOM 588  H HE   . ARG A 1 37 ? -10.934 6.020   -8.608  1.00 2.86  ? 37 ARG A HE   1 
ATOM 589  H HH11 . ARG A 1 37 ? -10.676 8.131   -10.677 1.00 3.06  ? 37 ARG A HH11 1 
ATOM 590  H HH12 . ARG A 1 37 ? -9.836  7.313   -11.951 1.00 3.67  ? 37 ARG A HH12 1 
ATOM 591  H HH21 . ARG A 1 37 ? -8.759  4.711   -9.929  1.00 3.74  ? 37 ARG A HH21 1 
ATOM 592  H HH22 . ARG A 1 37 ? -8.751  5.376   -11.528 1.00 4.17  ? 37 ARG A HH22 1 
ATOM 593  N N    . ALA A 1 38 ? -5.785  5.805   -3.431  1.00 0.34  ? 38 ALA A N    1 
ATOM 594  C CA   . ALA A 1 38 ? -4.409  5.925   -2.872  1.00 0.32  ? 38 ALA A CA   1 
ATOM 595  C C    . ALA A 1 38 ? -3.806  4.536   -2.642  1.00 0.32  ? 38 ALA A C    1 
ATOM 596  O O    . ALA A 1 38 ? -4.507  3.582   -2.371  1.00 0.47  ? 38 ALA A O    1 
ATOM 597  C CB   . ALA A 1 38 ? -4.583  6.662   -1.543  1.00 0.36  ? 38 ALA A CB   1 
ATOM 598  H H    . ALA A 1 38 ? -6.313  5.001   -3.259  1.00 0.39  ? 38 ALA A H    1 
ATOM 599  H HA   . ALA A 1 38 ? -3.787  6.501   -3.534  1.00 0.38  ? 38 ALA A HA   1 
ATOM 600  H HB1  . ALA A 1 38 ? -3.614  6.856   -1.109  1.00 1.16  ? 38 ALA A HB1  1 
ATOM 601  H HB2  . ALA A 1 38 ? -5.165  6.053   -0.867  1.00 1.07  ? 38 ALA A HB2  1 
ATOM 602  H HB3  . ALA A 1 38 ? -5.095  7.597   -1.715  1.00 0.98  ? 38 ALA A HB3  1 
ATOM 603  N N    . VAL A 1 39 ? -2.510  4.415   -2.744  1.00 0.29  ? 39 VAL A N    1 
ATOM 604  C CA   . VAL A 1 39 ? -1.867  3.087   -2.526  1.00 0.30  ? 39 VAL A CA   1 
ATOM 605  C C    . VAL A 1 39 ? -1.604  2.873   -1.035  1.00 0.28  ? 39 VAL A C    1 
ATOM 606  O O    . VAL A 1 39 ? -1.608  3.803   -0.256  1.00 0.33  ? 39 VAL A O    1 
ATOM 607  C CB   . VAL A 1 39 ? -0.548  3.148   -3.295  1.00 0.33  ? 39 VAL A CB   1 
ATOM 608  C CG1  . VAL A 1 39 ? 0.224   1.844   -3.087  1.00 0.40  ? 39 VAL A CG1  1 
ATOM 609  C CG2  . VAL A 1 39 ? -0.834  3.338   -4.785  1.00 0.37  ? 39 VAL A CG2  1 
ATOM 610  H H    . VAL A 1 39 ? -1.960  5.196   -2.960  1.00 0.38  ? 39 VAL A H    1 
ATOM 611  H HA   . VAL A 1 39 ? -2.488  2.296   -2.918  1.00 0.34  ? 39 VAL A HA   1 
ATOM 612  H HB   . VAL A 1 39 ? 0.042   3.976   -2.930  1.00 0.34  ? 39 VAL A HB   1 
ATOM 613  H HG11 . VAL A 1 39 ? -0.373  1.012   -3.432  1.00 1.13  ? 39 VAL A HG11 1 
ATOM 614  H HG12 . VAL A 1 39 ? 0.443   1.717   -2.037  1.00 1.11  ? 39 VAL A HG12 1 
ATOM 615  H HG13 . VAL A 1 39 ? 1.148   1.880   -3.646  1.00 1.06  ? 39 VAL A HG13 1 
ATOM 616  H HG21 . VAL A 1 39 ? -1.796  3.811   -4.910  1.00 1.10  ? 39 VAL A HG21 1 
ATOM 617  H HG22 . VAL A 1 39 ? -0.839  2.376   -5.276  1.00 1.07  ? 39 VAL A HG22 1 
ATOM 618  H HG23 . VAL A 1 39 ? -0.066  3.960   -5.221  1.00 1.00  ? 39 VAL A HG23 1 
ATOM 619  N N    . ILE A 1 40 ? -1.379  1.655   -0.629  1.00 0.29  ? 40 ILE A N    1 
ATOM 620  C CA   . ILE A 1 40 ? -1.121  1.387   0.811   1.00 0.28  ? 40 ILE A CA   1 
ATOM 621  C C    . ILE A 1 40 ? 0.061   0.419   0.960   1.00 0.29  ? 40 ILE A C    1 
ATOM 622  O O    . ILE A 1 40 ? 0.179   -0.549  0.237   1.00 0.47  ? 40 ILE A O    1 
ATOM 623  C CB   . ILE A 1 40 ? -2.419  0.757   1.324   1.00 0.33  ? 40 ILE A CB   1 
ATOM 624  C CG1  . ILE A 1 40 ? -3.514  1.825   1.391   1.00 0.34  ? 40 ILE A CG1  1 
ATOM 625  C CG2  . ILE A 1 40 ? -2.205  0.171   2.720   1.00 0.39  ? 40 ILE A CG2  1 
ATOM 626  C CD1  . ILE A 1 40 ? -4.882  1.166   1.212   1.00 0.39  ? 40 ILE A CD1  1 
ATOM 627  H H    . ILE A 1 40 ? -1.385  0.914   -1.269  1.00 0.35  ? 40 ILE A H    1 
ATOM 628  H HA   . ILE A 1 40 ? -0.924  2.307   1.337   1.00 0.27  ? 40 ILE A HA   1 
ATOM 629  H HB   . ILE A 1 40 ? -2.726  -0.028  0.650   1.00 0.38  ? 40 ILE A HB   1 
ATOM 630  H HG12 . ILE A 1 40 ? -3.474  2.321   2.351   1.00 0.38  ? 40 ILE A HG12 1 
ATOM 631  H HG13 . ILE A 1 40 ? -3.360  2.550   0.606   1.00 0.43  ? 40 ILE A HG13 1 
ATOM 632  H HG21 . ILE A 1 40 ? -1.626  0.862   3.314   1.00 1.09  ? 40 ILE A HG21 1 
ATOM 633  H HG22 . ILE A 1 40 ? -1.673  -0.766  2.637   1.00 1.05  ? 40 ILE A HG22 1 
ATOM 634  H HG23 . ILE A 1 40 ? -3.161  0.003   3.190   1.00 1.11  ? 40 ILE A HG23 1 
ATOM 635  H HD11 . ILE A 1 40 ? -4.772  0.263   0.628   1.00 1.12  ? 40 ILE A HD11 1 
ATOM 636  H HD12 . ILE A 1 40 ? -5.545  1.847   0.700   1.00 1.05  ? 40 ILE A HD12 1 
ATOM 637  H HD13 . ILE A 1 40 ? -5.293  0.921   2.179   1.00 1.00  ? 40 ILE A HD13 1 
ATOM 638  N N    . PHE A 1 41 ? 0.924   0.669   1.906   1.00 0.24  ? 41 PHE A N    1 
ATOM 639  C CA   . PHE A 1 41 ? 2.088   -0.234  2.125   1.00 0.24  ? 41 PHE A CA   1 
ATOM 640  C C    . PHE A 1 41 ? 1.933   -0.910  3.484   1.00 0.24  ? 41 PHE A C    1 
ATOM 641  O O    . PHE A 1 41 ? 1.753   -0.254  4.490   1.00 0.30  ? 41 PHE A O    1 
ATOM 642  C CB   . PHE A 1 41 ? 3.315   0.680   2.126   1.00 0.25  ? 41 PHE A CB   1 
ATOM 643  C CG   . PHE A 1 41 ? 3.593   1.176   0.728   1.00 0.25  ? 41 PHE A CG   1 
ATOM 644  C CD1  . PHE A 1 41 ? 3.595   0.281   -0.349  1.00 0.27  ? 41 PHE A CD1  1 
ATOM 645  C CD2  . PHE A 1 41 ? 3.856   2.533   0.511   1.00 0.31  ? 41 PHE A CD2  1 
ATOM 646  C CE1  . PHE A 1 41 ? 3.862   0.746   -1.642  1.00 0.32  ? 41 PHE A CE1  1 
ATOM 647  C CE2  . PHE A 1 41 ? 4.121   2.998   -0.781  1.00 0.37  ? 41 PHE A CE2  1 
ATOM 648  C CZ   . PHE A 1 41 ? 4.124   2.104   -1.858  1.00 0.38  ? 41 PHE A CZ   1 
ATOM 649  H H    . PHE A 1 41 ? 0.797   1.444   2.487   1.00 0.35  ? 41 PHE A H    1 
ATOM 650  H HA   . PHE A 1 41 ? 2.161   -0.965  1.333   1.00 0.24  ? 41 PHE A HA   1 
ATOM 651  H HB2  . PHE A 1 41 ? 3.133   1.523   2.776   1.00 0.27  ? 41 PHE A HB2  1 
ATOM 652  H HB3  . PHE A 1 41 ? 4.171   0.129   2.487   1.00 0.31  ? 41 PHE A HB3  1 
ATOM 653  H HD1  . PHE A 1 41 ? 3.392   -0.766  -0.183  1.00 0.30  ? 41 PHE A HD1  1 
ATOM 654  H HD2  . PHE A 1 41 ? 3.853   3.223   1.342   1.00 0.35  ? 41 PHE A HD2  1 
ATOM 655  H HE1  . PHE A 1 41 ? 3.864   0.057   -2.475  1.00 0.37  ? 41 PHE A HE1  1 
ATOM 656  H HE2  . PHE A 1 41 ? 4.323   4.045   -0.948  1.00 0.45  ? 41 PHE A HE2  1 
ATOM 657  H HZ   . PHE A 1 41 ? 4.332   2.464   -2.854  1.00 0.45  ? 41 PHE A HZ   1 
ATOM 658  N N    . THR A 1 42 ? 1.976   -2.211  3.530   1.00 0.25  ? 42 THR A N    1 
ATOM 659  C CA   . THR A 1 42 ? 1.802   -2.899  4.836   1.00 0.26  ? 42 THR A CA   1 
ATOM 660  C C    . THR A 1 42 ? 3.156   -3.248  5.455   1.00 0.26  ? 42 THR A C    1 
ATOM 661  O O    . THR A 1 42 ? 4.094   -3.604  4.769   1.00 0.25  ? 42 THR A O    1 
ATOM 662  C CB   . THR A 1 42 ? 1.000   -4.165  4.525   1.00 0.31  ? 42 THR A CB   1 
ATOM 663  O OG1  . THR A 1 42 ? 0.405   -4.069  3.236   1.00 1.29  ? 42 THR A OG1  1 
ATOM 664  C CG2  . THR A 1 42 ? -0.094  -4.331  5.575   1.00 1.36  ? 42 THR A CG2  1 
ATOM 665  H H    . THR A 1 42 ? 2.104   -2.732  2.712   1.00 0.30  ? 42 THR A H    1 
ATOM 666  H HA   . THR A 1 42 ? 1.242   -2.272  5.507   1.00 0.28  ? 42 THR A HA   1 
ATOM 667  H HB   . THR A 1 42 ? 1.651   -5.017  4.555   1.00 1.13  ? 42 THR A HB   1 
ATOM 668  H HG1  . THR A 1 42 ? -0.354  -3.485  3.301   1.00 1.66  ? 42 THR A HG1  1 
ATOM 669  H HG21 . THR A 1 42 ? -0.056  -3.505  6.270   1.00 1.97  ? 42 THR A HG21 1 
ATOM 670  H HG22 . THR A 1 42 ? 0.055   -5.257  6.107   1.00 1.94  ? 42 THR A HG22 1 
ATOM 671  H HG23 . THR A 1 42 ? -1.056  -4.346  5.087   1.00 1.97  ? 42 THR A HG23 1 
ATOM 672  N N    . THR A 1 43 ? 3.261   -3.141  6.755   1.00 0.30  ? 43 THR A N    1 
ATOM 673  C CA   . THR A 1 43 ? 4.549   -3.455  7.435   1.00 0.32  ? 43 THR A CA   1 
ATOM 674  C C    . THR A 1 43 ? 4.500   -4.843  8.081   1.00 0.35  ? 43 THR A C    1 
ATOM 675  O O    . THR A 1 43 ? 3.538   -5.572  7.945   1.00 0.42  ? 43 THR A O    1 
ATOM 676  C CB   . THR A 1 43 ? 4.700   -2.372  8.506   1.00 0.34  ? 43 THR A CB   1 
ATOM 677  O OG1  . THR A 1 43 ? 3.459   -2.196  9.175   1.00 0.42  ? 43 THR A OG1  1 
ATOM 678  C CG2  . THR A 1 43 ? 5.118   -1.056  7.849   1.00 0.43  ? 43 THR A CG2  1 
ATOM 679  H H    . THR A 1 43 ? 2.489   -2.848  7.282   1.00 0.34  ? 43 THR A H    1 
ATOM 680  H HA   . THR A 1 43 ? 5.365   -3.395  6.737   1.00 0.33  ? 43 THR A HA   1 
ATOM 681  H HB   . THR A 1 43 ? 5.453   -2.670  9.217   1.00 0.39  ? 43 THR A HB   1 
ATOM 682  H HG1  . THR A 1 43 ? 3.642   -2.021  10.101  1.00 0.80  ? 43 THR A HG1  1 
ATOM 683  H HG21 . THR A 1 43 ? 5.099   -1.168  6.775   1.00 1.08  ? 43 THR A HG21 1 
ATOM 684  H HG22 . THR A 1 43 ? 6.119   -0.798  8.166   1.00 1.02  ? 43 THR A HG22 1 
ATOM 685  H HG23 . THR A 1 43 ? 4.434   -0.274  8.141   1.00 1.02  ? 43 THR A HG23 1 
ATOM 686  N N    . LYS A 1 44 ? 5.539   -5.211  8.783   1.00 0.34  ? 44 LYS A N    1 
ATOM 687  C CA   . LYS A 1 44 ? 5.569   -6.549  9.441   1.00 0.38  ? 44 LYS A CA   1 
ATOM 688  C C    . LYS A 1 44 ? 4.766   -6.526  10.745  1.00 0.48  ? 44 LYS A C    1 
ATOM 689  O O    . LYS A 1 44 ? 4.413   -7.557  11.284  1.00 0.64  ? 44 LYS A O    1 
ATOM 690  C CB   . LYS A 1 44 ? 7.046   -6.814  9.727   1.00 0.39  ? 44 LYS A CB   1 
ATOM 691  C CG   . LYS A 1 44 ? 7.771   -7.134  8.419   1.00 0.61  ? 44 LYS A CG   1 
ATOM 692  C CD   . LYS A 1 44 ? 8.614   -8.397  8.598   1.00 0.82  ? 44 LYS A CD   1 
ATOM 693  C CE   . LYS A 1 44 ? 9.537   -8.569  7.391   1.00 0.86  ? 44 LYS A CE   1 
ATOM 694  N NZ   . LYS A 1 44 ? 10.492  -9.642  7.787   1.00 1.44  ? 44 LYS A NZ   1 
ATOM 695  H H    . LYS A 1 44 ? 6.303   -4.604  8.877   1.00 0.35  ? 44 LYS A H    1 
ATOM 696  H HA   . LYS A 1 44 ? 5.185   -7.303  8.773   1.00 0.39  ? 44 LYS A HA   1 
ATOM 697  H HB2  . LYS A 1 44 ? 7.487   -5.937  10.180  1.00 0.57  ? 44 LYS A HB2  1 
ATOM 698  H HB3  . LYS A 1 44 ? 7.138   -7.652  10.401  1.00 0.56  ? 44 LYS A HB3  1 
ATOM 699  H HG2  . LYS A 1 44 ? 7.045   -7.292  7.635   1.00 1.35  ? 44 LYS A HG2  1 
ATOM 700  H HG3  . LYS A 1 44 ? 8.415   -6.309  8.152   1.00 1.20  ? 44 LYS A HG3  1 
ATOM 701  H HD2  . LYS A 1 44 ? 9.208   -8.308  9.498   1.00 1.39  ? 44 LYS A HD2  1 
ATOM 702  H HD3  . LYS A 1 44 ? 7.964   -9.255  8.679   1.00 1.55  ? 44 LYS A HD3  1 
ATOM 703  H HE2  . LYS A 1 44 ? 8.967   -8.872  6.524   1.00 1.48  ? 44 LYS A HE2  1 
ATOM 704  H HE3  . LYS A 1 44 ? 10.072  -7.654  7.192   1.00 1.18  ? 44 LYS A HE3  1 
ATOM 705  H HZ1  . LYS A 1 44 ? 9.964   -10.459 8.154   1.00 1.82  ? 44 LYS A HZ1  1 
ATOM 706  H HZ2  . LYS A 1 44 ? 11.131  -9.281  8.525   1.00 1.96  ? 44 LYS A HZ2  1 
ATOM 707  H HZ3  . LYS A 1 44 ? 11.048  -9.935  6.960   1.00 1.99  ? 44 LYS A HZ3  1 
ATOM 708  N N    . ARG A 1 45 ? 4.475   -5.362  11.260  1.00 0.47  ? 45 ARG A N    1 
ATOM 709  C CA   . ARG A 1 45 ? 3.697   -5.283  12.530  1.00 0.59  ? 45 ARG A CA   1 
ATOM 710  C C    . ARG A 1 45 ? 2.202   -5.488  12.256  1.00 0.62  ? 45 ARG A C    1 
ATOM 711  O O    . ARG A 1 45 ? 1.418   -5.675  13.165  1.00 0.83  ? 45 ARG A O    1 
ATOM 712  C CB   . ARG A 1 45 ? 3.954   -3.873  13.062  1.00 0.66  ? 45 ARG A CB   1 
ATOM 713  C CG   . ARG A 1 45 ? 3.504   -3.786  14.521  1.00 1.04  ? 45 ARG A CG   1 
ATOM 714  C CD   . ARG A 1 45 ? 4.561   -3.039  15.337  1.00 1.43  ? 45 ARG A CD   1 
ATOM 715  N NE   . ARG A 1 45 ? 4.972   -3.995  16.403  1.00 2.01  ? 45 ARG A NE   1 
ATOM 716  C CZ   . ARG A 1 45 ? 4.643   -3.770  17.645  1.00 2.68  ? 45 ARG A CZ   1 
ATOM 717  N NH1  . ARG A 1 45 ? 4.783   -2.574  18.150  1.00 3.13  ? 45 ARG A NH1  1 
ATOM 718  N NH2  . ARG A 1 45 ? 4.174   -4.738  18.382  1.00 3.35  ? 45 ARG A NH2  1 
ATOM 719  H H    . ARG A 1 45 ? 4.768   -4.541  10.813  1.00 0.45  ? 45 ARG A H    1 
ATOM 720  H HA   . ARG A 1 45 ? 4.055   -6.013  13.237  1.00 0.64  ? 45 ARG A HA   1 
ATOM 721  H HB2  . ARG A 1 45 ? 5.010   -3.651  12.995  1.00 0.98  ? 45 ARG A HB2  1 
ATOM 722  H HB3  . ARG A 1 45 ? 3.398   -3.159  12.472  1.00 0.86  ? 45 ARG A HB3  1 
ATOM 723  H HG2  . ARG A 1 45 ? 2.565   -3.256  14.576  1.00 1.63  ? 45 ARG A HG2  1 
ATOM 724  H HG3  . ARG A 1 45 ? 3.381   -4.781  14.920  1.00 1.67  ? 45 ARG A HG3  1 
ATOM 725  H HD2  . ARG A 1 45 ? 5.406   -2.784  14.711  1.00 1.78  ? 45 ARG A HD2  1 
ATOM 726  H HD3  . ARG A 1 45 ? 4.138   -2.151  15.780  1.00 1.99  ? 45 ARG A HD3  1 
ATOM 727  H HE   . ARG A 1 45 ? 5.490   -4.795  16.171  1.00 2.39  ? 45 ARG A HE   1 
ATOM 728  H HH11 . ARG A 1 45 ? 5.144   -1.832  17.585  1.00 3.04  ? 45 ARG A HH11 1 
ATOM 729  H HH12 . ARG A 1 45 ? 4.532   -2.401  19.102  1.00 3.80  ? 45 ARG A HH12 1 
ATOM 730  H HH21 . ARG A 1 45 ? 4.067   -5.654  17.995  1.00 3.34  ? 45 ARG A HH21 1 
ATOM 731  H HH22 . ARG A 1 45 ? 3.922   -4.565  19.335  1.00 4.07  ? 45 ARG A HH22 1 
ATOM 732  N N    . GLY A 1 46 ? 1.799   -5.453  11.014  1.00 0.55  ? 46 GLY A N    1 
ATOM 733  C CA   . GLY A 1 46 ? 0.357   -5.645  10.693  1.00 0.64  ? 46 GLY A CA   1 
ATOM 734  C C    . GLY A 1 46 ? -0.326  -4.282  10.535  1.00 0.68  ? 46 GLY A C    1 
ATOM 735  O O    . GLY A 1 46 ? -1.536  -4.190  10.488  1.00 0.89  ? 46 GLY A O    1 
ATOM 736  H H    . GLY A 1 46 ? 2.443   -5.299  10.293  1.00 0.54  ? 46 GLY A H    1 
ATOM 737  H HA2  . GLY A 1 46 ? 0.266   -6.202  9.772   1.00 0.64  ? 46 GLY A HA2  1 
ATOM 738  H HA3  . GLY A 1 46 ? -0.120  -6.191  11.492  1.00 0.72  ? 46 GLY A HA3  1 
ATOM 739  N N    . LYS A 1 47 ? 0.435   -3.222  10.450  1.00 0.58  ? 47 LYS A N    1 
ATOM 740  C CA   . LYS A 1 47 ? -0.178  -1.876  10.294  1.00 0.66  ? 47 LYS A CA   1 
ATOM 741  C C    . LYS A 1 47 ? -0.085  -1.423  8.835   1.00 0.55  ? 47 LYS A C    1 
ATOM 742  O O    . LYS A 1 47 ? 0.983   -1.135  8.331   1.00 0.69  ? 47 LYS A O    1 
ATOM 743  C CB   . LYS A 1 47 ? 0.648   -0.960  11.196  1.00 0.75  ? 47 LYS A CB   1 
ATOM 744  C CG   . LYS A 1 47 ? -0.189  0.258   11.592  1.00 1.08  ? 47 LYS A CG   1 
ATOM 745  C CD   . LYS A 1 47 ? 0.709   1.294   12.269  1.00 1.43  ? 47 LYS A CD   1 
ATOM 746  C CE   . LYS A 1 47 ? -0.047  2.618   12.399  1.00 1.92  ? 47 LYS A CE   1 
ATOM 747  N NZ   . LYS A 1 47 ? -0.726  2.546   13.723  1.00 2.36  ? 47 LYS A NZ   1 
ATOM 748  H H    . LYS A 1 47 ? 1.406   -3.311  10.487  1.00 0.55  ? 47 LYS A H    1 
ATOM 749  H HA   . LYS A 1 47 ? -1.201  -1.892  10.622  1.00 0.76  ? 47 LYS A HA   1 
ATOM 750  H HB2  . LYS A 1 47 ? 0.942   -1.500  12.085  1.00 1.04  ? 47 LYS A HB2  1 
ATOM 751  H HB3  . LYS A 1 47 ? 1.530   -0.631  10.667  1.00 1.13  ? 47 LYS A HB3  1 
ATOM 752  H HG2  . LYS A 1 47 ? -0.636  0.689   10.707  1.00 1.68  ? 47 LYS A HG2  1 
ATOM 753  H HG3  . LYS A 1 47 ? -0.965  -0.046  12.277  1.00 1.66  ? 47 LYS A HG3  1 
ATOM 754  H HD2  . LYS A 1 47 ? 0.990   0.941   13.250  1.00 1.88  ? 47 LYS A HD2  1 
ATOM 755  H HD3  . LYS A 1 47 ? 1.596   1.447   11.673  1.00 2.02  ? 47 LYS A HD3  1 
ATOM 756  H HE2  . LYS A 1 47 ? 0.645   3.450   12.372  1.00 2.46  ? 47 LYS A HE2  1 
ATOM 757  H HE3  . LYS A 1 47 ? -0.780  2.712   11.613  1.00 2.30  ? 47 LYS A HE3  1 
ATOM 758  H HZ1  . LYS A 1 47 ? -1.075  3.488   13.985  1.00 2.59  ? 47 LYS A HZ1  1 
ATOM 759  H HZ2  . LYS A 1 47 ? -0.048  2.214   14.441  1.00 2.76  ? 47 LYS A HZ2  1 
ATOM 760  H HZ3  . LYS A 1 47 ? -1.524  1.884   13.668  1.00 2.76  ? 47 LYS A HZ3  1 
ATOM 761  N N    . LYS A 1 48 ? -1.193  -1.363  8.150   1.00 0.50  ? 48 LYS A N    1 
ATOM 762  C CA   . LYS A 1 48 ? -1.164  -0.932  6.720   1.00 0.42  ? 48 LYS A CA   1 
ATOM 763  C C    . LYS A 1 48 ? -1.085  0.596   6.638   1.00 0.41  ? 48 LYS A C    1 
ATOM 764  O O    . LYS A 1 48 ? -1.867  1.299   7.247   1.00 0.53  ? 48 LYS A O    1 
ATOM 765  C CB   . LYS A 1 48 ? -2.478  -1.433  6.100   1.00 0.50  ? 48 LYS A CB   1 
ATOM 766  C CG   . LYS A 1 48 ? -2.782  -2.866  6.558   1.00 1.07  ? 48 LYS A CG   1 
ATOM 767  C CD   . LYS A 1 48 ? -3.359  -3.664  5.389   1.00 1.01  ? 48 LYS A CD   1 
ATOM 768  C CE   . LYS A 1 48 ? -4.877  -3.490  5.353   1.00 1.27  ? 48 LYS A CE   1 
ATOM 769  N NZ   . LYS A 1 48 ? -5.390  -4.390  6.424   1.00 1.60  ? 48 LYS A NZ   1 
ATOM 770  H H    . LYS A 1 48 ? -2.045  -1.603  8.573   1.00 0.63  ? 48 LYS A H    1 
ATOM 771  H HA   . LYS A 1 48 ? -0.323  -1.378  6.213   1.00 0.38  ? 48 LYS A HA   1 
ATOM 772  H HB2  . LYS A 1 48 ? -3.284  -0.783  6.400   1.00 0.89  ? 48 LYS A HB2  1 
ATOM 773  H HB3  . LYS A 1 48 ? -2.388  -1.418  5.023   1.00 1.03  ? 48 LYS A HB3  1 
ATOM 774  H HG2  . LYS A 1 48 ? -1.874  -3.335  6.904   1.00 1.82  ? 48 LYS A HG2  1 
ATOM 775  H HG3  . LYS A 1 48 ? -3.501  -2.839  7.362   1.00 1.80  ? 48 LYS A HG3  1 
ATOM 776  H HD2  . LYS A 1 48 ? -2.932  -3.306  4.463   1.00 1.28  ? 48 LYS A HD2  1 
ATOM 777  H HD3  . LYS A 1 48 ? -3.120  -4.710  5.514   1.00 1.46  ? 48 LYS A HD3  1 
ATOM 778  H HE2  . LYS A 1 48 ? -5.141  -2.463  5.562   1.00 1.84  ? 48 LYS A HE2  1 
ATOM 779  H HE3  . LYS A 1 48 ? -5.268  -3.794  4.396   1.00 1.58  ? 48 LYS A HE3  1 
ATOM 780  H HZ1  . LYS A 1 48 ? -4.785  -4.308  7.266   1.00 1.95  ? 48 LYS A HZ1  1 
ATOM 781  H HZ2  . LYS A 1 48 ? -5.382  -5.373  6.084   1.00 2.01  ? 48 LYS A HZ2  1 
ATOM 782  H HZ3  . LYS A 1 48 ? -6.362  -4.117  6.671   1.00 2.10  ? 48 LYS A HZ3  1 
ATOM 783  N N    . VAL A 1 49 ? -0.146  1.114   5.895   1.00 0.35  ? 49 VAL A N    1 
ATOM 784  C CA   . VAL A 1 49 ? -0.020  2.599   5.782   1.00 0.37  ? 49 VAL A CA   1 
ATOM 785  C C    . VAL A 1 49 ? -0.487  3.072   4.403   1.00 0.33  ? 49 VAL A C    1 
ATOM 786  O O    . VAL A 1 49 ? -0.167  2.481   3.392   1.00 0.37  ? 49 VAL A O    1 
ATOM 787  C CB   . VAL A 1 49 ? 1.470   2.884   5.966   1.00 0.41  ? 49 VAL A CB   1 
ATOM 788  C CG1  . VAL A 1 49 ? 1.714   4.393   5.894   1.00 0.47  ? 49 VAL A CG1  1 
ATOM 789  C CG2  . VAL A 1 49 ? 1.926   2.361   7.330   1.00 0.46  ? 49 VAL A CG2  1 
ATOM 790  H H    . VAL A 1 49 ? 0.478   0.532   5.414   1.00 0.38  ? 49 VAL A H    1 
ATOM 791  H HA   . VAL A 1 49 ? -0.587  3.084   6.560   1.00 0.41  ? 49 VAL A HA   1 
ATOM 792  H HB   . VAL A 1 49 ? 2.030   2.392   5.184   1.00 0.39  ? 49 VAL A HB   1 
ATOM 793  H HG11 . VAL A 1 49 ? 0.772   4.914   5.979   1.00 1.20  ? 49 VAL A HG11 1 
ATOM 794  H HG12 . VAL A 1 49 ? 2.178   4.637   4.949   1.00 1.05  ? 49 VAL A HG12 1 
ATOM 795  H HG13 . VAL A 1 49 ? 2.365   4.691   6.702   1.00 1.14  ? 49 VAL A HG13 1 
ATOM 796  H HG21 . VAL A 1 49 ? 1.089   1.911   7.842   1.00 1.12  ? 49 VAL A HG21 1 
ATOM 797  H HG22 . VAL A 1 49 ? 2.313   3.179   7.920   1.00 1.06  ? 49 VAL A HG22 1 
ATOM 798  H HG23 . VAL A 1 49 ? 2.702   1.622   7.190   1.00 1.17  ? 49 VAL A HG23 1 
ATOM 799  N N    . CYS A 1 50 ? -1.242  4.137   4.352   1.00 0.30  ? 50 CYS A N    1 
ATOM 800  C CA   . CYS A 1 50 ? -1.726  4.647   3.037   1.00 0.28  ? 50 CYS A CA   1 
ATOM 801  C C    . CYS A 1 50 ? -0.675  5.562   2.400   1.00 0.27  ? 50 CYS A C    1 
ATOM 802  O O    . CYS A 1 50 ? 0.174   6.112   3.074   1.00 0.30  ? 50 CYS A O    1 
ATOM 803  C CB   . CYS A 1 50 ? -2.994  5.435   3.366   1.00 0.32  ? 50 CYS A CB   1 
ATOM 804  S SG   . CYS A 1 50 ? -4.296  4.294   3.897   1.00 0.42  ? 50 CYS A SG   1 
ATOM 805  H H    . CYS A 1 50 ? -1.490  4.602   5.178   1.00 0.32  ? 50 CYS A H    1 
ATOM 806  H HA   . CYS A 1 50 ? -1.963  3.827   2.378   1.00 0.28  ? 50 CYS A HA   1 
ATOM 807  H HB2  . CYS A 1 50 ? -2.787  6.138   4.160   1.00 0.34  ? 50 CYS A HB2  1 
ATOM 808  H HB3  . CYS A 1 50 ? -3.322  5.971   2.490   1.00 0.36  ? 50 CYS A HB3  1 
ATOM 809  N N    . THR A 1 51 ? -0.727  5.729   1.107   1.00 0.25  ? 51 THR A N    1 
ATOM 810  C CA   . THR A 1 51 ? 0.266   6.607   0.422   1.00 0.25  ? 51 THR A CA   1 
ATOM 811  C C    . THR A 1 51 ? -0.285  7.069   -0.930  1.00 0.27  ? 51 THR A C    1 
ATOM 812  O O    . THR A 1 51 ? -1.341  6.644   -1.357  1.00 0.42  ? 51 THR A O    1 
ATOM 813  C CB   . THR A 1 51 ? 1.503   5.729   0.224   1.00 0.25  ? 51 THR A CB   1 
ATOM 814  O OG1  . THR A 1 51 ? 1.097   4.415   -0.130  1.00 0.33  ? 51 THR A OG1  1 
ATOM 815  C CG2  . THR A 1 51 ? 2.312   5.685   1.520   1.00 0.37  ? 51 THR A CG2  1 
ATOM 816  H H    . THR A 1 51 ? -1.420  5.274   0.584   1.00 0.26  ? 51 THR A H    1 
ATOM 817  H HA   . THR A 1 51 ? 0.511   7.454   1.041   1.00 0.27  ? 51 THR A HA   1 
ATOM 818  H HB   . THR A 1 51 ? 2.115   6.141   -0.564  1.00 0.33  ? 51 THR A HB   1 
ATOM 819  H HG1  . THR A 1 51 ? 1.287   4.286   -1.062  1.00 0.85  ? 51 THR A HG1  1 
ATOM 820  H HG21 . THR A 1 51 ? 3.366   5.656   1.286   1.00 1.03  ? 51 THR A HG21 1 
ATOM 821  H HG22 . THR A 1 51 ? 2.045   4.802   2.082   1.00 1.11  ? 51 THR A HG22 1 
ATOM 822  H HG23 . THR A 1 51 ? 2.097   6.565   2.108   1.00 1.06  ? 51 THR A HG23 1 
ATOM 823  N N    . HIS A 1 52 ? 0.417   7.936   -1.607  1.00 0.31  ? 52 HIS A N    1 
ATOM 824  C CA   . HIS A 1 52 ? -0.073  8.424   -2.926  1.00 0.33  ? 52 HIS A CA   1 
ATOM 825  C C    . HIS A 1 52 ? 0.628   7.671   -4.068  1.00 0.30  ? 52 HIS A C    1 
ATOM 826  O O    . HIS A 1 52 ? 1.828   7.487   -4.036  1.00 0.29  ? 52 HIS A O    1 
ATOM 827  C CB   . HIS A 1 52 ? 0.295   9.908   -2.961  1.00 0.37  ? 52 HIS A CB   1 
ATOM 828  C CG   . HIS A 1 52 ? -0.942  10.741  -2.765  1.00 0.59  ? 52 HIS A CG   1 
ATOM 829  N ND1  . HIS A 1 52 ? -0.883  12.062  -2.348  1.00 1.17  ? 52 HIS A ND1  1 
ATOM 830  C CD2  . HIS A 1 52 ? -2.275  10.456  -2.925  1.00 1.50  ? 52 HIS A CD2  1 
ATOM 831  C CE1  . HIS A 1 52 ? -2.146  12.519  -2.272  1.00 1.14  ? 52 HIS A CE1  1 
ATOM 832  N NE2  . HIS A 1 52 ? -3.035  11.581  -2.613  1.00 1.39  ? 52 HIS A NE2  1 
ATOM 833  H H    . HIS A 1 52 ? 1.262   8.269   -1.247  1.00 0.45  ? 52 HIS A H    1 
ATOM 834  H HA   . HIS A 1 52 ? -1.139  8.308   -2.989  1.00 0.38  ? 52 HIS A HA   1 
ATOM 835  H HB2  . HIS A 1 52 ? 1.002   10.121  -2.172  1.00 0.49  ? 52 HIS A HB2  1 
ATOM 836  H HB3  . HIS A 1 52 ? 0.741   10.145  -3.915  1.00 0.48  ? 52 HIS A HB3  1 
ATOM 837  H HD1  . HIS A 1 52 ? -0.070  12.571  -2.147  1.00 1.96  ? 52 HIS A HD1  1 
ATOM 838  H HD2  . HIS A 1 52 ? -2.675  9.506   -3.245  1.00 2.42  ? 52 HIS A HD2  1 
ATOM 839  H HE1  . HIS A 1 52 ? -2.411  13.522  -1.970  1.00 1.67  ? 52 HIS A HE1  1 
ATOM 840  N N    . PRO A 1 53 ? -0.141  7.260   -5.048  1.00 0.34  ? 53 PRO A N    1 
ATOM 841  C CA   . PRO A 1 53 ? 0.435   6.528   -6.203  1.00 0.36  ? 53 PRO A CA   1 
ATOM 842  C C    . PRO A 1 53 ? 1.206   7.491   -7.110  1.00 0.37  ? 53 PRO A C    1 
ATOM 843  O O    . PRO A 1 53 ? 2.065   7.092   -7.871  1.00 0.43  ? 53 PRO A O    1 
ATOM 844  C CB   . PRO A 1 53 ? -0.788  5.970   -6.924  1.00 0.45  ? 53 PRO A CB   1 
ATOM 845  C CG   . PRO A 1 53 ? -1.913  6.879   -6.542  1.00 0.47  ? 53 PRO A CG   1 
ATOM 846  C CD   . PRO A 1 53 ? -1.595  7.432   -5.178  1.00 0.43  ? 53 PRO A CD   1 
ATOM 847  H HA   . PRO A 1 53 ? 1.070   5.723   -5.869  1.00 0.36  ? 53 PRO A HA   1 
ATOM 848  H HB2  . PRO A 1 53 ? -0.632  5.988   -7.994  1.00 0.49  ? 53 PRO A HB2  1 
ATOM 849  H HB3  . PRO A 1 53 ? -0.996  4.966   -6.590  1.00 0.49  ? 53 PRO A HB3  1 
ATOM 850  H HG2  . PRO A 1 53 ? -1.993  7.684   -7.260  1.00 0.48  ? 53 PRO A HG2  1 
ATOM 851  H HG3  . PRO A 1 53 ? -2.837  6.324   -6.504  1.00 0.55  ? 53 PRO A HG3  1 
ATOM 852  H HD2  . PRO A 1 53 ? -1.862  8.479   -5.123  1.00 0.45  ? 53 PRO A HD2  1 
ATOM 853  H HD3  . PRO A 1 53 ? -2.104  6.868   -4.413  1.00 0.51  ? 53 PRO A HD3  1 
ATOM 854  N N    . ARG A 1 54 ? 0.901   8.758   -7.039  1.00 0.38  ? 54 ARG A N    1 
ATOM 855  C CA   . ARG A 1 54 ? 1.611   9.748   -7.900  1.00 0.42  ? 54 ARG A CA   1 
ATOM 856  C C    . ARG A 1 54 ? 3.093   9.819   -7.522  1.00 0.39  ? 54 ARG A C    1 
ATOM 857  O O    . ARG A 1 54 ? 3.963   9.737   -8.366  1.00 0.49  ? 54 ARG A O    1 
ATOM 858  C CB   . ARG A 1 54 ? 0.921   11.083  -7.617  1.00 0.48  ? 54 ARG A CB   1 
ATOM 859  C CG   . ARG A 1 54 ? 1.211   12.059  -8.758  1.00 1.05  ? 54 ARG A CG   1 
ATOM 860  C CD   . ARG A 1 54 ? 0.892   13.486  -8.304  1.00 1.65  ? 54 ARG A CD   1 
ATOM 861  N NE   . ARG A 1 54 ? 0.841   14.286  -9.559  1.00 1.96  ? 54 ARG A NE   1 
ATOM 862  C CZ   . ARG A 1 54 ? 0.500   15.545  -9.518  1.00 2.73  ? 54 ARG A CZ   1 
ATOM 863  N NH1  . ARG A 1 54 ? 1.204   16.388  -8.812  1.00 3.26  ? 54 ARG A NH1  1 
ATOM 864  N NH2  . ARG A 1 54 ? -0.543  15.961  -10.181 1.00 3.35  ? 54 ARG A NH2  1 
ATOM 865  H H    . ARG A 1 54 ? 0.203   9.059   -6.421  1.00 0.41  ? 54 ARG A H    1 
ATOM 866  H HA   . ARG A 1 54 ? 1.499   9.491   -8.941  1.00 0.49  ? 54 ARG A HA   1 
ATOM 867  H HB2  . ARG A 1 54 ? -0.145  10.927  -7.538  1.00 0.85  ? 54 ARG A HB2  1 
ATOM 868  H HB3  . ARG A 1 54 ? 1.296   11.493  -6.691  1.00 0.88  ? 54 ARG A HB3  1 
ATOM 869  H HG2  . ARG A 1 54 ? 2.254   11.992  -9.031  1.00 1.63  ? 54 ARG A HG2  1 
ATOM 870  H HG3  . ARG A 1 54 ? 0.598   11.810  -9.611  1.00 1.59  ? 54 ARG A HG3  1 
ATOM 871  H HD2  . ARG A 1 54 ? -0.064  13.512  -7.798  1.00 2.22  ? 54 ARG A HD2  1 
ATOM 872  H HD3  . ARG A 1 54 ? 1.671   13.860  -7.659  1.00 2.20  ? 54 ARG A HD3  1 
ATOM 873  H HE   . ARG A 1 54 ? 1.062   13.866  -10.417 1.00 2.15  ? 54 ARG A HE   1 
ATOM 874  H HH11 . ARG A 1 54 ? 2.004   16.069  -8.303  1.00 3.19  ? 54 ARG A HH11 1 
ATOM 875  H HH12 . ARG A 1 54 ? 0.944   17.353  -8.781  1.00 3.98  ? 54 ARG A HH12 1 
ATOM 876  H HH21 . ARG A 1 54 ? -1.083  15.315  -10.722 1.00 3.32  ? 54 ARG A HH21 1 
ATOM 877  H HH22 . ARG A 1 54 ? -0.803  16.926  -10.150 1.00 4.07  ? 54 ARG A HH22 1 
ATOM 878  N N    . LYS A 1 55 ? 3.388   9.975   -6.258  1.00 0.35  ? 55 LYS A N    1 
ATOM 879  C CA   . LYS A 1 55 ? 4.817   10.056  -5.827  1.00 0.35  ? 55 LYS A CA   1 
ATOM 880  C C    . LYS A 1 55 ? 5.622   8.893   -6.416  1.00 0.35  ? 55 LYS A C    1 
ATOM 881  O O    . LYS A 1 55 ? 5.292   7.738   -6.232  1.00 0.35  ? 55 LYS A O    1 
ATOM 882  C CB   . LYS A 1 55 ? 4.774   9.968   -4.302  1.00 0.36  ? 55 LYS A CB   1 
ATOM 883  C CG   . LYS A 1 55 ? 4.988   11.362  -3.704  1.00 0.66  ? 55 LYS A CG   1 
ATOM 884  C CD   . LYS A 1 55 ? 3.650   12.102  -3.638  1.00 0.83  ? 55 LYS A CD   1 
ATOM 885  C CE   . LYS A 1 55 ? 3.399   12.832  -4.961  1.00 1.34  ? 55 LYS A CE   1 
ATOM 886  N NZ   . LYS A 1 55 ? 4.156   14.110  -4.848  1.00 1.90  ? 55 LYS A NZ   1 
ATOM 887  H H    . LYS A 1 55 ? 2.672   10.042  -5.594  1.00 0.40  ? 55 LYS A H    1 
ATOM 888  H HA   . LYS A 1 55 ? 5.245   10.999  -6.128  1.00 0.40  ? 55 LYS A HA   1 
ATOM 889  H HB2  . LYS A 1 55 ? 3.812   9.586   -3.990  1.00 0.46  ? 55 LYS A HB2  1 
ATOM 890  H HB3  . LYS A 1 55 ? 5.555   9.307   -3.957  1.00 0.41  ? 55 LYS A HB3  1 
ATOM 891  H HG2  . LYS A 1 55 ? 5.398   11.268  -2.709  1.00 1.14  ? 55 LYS A HG2  1 
ATOM 892  H HG3  . LYS A 1 55 ? 5.675   11.917  -4.326  1.00 1.21  ? 55 LYS A HG3  1 
ATOM 893  H HD2  . LYS A 1 55 ? 2.856   11.390  -3.462  1.00 1.46  ? 55 LYS A HD2  1 
ATOM 894  H HD3  . LYS A 1 55 ? 3.675   12.820  -2.832  1.00 1.38  ? 55 LYS A HD3  1 
ATOM 895  H HE2  . LYS A 1 55 ? 3.769   12.245  -5.790  1.00 1.66  ? 55 LYS A HE2  1 
ATOM 896  H HE3  . LYS A 1 55 ? 2.347   13.035  -5.084  1.00 1.67  ? 55 LYS A HE3  1 
ATOM 897  H HZ1  . LYS A 1 55 ? 3.900   14.735  -5.639  1.00 2.29  ? 55 LYS A HZ1  1 
ATOM 898  H HZ2  . LYS A 1 55 ? 5.177   13.911  -4.878  1.00 2.17  ? 55 LYS A HZ2  1 
ATOM 899  H HZ3  . LYS A 1 55 ? 3.918   14.576  -3.950  1.00 2.36  ? 55 LYS A HZ3  1 
ATOM 900  N N    . LYS A 1 56 ? 6.673   9.195   -7.129  1.00 0.42  ? 56 LYS A N    1 
ATOM 901  C CA   . LYS A 1 56 ? 7.501   8.115   -7.740  1.00 0.48  ? 56 LYS A CA   1 
ATOM 902  C C    . LYS A 1 56 ? 8.028   7.160   -6.665  1.00 0.44  ? 56 LYS A C    1 
ATOM 903  O O    . LYS A 1 56 ? 8.058   5.961   -6.853  1.00 0.49  ? 56 LYS A O    1 
ATOM 904  C CB   . LYS A 1 56 ? 8.657   8.845   -8.424  1.00 0.58  ? 56 LYS A CB   1 
ATOM 905  C CG   . LYS A 1 56 ? 8.189   9.390   -9.775  1.00 1.37  ? 56 LYS A CG   1 
ATOM 906  C CD   . LYS A 1 56 ? 9.029   8.771   -10.895 1.00 1.97  ? 56 LYS A CD   1 
ATOM 907  C CE   . LYS A 1 56 ? 8.485   9.225   -12.251 1.00 2.64  ? 56 LYS A CE   1 
ATOM 908  N NZ   . LYS A 1 56 ? 8.690   8.059   -13.154 1.00 3.07  ? 56 LYS A NZ   1 
ATOM 909  H H    . LYS A 1 56 ? 6.916   10.134  -7.267  1.00 0.47  ? 56 LYS A H    1 
ATOM 910  H HA   . LYS A 1 56 ? 6.927   7.572   -8.475  1.00 0.52  ? 56 LYS A HA   1 
ATOM 911  H HB2  . LYS A 1 56 ? 8.987   9.662   -7.799  1.00 0.98  ? 56 LYS A HB2  1 
ATOM 912  H HB3  . LYS A 1 56 ? 9.476   8.157   -8.580  1.00 0.91  ? 56 LYS A HB3  1 
ATOM 913  H HG2  . LYS A 1 56 ? 7.148   9.138   -9.923  1.00 1.90  ? 56 LYS A HG2  1 
ATOM 914  H HG3  . LYS A 1 56 ? 8.306   10.463  -9.790  1.00 1.95  ? 56 LYS A HG3  1 
ATOM 915  H HD2  . LYS A 1 56 ? 10.055  9.091   -10.792 1.00 2.42  ? 56 LYS A HD2  1 
ATOM 916  H HD3  . LYS A 1 56 ? 8.978   7.695   -10.830 1.00 2.37  ? 56 LYS A HD3  1 
ATOM 917  H HE2  . LYS A 1 56 ? 7.433   9.463   -12.172 1.00 3.04  ? 56 LYS A HE2  1 
ATOM 918  H HE3  . LYS A 1 56 ? 9.039   10.076  -12.613 1.00 3.04  ? 56 LYS A HE3  1 
ATOM 919  H HZ1  . LYS A 1 56 ? 8.255   8.254   -14.077 1.00 3.39  ? 56 LYS A HZ1  1 
ATOM 920  H HZ2  . LYS A 1 56 ? 8.251   7.214   -12.734 1.00 3.34  ? 56 LYS A HZ2  1 
ATOM 921  H HZ3  . LYS A 1 56 ? 9.708   7.894   -13.282 1.00 3.30  ? 56 LYS A HZ3  1 
ATOM 922  N N    . TRP A 1 57 ? 8.449   7.677   -5.543  1.00 0.44  ? 57 TRP A N    1 
ATOM 923  C CA   . TRP A 1 57 ? 8.976   6.783   -4.472  1.00 0.42  ? 57 TRP A CA   1 
ATOM 924  C C    . TRP A 1 57 ? 7.948   5.682   -4.152  1.00 0.35  ? 57 TRP A C    1 
ATOM 925  O O    . TRP A 1 57 ? 8.297   4.546   -3.896  1.00 0.32  ? 57 TRP A O    1 
ATOM 926  C CB   . TRP A 1 57 ? 9.254   7.722   -3.271  1.00 0.55  ? 57 TRP A CB   1 
ATOM 927  C CG   . TRP A 1 57 ? 8.123   7.709   -2.282  1.00 0.37  ? 57 TRP A CG   1 
ATOM 928  C CD1  . TRP A 1 57 ? 7.196   8.684   -2.144  1.00 0.90  ? 57 TRP A CD1  1 
ATOM 929  C CD2  . TRP A 1 57 ? 7.793   6.686   -1.300  1.00 0.41  ? 57 TRP A CD2  1 
ATOM 930  N NE1  . TRP A 1 57 ? 6.316   8.323   -1.138  1.00 1.20  ? 57 TRP A NE1  1 
ATOM 931  C CE2  . TRP A 1 57 ? 6.644   7.098   -0.589  1.00 0.82  ? 57 TRP A CE2  1 
ATOM 932  C CE3  . TRP A 1 57 ? 8.376   5.451   -0.962  1.00 0.76  ? 57 TRP A CE3  1 
ATOM 933  C CZ2  . TRP A 1 57 ? 6.091   6.312   0.422   1.00 0.96  ? 57 TRP A CZ2  1 
ATOM 934  C CZ3  . TRP A 1 57 ? 7.821   4.658   0.056   1.00 0.86  ? 57 TRP A CZ3  1 
ATOM 935  C CH2  . TRP A 1 57 ? 6.680   5.088   0.746   1.00 0.77  ? 57 TRP A CH2  1 
ATOM 936  H H    . TRP A 1 57 ? 8.423   8.647   -5.406  1.00 0.51  ? 57 TRP A H    1 
ATOM 937  H HA   . TRP A 1 57 ? 9.901   6.332   -4.797  1.00 0.44  ? 57 TRP A HA   1 
ATOM 938  H HB2  . TRP A 1 57 ? 10.156  7.400   -2.774  1.00 0.84  ? 57 TRP A HB2  1 
ATOM 939  H HB3  . TRP A 1 57 ? 9.394   8.729   -3.637  1.00 0.90  ? 57 TRP A HB3  1 
ATOM 940  H HD1  . TRP A 1 57 ? 7.150   9.594   -2.723  1.00 1.16  ? 57 TRP A HD1  1 
ATOM 941  H HE1  . TRP A 1 57 ? 5.550   8.855   -0.839  1.00 1.69  ? 57 TRP A HE1  1 
ATOM 942  H HE3  . TRP A 1 57 ? 9.256   5.110   -1.489  1.00 1.17  ? 57 TRP A HE3  1 
ATOM 943  H HZ2  . TRP A 1 57 ? 5.211   6.647   0.949   1.00 1.41  ? 57 TRP A HZ2  1 
ATOM 944  H HZ3  . TRP A 1 57 ? 8.277   3.712   0.308   1.00 1.25  ? 57 TRP A HZ3  1 
ATOM 945  H HH2  . TRP A 1 57 ? 6.259   4.474   1.529   1.00 0.93  ? 57 TRP A HH2  1 
ATOM 946  N N    . VAL A 1 58 ? 6.684   6.014   -4.172  1.00 0.35  ? 58 VAL A N    1 
ATOM 947  C CA   . VAL A 1 58 ? 5.638   4.992   -3.877  1.00 0.31  ? 58 VAL A CA   1 
ATOM 948  C C    . VAL A 1 58 ? 5.590   3.958   -5.002  1.00 0.30  ? 58 VAL A C    1 
ATOM 949  O O    . VAL A 1 58 ? 5.463   2.773   -4.765  1.00 0.30  ? 58 VAL A O    1 
ATOM 950  C CB   . VAL A 1 58 ? 4.325   5.771   -3.814  1.00 0.37  ? 58 VAL A CB   1 
ATOM 951  C CG1  . VAL A 1 58 ? 3.172   4.809   -3.526  1.00 0.39  ? 58 VAL A CG1  1 
ATOM 952  C CG2  . VAL A 1 58 ? 4.405   6.818   -2.703  1.00 0.44  ? 58 VAL A CG2  1 
ATOM 953  H H    . VAL A 1 58 ? 6.422   6.935   -4.385  1.00 0.39  ? 58 VAL A H    1 
ATOM 954  H HA   . VAL A 1 58 ? 5.830   4.514   -2.930  1.00 0.30  ? 58 VAL A HA   1 
ATOM 955  H HB   . VAL A 1 58 ? 4.156   6.258   -4.763  1.00 0.38  ? 58 VAL A HB   1 
ATOM 956  H HG11 . VAL A 1 58 ? 2.280   5.157   -4.025  1.00 1.05  ? 58 VAL A HG11 1 
ATOM 957  H HG12 . VAL A 1 58 ? 2.996   4.768   -2.461  1.00 1.08  ? 58 VAL A HG12 1 
ATOM 958  H HG13 . VAL A 1 58 ? 3.425   3.825   -3.886  1.00 1.02  ? 58 VAL A HG13 1 
ATOM 959  H HG21 . VAL A 1 58 ? 4.663   6.335   -1.772  1.00 1.05  ? 58 VAL A HG21 1 
ATOM 960  H HG22 . VAL A 1 58 ? 3.449   7.308   -2.600  1.00 1.20  ? 58 VAL A HG22 1 
ATOM 961  H HG23 . VAL A 1 58 ? 5.160   7.549   -2.950  1.00 1.08  ? 58 VAL A HG23 1 
ATOM 962  N N    . GLN A 1 59 ? 5.702   4.397   -6.226  1.00 0.32  ? 59 GLN A N    1 
ATOM 963  C CA   . GLN A 1 59 ? 5.676   3.438   -7.362  1.00 0.36  ? 59 GLN A CA   1 
ATOM 964  C C    . GLN A 1 59 ? 6.858   2.484   -7.229  1.00 0.34  ? 59 GLN A C    1 
ATOM 965  O O    . GLN A 1 59 ? 6.806   1.342   -7.643  1.00 0.37  ? 59 GLN A O    1 
ATOM 966  C CB   . GLN A 1 59 ? 5.814   4.300   -8.618  1.00 0.43  ? 59 GLN A CB   1 
ATOM 967  C CG   . GLN A 1 59 ? 4.654   5.296   -8.684  1.00 0.70  ? 59 GLN A CG   1 
ATOM 968  C CD   . GLN A 1 59 ? 4.038   5.270   -10.084 1.00 1.35  ? 59 GLN A CD   1 
ATOM 969  O OE1  . GLN A 1 59 ? 3.688   4.220   -10.586 1.00 2.00  ? 59 GLN A OE1  1 
ATOM 970  N NE2  . GLN A 1 59 ? 3.889   6.388   -10.739 1.00 1.95  ? 59 GLN A NE2  1 
ATOM 971  H H    . GLN A 1 59 ? 5.816   5.353   -6.397  1.00 0.34  ? 59 GLN A H    1 
ATOM 972  H HA   . GLN A 1 59 ? 4.746   2.893   -7.381  1.00 0.38  ? 59 GLN A HA   1 
ATOM 973  H HB2  . GLN A 1 59 ? 6.751   4.839   -8.583  1.00 0.61  ? 59 GLN A HB2  1 
ATOM 974  H HB3  . GLN A 1 59 ? 5.794   3.668   -9.494  1.00 0.60  ? 59 GLN A HB3  1 
ATOM 975  H HG2  . GLN A 1 59 ? 3.905   5.023   -7.954  1.00 0.81  ? 59 GLN A HG2  1 
ATOM 976  H HG3  . GLN A 1 59 ? 5.019   6.289   -8.472  1.00 1.04  ? 59 GLN A HG3  1 
ATOM 977  H HE21 . GLN A 1 59 ? 4.172   7.235   -10.335 1.00 2.32  ? 59 GLN A HE21 1 
ATOM 978  H HE22 . GLN A 1 59 ? 3.496   6.381   -11.637 1.00 2.42  ? 59 GLN A HE22 1 
ATOM 979  N N    . LYS A 1 60 ? 7.922   2.948   -6.635  1.00 0.33  ? 60 LYS A N    1 
ATOM 980  C CA   . LYS A 1 60 ? 9.109   2.076   -6.453  1.00 0.34  ? 60 LYS A CA   1 
ATOM 981  C C    . LYS A 1 60 ? 8.842   1.078   -5.327  1.00 0.29  ? 60 LYS A C    1 
ATOM 982  O O    . LYS A 1 60 ? 9.333   -0.035  -5.340  1.00 0.31  ? 60 LYS A O    1 
ATOM 983  C CB   . LYS A 1 60 ? 10.247  3.025   -6.074  1.00 0.38  ? 60 LYS A CB   1 
ATOM 984  C CG   . LYS A 1 60 ? 11.081  3.348   -7.316  1.00 0.83  ? 60 LYS A CG   1 
ATOM 985  C CD   . LYS A 1 60 ? 12.198  4.324   -6.943  1.00 1.38  ? 60 LYS A CD   1 
ATOM 986  C CE   . LYS A 1 60 ? 12.416  5.313   -8.090  1.00 1.90  ? 60 LYS A CE   1 
ATOM 987  N NZ   . LYS A 1 60 ? 13.886  5.549   -8.123  1.00 2.54  ? 60 LYS A NZ   1 
ATOM 988  H H    . LYS A 1 60 ? 7.935   3.869   -6.301  1.00 0.33  ? 60 LYS A H    1 
ATOM 989  H HA   . LYS A 1 60 ? 9.342   1.564   -7.371  1.00 0.38  ? 60 LYS A HA   1 
ATOM 990  H HB2  . LYS A 1 60 ? 9.835   3.938   -5.669  1.00 0.59  ? 60 LYS A HB2  1 
ATOM 991  H HB3  . LYS A 1 60 ? 10.876  2.554   -5.334  1.00 0.57  ? 60 LYS A HB3  1 
ATOM 992  H HG2  . LYS A 1 60 ? 11.512  2.437   -7.707  1.00 1.42  ? 60 LYS A HG2  1 
ATOM 993  H HG3  . LYS A 1 60 ? 10.449  3.797   -8.067  1.00 1.33  ? 60 LYS A HG3  1 
ATOM 994  H HD2  . LYS A 1 60 ? 11.921  4.863   -6.049  1.00 1.91  ? 60 LYS A HD2  1 
ATOM 995  H HD3  . LYS A 1 60 ? 13.111  3.775   -6.765  1.00 1.91  ? 60 LYS A HD3  1 
ATOM 996  H HE2  . LYS A 1 60 ? 12.081  4.883   -9.024  1.00 2.46  ? 60 LYS A HE2  1 
ATOM 997  H HE3  . LYS A 1 60 ? 11.898  6.238   -7.893  1.00 2.12  ? 60 LYS A HE3  1 
ATOM 998  H HZ1  . LYS A 1 60 ? 14.088  6.407   -8.675  1.00 2.96  ? 60 LYS A HZ1  1 
ATOM 999  H HZ2  . LYS A 1 60 ? 14.358  4.733   -8.565  1.00 2.98  ? 60 LYS A HZ2  1 
ATOM 1000 H HZ3  . LYS A 1 60 ? 14.241  5.673   -7.154  1.00 2.79  ? 60 LYS A HZ3  1 
ATOM 1001 N N    . TYR A 1 61 ? 8.062   1.465   -4.351  1.00 0.26  ? 61 TYR A N    1 
ATOM 1002 C CA   . TYR A 1 61 ? 7.766   0.532   -3.228  1.00 0.25  ? 61 TYR A CA   1 
ATOM 1003 C C    . TYR A 1 61 ? 6.742   -0.516  -3.666  1.00 0.23  ? 61 TYR A C    1 
ATOM 1004 O O    . TYR A 1 61 ? 6.825   -1.670  -3.296  1.00 0.27  ? 61 TYR A O    1 
ATOM 1005 C CB   . TYR A 1 61 ? 7.198   1.415   -2.116  1.00 0.29  ? 61 TYR A CB   1 
ATOM 1006 C CG   . TYR A 1 61 ? 8.292   1.739   -1.126  1.00 0.33  ? 61 TYR A CG   1 
ATOM 1007 C CD1  . TYR A 1 61 ? 9.375   2.535   -1.515  1.00 0.37  ? 61 TYR A CD1  1 
ATOM 1008 C CD2  . TYR A 1 61 ? 8.221   1.244   0.181   1.00 0.45  ? 61 TYR A CD2  1 
ATOM 1009 C CE1  . TYR A 1 61 ? 10.387  2.837   -0.595  1.00 0.46  ? 61 TYR A CE1  1 
ATOM 1010 C CE2  . TYR A 1 61 ? 9.233   1.545   1.100   1.00 0.54  ? 61 TYR A CE2  1 
ATOM 1011 C CZ   . TYR A 1 61 ? 10.316  2.342   0.712   1.00 0.52  ? 61 TYR A CZ   1 
ATOM 1012 O OH   . TYR A 1 61 ? 11.313  2.639   1.619   1.00 0.63  ? 61 TYR A OH   1 
ATOM 1013 H H    . TYR A 1 61 ? 7.672   2.368   -4.357  1.00 0.27  ? 61 TYR A H    1 
ATOM 1014 H HA   . TYR A 1 61 ? 8.669   0.053   -2.893  1.00 0.27  ? 61 TYR A HA   1 
ATOM 1015 H HB2  . TYR A 1 61 ? 6.815   2.330   -2.543  1.00 0.32  ? 61 TYR A HB2  1 
ATOM 1016 H HB3  . TYR A 1 61 ? 6.401   0.889   -1.611  1.00 0.31  ? 61 TYR A HB3  1 
ATOM 1017 H HD1  . TYR A 1 61 ? 9.431   2.918   -2.523  1.00 0.40  ? 61 TYR A HD1  1 
ATOM 1018 H HD2  . TYR A 1 61 ? 7.384   0.630   0.481   1.00 0.52  ? 61 TYR A HD2  1 
ATOM 1019 H HE1  . TYR A 1 61 ? 11.225  3.452   -0.895  1.00 0.53  ? 61 TYR A HE1  1 
ATOM 1020 H HE2  . TYR A 1 61 ? 9.178   1.163   2.109   1.00 0.66  ? 61 TYR A HE2  1 
ATOM 1021 H HH   . TYR A 1 61 ? 12.158  2.501   1.186   1.00 1.11  ? 61 TYR A HH   1 
ATOM 1022 N N    . ILE A 1 62 ? 5.779   -0.128  -4.455  1.00 0.25  ? 62 ILE A N    1 
ATOM 1023 C CA   . ILE A 1 62 ? 4.758   -1.112  -4.917  1.00 0.27  ? 62 ILE A CA   1 
ATOM 1024 C C    . ILE A 1 62 ? 5.422   -2.177  -5.790  1.00 0.29  ? 62 ILE A C    1 
ATOM 1025 O O    . ILE A 1 62 ? 5.281   -3.361  -5.559  1.00 0.33  ? 62 ILE A O    1 
ATOM 1026 C CB   . ILE A 1 62 ? 3.754   -0.301  -5.738  1.00 0.33  ? 62 ILE A CB   1 
ATOM 1027 C CG1  . ILE A 1 62 ? 3.126   0.776   -4.854  1.00 0.37  ? 62 ILE A CG1  1 
ATOM 1028 C CG2  . ILE A 1 62 ? 2.657   -1.227  -6.262  1.00 0.38  ? 62 ILE A CG2  1 
ATOM 1029 C CD1  . ILE A 1 62 ? 2.538   1.880   -5.735  1.00 0.73  ? 62 ILE A CD1  1 
ATOM 1030 H H    . ILE A 1 62 ? 5.732   0.806   -4.746  1.00 0.28  ? 62 ILE A H    1 
ATOM 1031 H HA   . ILE A 1 62 ? 4.264   -1.568  -4.074  1.00 0.29  ? 62 ILE A HA   1 
ATOM 1032 H HB   . ILE A 1 62 ? 4.262   0.164   -6.570  1.00 0.35  ? 62 ILE A HB   1 
ATOM 1033 H HG12 . ILE A 1 62 ? 2.343   0.337   -4.253  1.00 0.51  ? 62 ILE A HG12 1 
ATOM 1034 H HG13 . ILE A 1 62 ? 3.882   1.197   -4.211  1.00 0.60  ? 62 ILE A HG13 1 
ATOM 1035 H HG21 . ILE A 1 62 ? 1.693   -0.758  -6.124  1.00 1.08  ? 62 ILE A HG21 1 
ATOM 1036 H HG22 . ILE A 1 62 ? 2.684   -2.160  -5.719  1.00 1.08  ? 62 ILE A HG22 1 
ATOM 1037 H HG23 . ILE A 1 62 ? 2.817   -1.419  -7.312  1.00 1.10  ? 62 ILE A HG23 1 
ATOM 1038 H HD11 . ILE A 1 62 ? 1.474   1.949   -5.564  1.00 1.47  ? 62 ILE A HD11 1 
ATOM 1039 H HD12 . ILE A 1 62 ? 2.720   1.646   -6.774  1.00 1.19  ? 62 ILE A HD12 1 
ATOM 1040 H HD13 . ILE A 1 62 ? 3.003   2.822   -5.491  1.00 1.25  ? 62 ILE A HD13 1 
ATOM 1041 N N    . SER A 1 63 ? 6.148   -1.765  -6.793  1.00 0.32  ? 63 SER A N    1 
ATOM 1042 C CA   . SER A 1 63 ? 6.822   -2.753  -7.678  1.00 0.38  ? 63 SER A CA   1 
ATOM 1043 C C    . SER A 1 63 ? 7.813   -3.591  -6.869  1.00 0.34  ? 63 SER A C    1 
ATOM 1044 O O    . SER A 1 63 ? 8.018   -4.759  -7.137  1.00 0.43  ? 63 SER A O    1 
ATOM 1045 C CB   . SER A 1 63 ? 7.556   -1.914  -8.723  1.00 0.45  ? 63 SER A CB   1 
ATOM 1046 O OG   . SER A 1 63 ? 6.700   -1.698  -9.837  1.00 1.48  ? 63 SER A OG   1 
ATOM 1047 H H    . SER A 1 63 ? 6.251   -0.803  -6.962  1.00 0.36  ? 63 SER A H    1 
ATOM 1048 H HA   . SER A 1 63 ? 6.095   -3.388  -8.159  1.00 0.44  ? 63 SER A HA   1 
ATOM 1049 H HB2  . SER A 1 63 ? 7.830   -0.964  -8.297  1.00 1.11  ? 63 SER A HB2  1 
ATOM 1050 H HB3  . SER A 1 63 ? 8.450   -2.436  -9.038  1.00 1.02  ? 63 SER A HB3  1 
ATOM 1051 H HG   . SER A 1 63 ? 6.191   -0.901  -9.669  1.00 1.83  ? 63 SER A HG   1 
ATOM 1052 N N    . LEU A 1 64 ? 8.431   -3.005  -5.880  1.00 0.30  ? 64 LEU A N    1 
ATOM 1053 C CA   . LEU A 1 64 ? 9.408   -3.772  -5.057  1.00 0.33  ? 64 LEU A CA   1 
ATOM 1054 C C    . LEU A 1 64 ? 8.670   -4.701  -4.087  1.00 0.37  ? 64 LEU A C    1 
ATOM 1055 O O    . LEU A 1 64 ? 8.909   -5.891  -4.054  1.00 0.53  ? 64 LEU A O    1 
ATOM 1056 C CB   . LEU A 1 64 ? 10.200  -2.713  -4.292  1.00 0.37  ? 64 LEU A CB   1 
ATOM 1057 C CG   . LEU A 1 64 ? 11.425  -2.301  -5.111  1.00 0.60  ? 64 LEU A CG   1 
ATOM 1058 C CD1  . LEU A 1 64 ? 12.197  -1.212  -4.364  1.00 0.77  ? 64 LEU A CD1  1 
ATOM 1059 C CD2  . LEU A 1 64 ? 12.332  -3.516  -5.314  1.00 0.91  ? 64 LEU A CD2  1 
ATOM 1060 H H    . LEU A 1 64 ? 8.254   -2.061  -5.679  1.00 0.34  ? 64 LEU A H    1 
ATOM 1061 H HA   . LEU A 1 64 ? 10.070  -4.340  -5.692  1.00 0.37  ? 64 LEU A HA   1 
ATOM 1062 H HB2  . LEU A 1 64 ? 9.573   -1.850  -4.120  1.00 0.40  ? 64 LEU A HB2  1 
ATOM 1063 H HB3  . LEU A 1 64 ? 10.523  -3.119  -3.345  1.00 0.45  ? 64 LEU A HB3  1 
ATOM 1064 H HG   . LEU A 1 64 ? 11.105  -1.922  -6.071  1.00 0.91  ? 64 LEU A HG   1 
ATOM 1065 H HD11 . LEU A 1 64 ? 11.791  -0.244  -4.619  1.00 1.20  ? 64 LEU A HD11 1 
ATOM 1066 H HD12 . LEU A 1 64 ? 13.238  -1.251  -4.647  1.00 1.23  ? 64 LEU A HD12 1 
ATOM 1067 H HD13 . LEU A 1 64 ? 12.107  -1.372  -3.300  1.00 1.44  ? 64 LEU A HD13 1 
ATOM 1068 H HD21 . LEU A 1 64 ? 13.355  -3.186  -5.425  1.00 1.61  ? 64 LEU A HD21 1 
ATOM 1069 H HD22 . LEU A 1 64 ? 12.028  -4.049  -6.203  1.00 1.47  ? 64 LEU A HD22 1 
ATOM 1070 H HD23 . LEU A 1 64 ? 12.255  -4.171  -4.458  1.00 1.18  ? 64 LEU A HD23 1 
ATOM 1071 N N    . LEU A 1 65 ? 7.778   -4.169  -3.298  1.00 0.34  ? 65 LEU A N    1 
ATOM 1072 C CA   . LEU A 1 65 ? 7.033   -5.030  -2.333  1.00 0.43  ? 65 LEU A CA   1 
ATOM 1073 C C    . LEU A 1 65 ? 6.358   -6.189  -3.071  1.00 0.64  ? 65 LEU A C    1 
ATOM 1074 O O    . LEU A 1 65 ? 6.352   -7.313  -2.610  1.00 1.40  ? 65 LEU A O    1 
ATOM 1075 C CB   . LEU A 1 65 ? 5.983   -4.111  -1.704  1.00 0.30  ? 65 LEU A CB   1 
ATOM 1076 C CG   . LEU A 1 65 ? 6.558   -3.441  -0.452  1.00 0.39  ? 65 LEU A CG   1 
ATOM 1077 C CD1  . LEU A 1 65 ? 5.489   -2.549  0.184   1.00 0.58  ? 65 LEU A CD1  1 
ATOM 1078 C CD2  . LEU A 1 65 ? 6.985   -4.512  0.555   1.00 0.80  ? 65 LEU A CD2  1 
ATOM 1079 H H    . LEU A 1 65 ? 7.598   -3.206  -3.338  1.00 0.34  ? 65 LEU A H    1 
ATOM 1080 H HA   . LEU A 1 65 ? 7.698   -5.405  -1.576  1.00 0.56  ? 65 LEU A HA   1 
ATOM 1081 H HB2  . LEU A 1 65 ? 5.695   -3.353  -2.418  1.00 0.33  ? 65 LEU A HB2  1 
ATOM 1082 H HB3  . LEU A 1 65 ? 5.115   -4.693  -1.430  1.00 0.32  ? 65 LEU A HB3  1 
ATOM 1083 H HG   . LEU A 1 65 ? 7.412   -2.839  -0.728  1.00 0.89  ? 65 LEU A HG   1 
ATOM 1084 H HD11 . LEU A 1 65 ? 4.510   -2.948  -0.036  1.00 1.18  ? 65 LEU A HD11 1 
ATOM 1085 H HD12 . LEU A 1 65 ? 5.569   -1.549  -0.218  1.00 1.11  ? 65 LEU A HD12 1 
ATOM 1086 H HD13 . LEU A 1 65 ? 5.634   -2.519  1.254   1.00 1.30  ? 65 LEU A HD13 1 
ATOM 1087 H HD21 . LEU A 1 65 ? 8.052   -4.449  0.714   1.00 1.45  ? 65 LEU A HD21 1 
ATOM 1088 H HD22 . LEU A 1 65 ? 6.736   -5.488  0.169   1.00 1.33  ? 65 LEU A HD22 1 
ATOM 1089 H HD23 . LEU A 1 65 ? 6.472   -4.351  1.491   1.00 1.31  ? 65 LEU A HD23 1 
ATOM 1090 N N    . LYS A 1 66 ? 5.791   -5.920  -4.212  1.00 0.88  ? 66 LYS A N    1 
ATOM 1091 C CA   . LYS A 1 66 ? 5.113   -7.002  -4.985  1.00 1.01  ? 66 LYS A CA   1 
ATOM 1092 C C    . LYS A 1 66 ? 4.650   -6.467  -6.345  1.00 1.20  ? 66 LYS A C    1 
ATOM 1093 O O    . LYS A 1 66 ? 4.205   -5.342  -6.462  1.00 1.95  ? 66 LYS A O    1 
ATOM 1094 C CB   . LYS A 1 66 ? 3.912   -7.407  -4.130  1.00 1.78  ? 66 LYS A CB   1 
ATOM 1095 C CG   . LYS A 1 66 ? 3.480   -8.829  -4.494  1.00 2.62  ? 66 LYS A CG   1 
ATOM 1096 C CD   . LYS A 1 66 ? 3.010   -9.559  -3.236  1.00 3.50  ? 66 LYS A CD   1 
ATOM 1097 C CE   . LYS A 1 66 ? 1.702   -8.939  -2.743  1.00 4.23  ? 66 LYS A CE   1 
ATOM 1098 N NZ   . LYS A 1 66 ? 0.715   -10.054 -2.775  1.00 4.93  ? 66 LYS A NZ   1 
ATOM 1099 H H    . LYS A 1 66 ? 5.809   -5.006  -4.561  1.00 1.45  ? 66 LYS A H    1 
ATOM 1100 H HA   . LYS A 1 66 ? 5.774   -7.843  -5.116  1.00 1.78  ? 66 LYS A HA   1 
ATOM 1101 H HB2  . LYS A 1 66 ? 4.185   -7.370  -3.086  1.00 2.33  ? 66 LYS A HB2  1 
ATOM 1102 H HB3  . LYS A 1 66 ? 3.093   -6.728  -4.312  1.00 2.01  ? 66 LYS A HB3  1 
ATOM 1103 H HG2  . LYS A 1 66 ? 2.672   -8.787  -5.211  1.00 2.85  ? 66 LYS A HG2  1 
ATOM 1104 H HG3  . LYS A 1 66 ? 4.316   -9.360  -4.925  1.00 3.01  ? 66 LYS A HG3  1 
ATOM 1105 H HD2  . LYS A 1 66 ? 2.848   -10.604 -3.465  1.00 3.76  ? 66 LYS A HD2  1 
ATOM 1106 H HD3  . LYS A 1 66 ? 3.760   -9.471  -2.465  1.00 3.90  ? 66 LYS A HD3  1 
ATOM 1107 H HE2  . LYS A 1 66 ? 1.820   -8.566  -1.734  1.00 4.75  ? 66 LYS A HE2  1 
ATOM 1108 H HE3  . LYS A 1 66 ? 1.387   -8.147  -3.404  1.00 4.16  ? 66 LYS A HE3  1 
ATOM 1109 H HZ1  . LYS A 1 66 ? 1.072   -10.848 -2.209  1.00 5.33  ? 66 LYS A HZ1  1 
ATOM 1110 H HZ2  . LYS A 1 66 ? 0.575   -10.362 -3.759  1.00 5.25  ? 66 LYS A HZ2  1 
ATOM 1111 H HZ3  . LYS A 1 66 ? -0.190  -9.729  -2.380  1.00 5.07  ? 66 LYS A HZ3  1 
ATOM 1112 N N    . THR A 1 67 ? 4.756   -7.264  -7.373  1.00 1.83  ? 67 THR A N    1 
ATOM 1113 C CA   . THR A 1 67 ? 4.328   -6.802  -8.722  1.00 2.81  ? 67 THR A CA   1 
ATOM 1114 C C    . THR A 1 67 ? 2.880   -7.231  -8.997  1.00 2.83  ? 67 THR A C    1 
ATOM 1115 O O    . THR A 1 67 ? 2.485   -8.325  -8.643  1.00 3.17  ? 67 THR A O    1 
ATOM 1116 C CB   . THR A 1 67 ? 5.286   -7.491  -9.698  1.00 3.88  ? 67 THR A CB   1 
ATOM 1117 O OG1  . THR A 1 67 ? 6.625   -7.184  -9.338  1.00 4.12  ? 67 THR A OG1  1 
ATOM 1118 C CG2  . THR A 1 67 ? 5.013   -7.000  -11.121 1.00 4.82  ? 67 THR A CG2  1 
ATOM 1119 H H    . THR A 1 67 ? 5.120   -8.164  -7.259  1.00 2.14  ? 67 THR A H    1 
ATOM 1120 H HA   . THR A 1 67 ? 4.429   -5.734  -8.800  1.00 3.19  ? 67 THR A HA   1 
ATOM 1121 H HB   . THR A 1 67 ? 5.137   -8.558  -9.655  1.00 4.19  ? 67 THR A HB   1 
ATOM 1122 H HG1  . THR A 1 67 ? 7.191   -7.416  -10.078 1.00 4.28  ? 67 THR A HG1  1 
ATOM 1123 H HG21 . THR A 1 67 ? 5.597   -7.582  -11.819 1.00 5.07  ? 67 THR A HG21 1 
ATOM 1124 H HG22 . THR A 1 67 ? 5.289   -5.959  -11.201 1.00 5.22  ? 67 THR A HG22 1 
ATOM 1125 H HG23 . THR A 1 67 ? 3.963   -7.113  -11.347 1.00 5.22  ? 67 THR A HG23 1 
ATOM 1126 N N    . PRO A 1 68 ? 2.131   -6.356  -9.624  1.00 2.89  ? 68 PRO A N    1 
ATOM 1127 C CA   . PRO A 1 68 ? 0.716   -6.665  -9.944  1.00 3.14  ? 68 PRO A CA   1 
ATOM 1128 C C    . PRO A 1 68 ? 0.637   -7.665  -11.104 1.00 3.54  ? 68 PRO A C    1 
ATOM 1129 O O    . PRO A 1 68 ? 0.431   -7.292  -12.241 1.00 4.04  ? 68 PRO A O    1 
ATOM 1130 C CB   . PRO A 1 68 ? 0.137   -5.314  -10.356 1.00 3.67  ? 68 PRO A CB   1 
ATOM 1131 C CG   . PRO A 1 68 ? 1.309   -4.516  -10.833 1.00 3.90  ? 68 PRO A CG   1 
ATOM 1132 C CD   . PRO A 1 68 ? 2.520   -5.015  -10.088 1.00 3.26  ? 68 PRO A CD   1 
ATOM 1133 H HA   . PRO A 1 68 ? 0.200   -7.041  -9.077  1.00 3.15  ? 68 PRO A HA   1 
ATOM 1134 H HB2  . PRO A 1 68 ? -0.583  -5.443  -11.152 1.00 4.05  ? 68 PRO A HB2  1 
ATOM 1135 H HB3  . PRO A 1 68 ? -0.320  -4.827  -9.508  1.00 3.85  ? 68 PRO A HB3  1 
ATOM 1136 H HG2  . PRO A 1 68 ? 1.443   -4.660  -11.896 1.00 4.34  ? 68 PRO A HG2  1 
ATOM 1137 H HG3  . PRO A 1 68 ? 1.156   -3.470  -10.617 1.00 4.36  ? 68 PRO A HG3  1 
ATOM 1138 H HD2  . PRO A 1 68 ? 3.373   -5.072  -10.750 1.00 3.53  ? 68 PRO A HD2  1 
ATOM 1139 H HD3  . PRO A 1 68 ? 2.734   -4.379  -9.244  1.00 3.20  ? 68 PRO A HD3  1 
ATOM 1140 N N    . LYS A 1 69 ? 0.802   -8.929  -10.825 1.00 3.84  ? 69 LYS A N    1 
ATOM 1141 C CA   . LYS A 1 69 ? 0.737   -9.944  -11.911 1.00 4.57  ? 69 LYS A CA   1 
ATOM 1142 C C    . LYS A 1 69 ? -0.452  -10.889 -11.693 1.00 4.92  ? 69 LYS A C    1 
ATOM 1143 O O    . LYS A 1 69 ? -0.303  -12.095 -11.682 1.00 5.24  ? 69 LYS A O    1 
ATOM 1144 C CB   . LYS A 1 69 ? 2.068   -10.705 -11.830 1.00 5.22  ? 69 LYS A CB   1 
ATOM 1145 C CG   . LYS A 1 69 ? 2.116   -11.548 -10.551 1.00 5.67  ? 69 LYS A CG   1 
ATOM 1146 C CD   . LYS A 1 69 ? 3.573   -11.820 -10.174 1.00 6.45  ? 69 LYS A CD   1 
ATOM 1147 C CE   . LYS A 1 69 ? 3.658   -13.121 -9.373  1.00 7.21  ? 69 LYS A CE   1 
ATOM 1148 N NZ   . LYS A 1 69 ? 5.112   -13.327 -9.124  1.00 7.82  ? 69 LYS A NZ   1 
ATOM 1149 H H    . LYS A 1 69 ? 0.968   -9.209  -9.905  1.00 3.90  ? 69 LYS A H    1 
ATOM 1150 H HA   . LYS A 1 69 ? 0.655   -9.456  -12.866 1.00 4.81  ? 69 LYS A HA   1 
ATOM 1151 H HB2  . LYS A 1 69 ? 2.164   -11.351 -12.689 1.00 5.49  ? 69 LYS A HB2  1 
ATOM 1152 H HB3  . LYS A 1 69 ? 2.883   -9.997  -11.821 1.00 5.55  ? 69 LYS A HB3  1 
ATOM 1153 H HG2  . LYS A 1 69 ? 1.629   -11.016 -9.748  1.00 5.87  ? 69 LYS A HG2  1 
ATOM 1154 H HG3  . LYS A 1 69 ? 1.611   -12.488 -10.719 1.00 5.67  ? 69 LYS A HG3  1 
ATOM 1155 H HD2  . LYS A 1 69 ? 4.167   -11.910 -11.072 1.00 6.58  ? 69 LYS A HD2  1 
ATOM 1156 H HD3  . LYS A 1 69 ? 3.948   -11.005 -9.573  1.00 6.70  ? 69 LYS A HD3  1 
ATOM 1157 H HE2  . LYS A 1 69 ? 3.125   -13.020 -8.436  1.00 7.38  ? 69 LYS A HE2  1 
ATOM 1158 H HE3  . LYS A 1 69 ? 3.261   -13.944 -9.947  1.00 7.43  ? 69 LYS A HE3  1 
ATOM 1159 H HZ1  . LYS A 1 69 ? 5.519   -12.465 -8.710  1.00 8.11  ? 69 LYS A HZ1  1 
ATOM 1160 H HZ2  . LYS A 1 69 ? 5.590   -13.540 -10.024 1.00 7.98  ? 69 LYS A HZ2  1 
ATOM 1161 H HZ3  . LYS A 1 69 ? 5.243   -14.120 -8.464  1.00 8.08  ? 69 LYS A HZ3  1 
ATOM 1162 N N    . GLN A 1 70 ? -1.628  -10.353 -11.520 1.00 5.23  ? 70 GLN A N    1 
ATOM 1163 C CA   . GLN A 1 70 ? -2.818  -11.226 -11.302 1.00 5.85  ? 70 GLN A CA   1 
ATOM 1164 C C    . GLN A 1 70 ? -3.866  -10.978 -12.391 1.00 6.35  ? 70 GLN A C    1 
ATOM 1165 O O    . GLN A 1 70 ? -4.308  -9.865  -12.598 1.00 6.60  ? 70 GLN A O    1 
ATOM 1166 C CB   . GLN A 1 70 ? -3.361  -10.821 -9.932  1.00 6.21  ? 70 GLN A CB   1 
ATOM 1167 C CG   . GLN A 1 70 ? -4.510  -11.751 -9.542  1.00 6.83  ? 70 GLN A CG   1 
ATOM 1168 C CD   . GLN A 1 70 ? -4.606  -11.829 -8.019  1.00 7.34  ? 70 GLN A CD   1 
ATOM 1169 O OE1  . GLN A 1 70 ? -3.844  -11.194 -7.318  1.00 7.59  ? 70 GLN A OE1  1 
ATOM 1170 N NE2  . GLN A 1 70 ? -5.518  -12.585 -7.472  1.00 7.81  ? 70 GLN A NE2  1 
ATOM 1171 H H    . GLN A 1 70 ? -1.729  -9.379  -11.531 1.00 5.30  ? 70 GLN A H    1 
ATOM 1172 H HA   . GLN A 1 70 ? -2.527  -12.263 -11.290 1.00 6.02  ? 70 GLN A HA   1 
ATOM 1173 H HB2  . GLN A 1 70 ? -2.573  -10.894 -9.197  1.00 6.04  ? 70 GLN A HB2  1 
ATOM 1174 H HB3  . GLN A 1 70 ? -3.722  -9.804  -9.973  1.00 6.59  ? 70 GLN A HB3  1 
ATOM 1175 H HG2  . GLN A 1 70 ? -5.436  -11.367 -9.945  1.00 7.19  ? 70 GLN A HG2  1 
ATOM 1176 H HG3  . GLN A 1 70 ? -4.326  -12.738 -9.940  1.00 6.92  ? 70 GLN A HG3  1 
ATOM 1177 H HE21 . GLN A 1 70 ? -6.135  -13.095 -8.039  1.00 7.83  ? 70 GLN A HE21 1 
ATOM 1178 H HE22 . GLN A 1 70 ? -5.586  -12.643 -6.497  1.00 8.32  ? 70 GLN A HE22 1 
ATOM 1179 N N    . LEU A 1 71 ? -4.266  -12.007 -13.088 1.00 6.82  ? 71 LEU A N    1 
ATOM 1180 C CA   . LEU A 1 71 ? -5.285  -11.834 -14.164 1.00 7.53  ? 71 LEU A CA   1 
ATOM 1181 C C    . LEU A 1 71 ? -6.680  -12.171 -13.629 1.00 7.81  ? 71 LEU A C    1 
ATOM 1182 O O    . LEU A 1 71 ? -7.590  -11.397 -13.873 1.00 8.10  ? 71 LEU A O    1 
ATOM 1183 C CB   . LEU A 1 71 ? -4.877  -12.821 -15.258 1.00 8.22  ? 71 LEU A CB   1 
ATOM 1184 C CG   . LEU A 1 71 ? -3.754  -12.214 -16.103 1.00 8.59  ? 71 LEU A CG   1 
ATOM 1185 C CD1  . LEU A 1 71 ? -2.418  -12.831 -15.690 1.00 8.98  ? 71 LEU A CD1  1 
ATOM 1186 C CD2  . LEU A 1 71 ? -4.014  -12.504 -17.583 1.00 9.15  ? 71 LEU A CD2  1 
ATOM 1187 O OXT  . LEU A 1 71 ? -6.813  -13.198 -12.985 1.00 7.99  ? 71 LEU A OXT  1 
ATOM 1188 H H    . LEU A 1 71 ? -3.896  -12.896 -12.903 1.00 6.88  ? 71 LEU A H    1 
ATOM 1189 H HA   . LEU A 1 71 ? -5.261  -10.827 -14.547 1.00 7.64  ? 71 LEU A HA   1 
ATOM 1190 H HB2  . LEU A 1 71 ? -4.529  -13.738 -14.803 1.00 8.27  ? 71 LEU A HB2  1 
ATOM 1191 H HB3  . LEU A 1 71 ? -5.726  -13.032 -15.890 1.00 8.69  ? 71 LEU A HB3  1 
ATOM 1192 H HG   . LEU A 1 71 ? -3.722  -11.146 -15.943 1.00 8.50  ? 71 LEU A HG   1 
ATOM 1193 H HD11 . LEU A 1 71 ? -1.951  -12.211 -14.939 1.00 9.30  ? 71 LEU A HD11 1 
ATOM 1194 H HD12 . LEU A 1 71 ? -1.771  -12.898 -16.552 1.00 9.29  ? 71 LEU A HD12 1 
ATOM 1195 H HD13 . LEU A 1 71 ? -2.585  -13.819 -15.288 1.00 8.88  ? 71 LEU A HD13 1 
ATOM 1196 H HD21 . LEU A 1 71 ? -3.257  -12.020 -18.183 1.00 9.47  ? 71 LEU A HD21 1 
ATOM 1197 H HD22 . LEU A 1 71 ? -4.988  -12.127 -17.859 1.00 9.36  ? 71 LEU A HD22 1 
ATOM 1198 H HD23 . LEU A 1 71 ? -3.980  -13.571 -17.753 1.00 9.25  ? 71 LEU A HD23 1 
# 
